data_3MEN
#
_entry.id   3MEN
#
_cell.length_a   45.700
_cell.length_b   162.120
_cell.length_c   173.070
_cell.angle_alpha   90.00
_cell.angle_beta   90.00
_cell.angle_gamma   90.00
#
_symmetry.space_group_name_H-M   'P 21 21 21'
#
loop_
_entity.id
_entity.type
_entity.pdbx_description
1 polymer 'Acetylpolyamine aminohydrolase'
2 non-polymer 'ZINC ION'
3 non-polymer 'SULFATE ION'
4 non-polymer 'POTASSIUM ION'
5 non-polymer 'IODIDE ION'
6 water water
#
_entity_poly.entity_id   1
_entity_poly.type   'polypeptide(L)'
_entity_poly.pdbx_seq_one_letter_code
;MAHHHHHHMGTLEAQTQGPGSMLTYFHPDQSLHHPRTYFSRGRMRMPQEVPERAARLVAAAFAMGFPVREPDDFGIAPIA
AVHDTHYLRFLETVHREWKAMPEDWGDEAMSNIFVREPNALRGVLAQAARHLADGSCPVGEHTWRAAYWSAQSALAAAAA
VRDGAPAAYALCRPPGHHARVDAAGGFCYLNNAAIAAQALRARHARVAVLDTDMHHGQGIQEIFYARRDVLYVSIHGDPT
NFYPAVAGFDDERGAGEGLGYNVNLPMPHGSSEAAFFERVDDALRELRRFAPDALVLSLGFDVYRDDPQSQVAVTTDGFG
RLGHLIGALRLPTVIVQEGGYHIESLEANARSFFGGFGALRG
;
_entity_poly.pdbx_strand_id   A,B,C,D
#
loop_
_chem_comp.id
_chem_comp.type
_chem_comp.name
_chem_comp.formula
IOD non-polymer 'IODIDE ION' 'I -1'
K non-polymer 'POTASSIUM ION' 'K 1'
SO4 non-polymer 'SULFATE ION' 'O4 S -2'
ZN non-polymer 'ZINC ION' 'Zn 2'
#
# COMPACT_ATOMS: atom_id res chain seq x y z
N SER A 21 3.54 12.96 41.45
CA SER A 21 2.04 13.05 41.36
C SER A 21 1.44 13.73 40.12
N MET A 22 0.40 13.15 39.57
CA MET A 22 -0.38 13.83 38.51
C MET A 22 -1.81 13.43 38.67
N LEU A 23 -2.71 14.27 38.14
CA LEU A 23 -4.09 13.97 38.10
C LEU A 23 -4.33 12.65 37.35
N THR A 24 -5.16 11.79 37.94
CA THR A 24 -5.65 10.58 37.31
C THR A 24 -7.20 10.66 37.21
N TYR A 25 -7.74 10.52 36.01
CA TYR A 25 -9.19 10.56 35.81
C TYR A 25 -9.77 9.18 35.53
N PHE A 26 -10.86 8.84 36.23
CA PHE A 26 -11.59 7.59 36.08
C PHE A 26 -13.02 7.84 36.54
N HIS A 27 -14.01 7.35 35.78
CA HIS A 27 -15.42 7.49 36.13
C HIS A 27 -15.99 6.13 36.46
N PRO A 28 -16.71 6.02 37.60
CA PRO A 28 -17.18 4.69 38.00
C PRO A 28 -18.09 4.01 36.98
N ASP A 29 -18.77 4.75 36.12
CA ASP A 29 -19.58 4.13 35.06
C ASP A 29 -18.79 3.27 34.10
N GLN A 30 -17.48 3.52 34.01
CA GLN A 30 -16.54 2.69 33.22
C GLN A 30 -16.51 1.23 33.65
N SER A 31 -16.77 0.95 34.92
CA SER A 31 -16.85 -0.46 35.40
C SER A 31 -18.10 -1.22 34.95
N LEU A 32 -19.11 -0.53 34.41
CA LEU A 32 -20.40 -1.15 34.10
C LEU A 32 -20.34 -2.05 32.86
N HIS A 33 -19.38 -1.79 31.98
CA HIS A 33 -19.23 -2.57 30.75
C HIS A 33 -18.56 -3.91 31.09
N HIS A 34 -19.22 -5.04 30.80
CA HIS A 34 -18.67 -6.38 31.04
CA HIS A 34 -18.62 -6.36 30.99
C HIS A 34 -19.34 -7.42 30.13
N PRO A 35 -19.12 -7.35 28.82
CA PRO A 35 -19.83 -8.36 28.02
C PRO A 35 -19.17 -9.74 28.09
N ARG A 36 -19.92 -10.75 27.67
CA ARG A 36 -19.53 -12.13 27.86
C ARG A 36 -19.09 -12.81 26.55
N THR A 37 -19.33 -12.20 25.41
CA THR A 37 -19.29 -12.92 24.14
C THR A 37 -18.24 -12.38 23.22
N TYR A 38 -17.23 -13.19 22.92
CA TYR A 38 -16.12 -12.76 22.06
C TYR A 38 -15.79 -13.90 21.09
N PHE A 39 -15.79 -13.57 19.80
CA PHE A 39 -15.43 -14.56 18.79
C PHE A 39 -14.02 -14.24 18.23
N SER A 40 -13.14 -15.23 18.34
CA SER A 40 -11.77 -15.10 17.85
C SER A 40 -11.10 -16.43 17.45
N ARG A 41 -10.45 -16.43 16.27
CA ARG A 41 -9.60 -17.53 15.82
C ARG A 41 -10.32 -18.85 15.96
N GLY A 42 -11.47 -18.91 15.30
CA GLY A 42 -12.30 -20.11 15.24
C GLY A 42 -13.26 -20.43 16.38
N ARG A 43 -13.12 -19.79 17.52
CA ARG A 43 -13.96 -20.16 18.67
C ARG A 43 -14.43 -18.96 19.50
N MET A 44 -15.51 -19.19 20.26
CA MET A 44 -15.94 -18.23 21.27
C MET A 44 -14.94 -18.26 22.42
N ARG A 45 -14.67 -17.11 23.03
CA ARG A 45 -13.64 -17.05 24.04
C ARG A 45 -14.02 -16.31 25.31
N MET A 46 -13.27 -16.62 26.37
CA MET A 46 -13.38 -15.93 27.65
C MET A 46 -13.03 -14.43 27.51
N PRO A 47 -13.87 -13.52 28.01
CA PRO A 47 -13.51 -12.09 28.10
C PRO A 47 -12.21 -11.89 28.83
N GLN A 48 -11.38 -10.98 28.35
CA GLN A 48 -10.11 -10.62 29.00
C GLN A 48 -10.13 -9.16 29.50
N GLU A 49 -10.91 -8.34 28.82
CA GLU A 49 -11.00 -6.91 29.07
C GLU A 49 -12.11 -6.66 30.10
N VAL A 50 -11.78 -6.90 31.36
CA VAL A 50 -12.77 -6.99 32.42
C VAL A 50 -12.62 -5.86 33.39
N PRO A 51 -13.71 -5.50 34.09
CA PRO A 51 -13.70 -4.39 35.07
C PRO A 51 -12.56 -4.46 36.11
N GLU A 52 -12.16 -5.66 36.48
CA GLU A 52 -11.07 -5.85 37.45
C GLU A 52 -9.76 -5.17 37.02
N ARG A 53 -9.49 -5.11 35.71
CA ARG A 53 -8.36 -4.37 35.21
C ARG A 53 -8.34 -2.95 35.81
N ALA A 54 -9.48 -2.27 35.80
CA ALA A 54 -9.50 -0.88 36.30
C ALA A 54 -9.32 -0.80 37.84
N ALA A 55 -9.84 -1.78 38.56
CA ALA A 55 -9.65 -1.89 40.01
C ALA A 55 -8.19 -1.99 40.36
N ARG A 56 -7.41 -2.79 39.63
CA ARG A 56 -5.99 -2.90 39.96
C ARG A 56 -5.27 -1.58 39.62
N LEU A 57 -5.63 -0.96 38.53
CA LEU A 57 -4.96 0.26 38.13
C LEU A 57 -5.29 1.40 39.12
N VAL A 58 -6.55 1.52 39.52
CA VAL A 58 -6.90 2.49 40.56
C VAL A 58 -6.06 2.25 41.87
N ALA A 59 -5.94 0.99 42.30
CA ALA A 59 -5.08 0.66 43.46
C ALA A 59 -3.65 1.15 43.30
N ALA A 60 -3.09 1.04 42.10
CA ALA A 60 -1.74 1.52 41.88
C ALA A 60 -1.66 3.04 42.02
N ALA A 61 -2.63 3.74 41.42
CA ALA A 61 -2.71 5.18 41.54
C ALA A 61 -2.76 5.57 43.01
N PHE A 62 -3.60 4.86 43.78
CA PHE A 62 -3.70 5.15 45.19
C PHE A 62 -2.34 4.99 45.91
N ALA A 63 -1.63 3.88 45.65
CA ALA A 63 -0.34 3.62 46.34
C ALA A 63 0.77 4.64 45.99
N MET A 64 0.61 5.36 44.91
CA MET A 64 1.57 6.36 44.52
C MET A 64 1.18 7.76 44.94
N GLY A 65 0.01 7.89 45.54
CA GLY A 65 -0.47 9.16 46.04
C GLY A 65 -1.15 10.04 45.01
N PHE A 66 -1.47 9.49 43.82
CA PHE A 66 -2.09 10.26 42.75
C PHE A 66 -3.51 10.57 43.14
N PRO A 67 -3.97 11.82 42.94
CA PRO A 67 -5.42 12.09 43.16
C PRO A 67 -6.25 11.50 42.01
N VAL A 68 -7.23 10.64 42.34
CA VAL A 68 -8.10 10.02 41.37
C VAL A 68 -9.45 10.77 41.40
N ARG A 69 -9.78 11.39 40.27
CA ARG A 69 -10.95 12.22 40.19
C ARG A 69 -11.85 11.79 39.04
N GLU A 70 -13.14 11.98 39.24
CA GLU A 70 -14.12 11.90 38.17
C GLU A 70 -13.94 13.01 37.15
N PRO A 71 -13.90 12.66 35.84
CA PRO A 71 -13.81 13.68 34.81
C PRO A 71 -15.09 14.51 34.72
N ASP A 72 -14.99 15.79 34.41
CA ASP A 72 -16.18 16.53 33.98
C ASP A 72 -16.74 15.94 32.67
N ASP A 73 -17.98 16.32 32.36
CA ASP A 73 -18.65 15.94 31.11
C ASP A 73 -18.32 16.98 30.04
N PHE A 74 -17.42 16.62 29.13
CA PHE A 74 -17.10 17.52 28.02
C PHE A 74 -18.08 17.40 26.82
N GLY A 75 -19.08 16.51 26.92
CA GLY A 75 -20.10 16.37 25.88
C GLY A 75 -19.63 15.53 24.69
N ILE A 76 -20.44 15.50 23.64
CA ILE A 76 -20.21 14.63 22.52
C ILE A 76 -19.29 15.26 21.46
N ALA A 77 -19.30 16.58 21.36
CA ALA A 77 -18.58 17.28 20.27
C ALA A 77 -17.11 16.92 20.11
N PRO A 78 -16.37 16.81 21.23
CA PRO A 78 -14.96 16.44 21.10
C PRO A 78 -14.78 14.98 20.68
N ILE A 79 -15.78 14.13 20.89
CA ILE A 79 -15.77 12.76 20.40
C ILE A 79 -16.06 12.78 18.88
N ALA A 80 -17.08 13.58 18.52
CA ALA A 80 -17.47 13.81 17.14
C ALA A 80 -16.36 14.49 16.32
N ALA A 81 -15.45 15.15 16.99
CA ALA A 81 -14.33 15.80 16.33
C ALA A 81 -13.41 14.75 15.66
N VAL A 82 -13.46 13.50 16.15
CA VAL A 82 -12.66 12.36 15.62
C VAL A 82 -13.51 11.32 14.87
N HIS A 83 -14.66 10.98 15.44
CA HIS A 83 -15.50 9.91 14.95
C HIS A 83 -16.69 10.42 14.12
N ASP A 84 -17.06 9.60 13.16
CA ASP A 84 -18.20 9.87 12.32
C ASP A 84 -19.49 9.76 13.14
N THR A 85 -20.38 10.74 12.97
CA THR A 85 -21.55 10.86 13.84
C THR A 85 -22.54 9.72 13.61
N HIS A 86 -22.55 9.15 12.41
CA HIS A 86 -23.44 8.02 12.15
C HIS A 86 -22.98 6.79 12.96
N TYR A 87 -21.67 6.68 13.20
CA TYR A 87 -21.11 5.62 14.06
C TYR A 87 -21.50 5.86 15.50
N LEU A 88 -21.39 7.10 15.95
CA LEU A 88 -21.71 7.39 17.33
C LEU A 88 -23.22 7.18 17.63
N ARG A 89 -24.07 7.53 16.67
CA ARG A 89 -25.52 7.23 16.76
C ARG A 89 -25.69 5.72 16.83
N PHE A 90 -25.06 5.02 15.90
CA PHE A 90 -25.14 3.57 15.95
C PHE A 90 -24.77 3.10 17.38
N LEU A 91 -23.61 3.52 17.87
CA LEU A 91 -23.10 3.00 19.15
C LEU A 91 -24.08 3.23 20.30
N GLU A 92 -24.71 4.40 20.24
CA GLU A 92 -25.58 4.84 21.32
C GLU A 92 -26.88 4.02 21.36
N THR A 93 -27.36 3.62 20.20
CA THR A 93 -28.68 2.97 20.11
C THR A 93 -28.65 1.49 19.82
N VAL A 94 -27.48 0.93 19.53
CA VAL A 94 -27.44 -0.43 18.99
C VAL A 94 -27.99 -1.47 19.99
N HIS A 95 -27.64 -1.35 21.26
CA HIS A 95 -28.15 -2.31 22.23
C HIS A 95 -29.71 -2.32 22.30
N ARG A 96 -30.31 -1.12 22.31
CA ARG A 96 -31.75 -0.97 22.25
C ARG A 96 -32.31 -1.57 20.97
N GLU A 97 -31.63 -1.38 19.84
CA GLU A 97 -32.17 -1.90 18.60
C GLU A 97 -32.02 -3.42 18.54
N TRP A 98 -30.92 -3.93 19.11
CA TRP A 98 -30.65 -5.36 19.16
C TRP A 98 -31.63 -6.09 20.07
N LYS A 99 -32.01 -5.41 21.15
CA LYS A 99 -32.96 -5.94 22.13
C LYS A 99 -34.37 -6.10 21.52
N ALA A 100 -34.73 -5.28 20.52
CA ALA A 100 -36.03 -5.40 19.80
C ALA A 100 -36.09 -6.54 18.77
N MET A 101 -34.95 -7.14 18.45
CA MET A 101 -34.90 -8.34 17.64
C MET A 101 -35.23 -9.58 18.52
N PRO A 102 -35.44 -10.77 17.89
CA PRO A 102 -35.79 -11.98 18.68
C PRO A 102 -34.87 -12.23 19.86
N GLU A 103 -35.43 -12.80 20.96
CA GLU A 103 -34.65 -13.17 22.17
C GLU A 103 -33.45 -14.05 21.81
N ASP A 104 -33.69 -14.87 20.79
CA ASP A 104 -32.69 -15.70 20.16
C ASP A 104 -31.41 -15.00 19.63
N TRP A 105 -31.45 -13.71 19.31
CA TRP A 105 -30.23 -12.99 18.91
C TRP A 105 -29.34 -12.72 20.12
N GLY A 106 -29.86 -12.99 21.32
CA GLY A 106 -29.08 -12.73 22.54
C GLY A 106 -29.02 -11.27 22.97
N ASP A 107 -28.23 -11.02 23.99
CA ASP A 107 -28.22 -9.68 24.64
C ASP A 107 -27.15 -8.70 24.11
N GLU A 108 -26.20 -9.18 23.30
CA GLU A 108 -25.05 -8.37 22.88
C GLU A 108 -25.02 -8.25 21.39
N ALA A 109 -24.98 -7.01 20.90
CA ALA A 109 -24.87 -6.76 19.46
C ALA A 109 -23.48 -7.18 19.02
N MET A 110 -23.43 -7.93 17.93
CA MET A 110 -22.22 -8.41 17.30
C MET A 110 -22.52 -8.51 15.82
N SER A 111 -21.46 -8.44 15.00
CA SER A 111 -21.58 -8.58 13.56
C SER A 111 -21.24 -10.00 13.17
N ASN A 112 -22.09 -10.58 12.34
CA ASN A 112 -21.80 -11.82 11.66
C ASN A 112 -21.79 -11.63 10.14
N ILE A 113 -21.76 -10.39 9.64
CA ILE A 113 -21.73 -10.13 8.17
C ILE A 113 -20.68 -9.09 7.95
N PHE A 114 -19.67 -9.44 7.19
CA PHE A 114 -18.38 -8.82 7.34
C PHE A 114 -18.14 -7.96 6.12
N VAL A 115 -19.08 -7.04 5.88
CA VAL A 115 -19.12 -6.22 4.68
C VAL A 115 -19.30 -4.74 4.99
N ARG A 116 -18.27 -3.96 4.69
CA ARG A 116 -18.35 -2.49 4.80
C ARG A 116 -19.11 -1.92 3.63
N GLU A 117 -18.86 -2.44 2.42
CA GLU A 117 -19.48 -1.94 1.18
C GLU A 117 -19.37 -2.98 0.08
N PRO A 118 -20.32 -2.98 -0.85
CA PRO A 118 -21.56 -2.16 -0.81
C PRO A 118 -22.45 -2.56 0.38
N ASN A 119 -23.14 -1.59 0.97
CA ASN A 119 -23.91 -1.82 2.20
C ASN A 119 -24.98 -0.75 2.36
N ALA A 120 -26.24 -1.18 2.34
CA ALA A 120 -27.38 -0.24 2.40
C ALA A 120 -27.55 0.44 3.77
N LEU A 121 -26.92 -0.07 4.81
CA LEU A 121 -27.14 0.47 6.17
C LEU A 121 -28.64 0.59 6.53
N ARG A 122 -29.47 -0.36 6.08
CA ARG A 122 -30.86 -0.43 6.51
C ARG A 122 -31.08 -1.57 7.50
N GLY A 123 -31.38 -1.22 8.75
CA GLY A 123 -31.55 -2.16 9.85
C GLY A 123 -30.28 -2.38 10.68
N VAL A 124 -30.46 -2.87 11.91
CA VAL A 124 -29.35 -3.00 12.87
C VAL A 124 -28.30 -4.01 12.43
N LEU A 125 -28.76 -5.07 11.76
CA LEU A 125 -27.84 -6.06 11.25
C LEU A 125 -26.87 -5.47 10.19
N ALA A 126 -27.40 -4.72 9.24
CA ALA A 126 -26.57 -4.04 8.27
C ALA A 126 -25.67 -2.99 8.93
N GLN A 127 -26.19 -2.32 9.95
CA GLN A 127 -25.38 -1.30 10.66
C GLN A 127 -24.24 -1.94 11.42
N ALA A 128 -24.50 -3.06 12.11
CA ALA A 128 -23.39 -3.82 12.77
C ALA A 128 -22.34 -4.25 11.77
N ALA A 129 -22.77 -4.54 10.54
CA ALA A 129 -21.87 -5.06 9.51
C ALA A 129 -20.79 -4.02 9.11
N ARG A 130 -21.19 -2.76 9.14
CA ARG A 130 -20.33 -1.62 8.85
C ARG A 130 -19.51 -1.21 10.09
N HIS A 131 -20.17 -1.14 11.25
CA HIS A 131 -19.65 -0.43 12.40
C HIS A 131 -18.97 -1.29 13.47
N LEU A 132 -18.98 -2.62 13.33
CA LEU A 132 -18.27 -3.54 14.24
C LEU A 132 -17.30 -4.38 13.41
N ALA A 133 -15.99 -4.16 13.58
CA ALA A 133 -15.00 -4.55 12.58
C ALA A 133 -14.30 -5.90 12.86
N ASP A 134 -14.58 -6.50 14.02
CA ASP A 134 -14.05 -7.83 14.35
C ASP A 134 -14.96 -8.48 15.39
N GLY A 135 -14.64 -9.68 15.83
CA GLY A 135 -15.55 -10.34 16.75
C GLY A 135 -15.26 -10.00 18.19
N SER A 136 -14.48 -8.93 18.44
CA SER A 136 -14.00 -8.54 19.76
C SER A 136 -14.57 -7.18 20.21
N CYS A 137 -15.75 -6.80 19.72
CA CYS A 137 -16.35 -5.52 20.11
C CYS A 137 -17.84 -5.66 20.32
N PRO A 138 -18.25 -6.64 21.15
CA PRO A 138 -19.64 -6.80 21.49
C PRO A 138 -20.18 -5.54 22.19
N VAL A 139 -21.39 -5.15 21.85
CA VAL A 139 -22.01 -4.02 22.52
C VAL A 139 -23.12 -4.51 23.43
N GLY A 140 -22.89 -4.39 24.73
CA GLY A 140 -23.86 -4.73 25.76
C GLY A 140 -24.66 -3.50 26.22
N GLU A 141 -25.43 -3.72 27.27
CA GLU A 141 -26.38 -2.72 27.79
C GLU A 141 -25.67 -1.46 28.30
N HIS A 142 -24.48 -1.62 28.90
CA HIS A 142 -23.76 -0.49 29.51
C HIS A 142 -22.52 -0.08 28.71
N THR A 143 -22.34 -0.67 27.54
CA THR A 143 -21.15 -0.47 26.73
C THR A 143 -20.96 1.00 26.27
N TRP A 144 -21.96 1.56 25.61
CA TRP A 144 -21.93 3.00 25.24
C TRP A 144 -21.71 3.94 26.43
N ARG A 145 -22.48 3.74 27.50
CA ARG A 145 -22.27 4.51 28.72
C ARG A 145 -20.82 4.39 29.21
N ALA A 146 -20.28 3.19 29.31
CA ALA A 146 -18.87 3.01 29.77
C ALA A 146 -17.88 3.63 28.79
N ALA A 147 -18.09 3.36 27.51
CA ALA A 147 -17.23 3.95 26.50
C ALA A 147 -17.23 5.48 26.52
N TYR A 148 -18.41 6.08 26.64
CA TYR A 148 -18.55 7.54 26.71
C TYR A 148 -17.72 8.16 27.83
N TRP A 149 -17.88 7.61 29.03
CA TRP A 149 -17.14 8.09 30.19
C TRP A 149 -15.63 7.81 30.17
N SER A 150 -15.22 6.76 29.45
CA SER A 150 -13.79 6.49 29.26
C SER A 150 -13.20 7.56 28.34
N ALA A 151 -13.93 7.92 27.30
CA ALA A 151 -13.51 9.08 26.49
C ALA A 151 -13.45 10.39 27.29
N GLN A 152 -14.42 10.61 28.19
CA GLN A 152 -14.41 11.83 29.02
C GLN A 152 -13.15 11.90 29.95
N SER A 153 -12.71 10.75 30.44
CA SER A 153 -11.46 10.68 31.19
C SER A 153 -10.25 11.12 30.37
N ALA A 154 -10.14 10.63 29.15
CA ALA A 154 -9.17 11.11 28.18
C ALA A 154 -9.29 12.64 27.99
N LEU A 155 -10.50 13.13 27.81
CA LEU A 155 -10.71 14.58 27.58
C LEU A 155 -10.35 15.46 28.78
N ALA A 156 -10.70 14.95 29.96
CA ALA A 156 -10.35 15.60 31.19
C ALA A 156 -8.81 15.67 31.33
N ALA A 157 -8.14 14.55 31.06
CA ALA A 157 -6.67 14.52 31.15
C ALA A 157 -6.10 15.49 30.10
N ALA A 158 -6.62 15.46 28.89
CA ALA A 158 -6.19 16.40 27.87
C ALA A 158 -6.44 17.87 28.26
N ALA A 159 -7.60 18.19 28.81
CA ALA A 159 -7.90 19.55 29.29
C ALA A 159 -6.87 20.02 30.31
N ALA A 160 -6.58 19.17 31.29
CA ALA A 160 -5.67 19.51 32.39
C ALA A 160 -4.28 19.89 31.81
N VAL A 161 -3.80 19.10 30.86
CA VAL A 161 -2.49 19.31 30.25
C VAL A 161 -2.51 20.51 29.30
N ARG A 162 -3.50 20.57 28.41
CA ARG A 162 -3.73 21.77 27.61
C ARG A 162 -3.60 23.08 28.47
N ASP A 163 -4.18 23.10 29.66
CA ASP A 163 -4.18 24.29 30.45
C ASP A 163 -2.88 24.52 31.26
N GLY A 164 -1.96 23.57 31.29
CA GLY A 164 -0.67 23.79 31.95
C GLY A 164 -0.09 22.65 32.77
N ALA A 165 -0.90 21.65 33.11
CA ALA A 165 -0.33 20.53 33.83
C ALA A 165 0.67 19.84 32.86
N PRO A 166 1.87 19.50 33.33
CA PRO A 166 2.84 18.77 32.53
C PRO A 166 2.46 17.35 32.16
N ALA A 167 1.61 16.72 32.95
CA ALA A 167 1.11 15.37 32.66
C ALA A 167 -0.22 15.10 33.37
N ALA A 168 -1.01 14.20 32.79
CA ALA A 168 -2.16 13.61 33.47
C ALA A 168 -2.34 12.21 32.93
N TYR A 169 -2.93 11.35 33.74
CA TYR A 169 -3.25 9.98 33.41
C TYR A 169 -4.75 9.78 33.19
N ALA A 170 -5.14 9.44 31.97
CA ALA A 170 -6.51 8.98 31.66
C ALA A 170 -6.58 7.48 31.89
N LEU A 171 -7.33 7.07 32.92
CA LEU A 171 -7.45 5.65 33.23
C LEU A 171 -8.66 5.13 32.43
N CYS A 172 -8.43 4.99 31.14
CA CYS A 172 -9.42 4.58 30.17
C CYS A 172 -9.68 3.13 30.25
N ARG A 173 -10.97 2.80 30.19
CA ARG A 173 -11.44 1.44 30.22
C ARG A 173 -12.92 1.62 29.89
N PRO A 174 -13.40 1.06 28.77
CA PRO A 174 -12.68 0.30 27.73
C PRO A 174 -11.63 1.11 27.02
N PRO A 175 -10.58 0.43 26.50
CA PRO A 175 -9.47 1.02 25.74
C PRO A 175 -9.94 1.54 24.37
N GLY A 176 -9.05 2.20 23.62
CA GLY A 176 -9.45 2.90 22.44
C GLY A 176 -8.74 2.72 21.12
N HIS A 177 -7.48 2.26 21.11
CA HIS A 177 -6.62 2.46 19.93
C HIS A 177 -6.93 1.63 18.67
N HIS A 178 -7.79 0.65 18.82
CA HIS A 178 -8.33 -0.09 17.71
C HIS A 178 -9.60 0.47 17.14
N ALA A 179 -10.16 1.54 17.74
CA ALA A 179 -11.39 2.15 17.22
C ALA A 179 -11.09 3.10 16.04
N ARG A 180 -11.68 2.79 14.90
CA ARG A 180 -11.54 3.56 13.66
C ARG A 180 -12.55 4.71 13.64
N VAL A 181 -12.43 5.58 12.64
CA VAL A 181 -13.32 6.73 12.46
C VAL A 181 -14.78 6.27 12.59
N ASP A 182 -15.15 5.15 11.96
CA ASP A 182 -16.54 4.69 12.00
C ASP A 182 -16.79 3.22 12.34
N ALA A 183 -15.95 2.63 13.19
CA ALA A 183 -16.11 1.21 13.57
C ALA A 183 -15.38 0.90 14.89
N ALA A 184 -16.03 0.09 15.71
CA ALA A 184 -15.43 -0.46 16.91
C ALA A 184 -14.46 -1.59 16.52
N GLY A 185 -13.69 -2.10 17.47
CA GLY A 185 -12.80 -3.25 17.19
C GLY A 185 -11.87 -3.53 18.35
N GLY A 186 -11.55 -4.80 18.58
CA GLY A 186 -10.46 -5.17 19.50
C GLY A 186 -10.64 -4.61 20.91
N PHE A 187 -11.85 -4.78 21.43
CA PHE A 187 -12.27 -4.30 22.78
C PHE A 187 -12.40 -2.75 22.89
N CYS A 188 -12.29 -2.06 21.74
CA CYS A 188 -12.33 -0.60 21.71
C CYS A 188 -13.57 -0.09 21.00
N TYR A 189 -14.09 1.02 21.47
CA TYR A 189 -15.35 1.57 20.94
C TYR A 189 -15.14 3.02 20.52
N LEU A 190 -14.39 3.76 21.33
CA LEU A 190 -14.07 5.16 21.04
C LEU A 190 -12.59 5.32 21.24
N ASN A 191 -11.97 6.01 20.31
CA ASN A 191 -10.53 6.13 20.30
C ASN A 191 -10.07 7.24 21.24
N ASN A 192 -9.99 6.91 22.52
CA ASN A 192 -9.59 7.86 23.55
C ASN A 192 -8.34 8.66 23.23
N ALA A 193 -7.31 7.98 22.74
CA ALA A 193 -6.04 8.62 22.49
C ALA A 193 -6.13 9.63 21.35
N ALA A 194 -6.84 9.25 20.30
CA ALA A 194 -7.01 10.16 19.17
C ALA A 194 -7.85 11.35 19.61
N ILE A 195 -8.84 11.11 20.46
CA ILE A 195 -9.73 12.20 20.96
C ILE A 195 -8.90 13.19 21.78
N ALA A 196 -8.04 12.67 22.65
CA ALA A 196 -7.06 13.48 23.40
C ALA A 196 -6.07 14.24 22.50
N ALA A 197 -5.54 13.60 21.45
CA ALA A 197 -4.60 14.29 20.55
C ALA A 197 -5.34 15.50 19.86
N GLN A 198 -6.56 15.27 19.39
CA GLN A 198 -7.37 16.32 18.74
C GLN A 198 -7.74 17.49 19.70
N ALA A 199 -8.10 17.23 20.96
CA ALA A 199 -8.21 18.24 22.00
C ALA A 199 -6.94 19.08 22.26
N LEU A 200 -5.75 18.43 22.30
CA LEU A 200 -4.47 19.12 22.45
C LEU A 200 -4.19 20.04 21.26
N ARG A 201 -4.72 19.68 20.10
CA ARG A 201 -4.47 20.46 18.88
C ARG A 201 -5.08 21.87 18.93
N ALA A 202 -6.02 22.13 19.83
CA ALA A 202 -6.63 23.46 19.97
C ALA A 202 -5.59 24.47 20.43
N ARG A 203 -4.59 23.98 21.17
CA ARG A 203 -3.54 24.82 21.72
C ARG A 203 -2.21 24.54 21.09
N HIS A 204 -1.88 23.30 20.75
CA HIS A 204 -0.56 23.00 20.17
C HIS A 204 -0.64 22.67 18.67
N ALA A 205 0.25 23.27 17.89
CA ALA A 205 0.32 23.04 16.46
C ALA A 205 0.76 21.61 16.09
N ARG A 206 1.64 21.00 16.87
CA ARG A 206 2.18 19.66 16.53
C ARG A 206 2.03 18.74 17.71
N VAL A 207 1.31 17.66 17.50
CA VAL A 207 1.05 16.66 18.53
C VAL A 207 1.54 15.30 18.02
N ALA A 208 2.24 14.57 18.89
CA ALA A 208 2.60 13.20 18.58
C ALA A 208 1.86 12.21 19.50
N VAL A 209 1.48 11.09 18.88
CA VAL A 209 0.93 9.96 19.56
C VAL A 209 1.91 8.78 19.44
N LEU A 210 2.38 8.31 20.59
CA LEU A 210 3.26 7.16 20.65
C LEU A 210 2.51 6.04 21.33
N ASP A 211 2.39 4.91 20.64
CA ASP A 211 1.66 3.78 21.13
C ASP A 211 2.58 2.56 21.39
N THR A 212 2.75 2.19 22.67
CA THR A 212 3.67 1.06 23.05
C THR A 212 2.93 -0.18 23.51
N ASP A 213 1.61 -0.15 23.37
CA ASP A 213 0.79 -1.33 23.60
C ASP A 213 1.26 -2.47 22.69
N MET A 214 1.08 -3.73 23.11
CA MET A 214 1.59 -4.93 22.36
C MET A 214 1.06 -5.03 20.92
N HIS A 215 -0.10 -4.43 20.68
CA HIS A 215 -0.82 -4.49 19.42
C HIS A 215 -0.81 -3.15 18.69
N HIS A 216 -0.77 -3.20 17.37
CA HIS A 216 -0.76 -2.03 16.57
C HIS A 216 -2.10 -1.29 16.76
N GLY A 217 -2.03 0.03 16.89
CA GLY A 217 -3.28 0.84 17.03
C GLY A 217 -3.86 1.22 15.71
N GLN A 218 -4.40 0.25 14.97
CA GLN A 218 -4.86 0.55 13.60
C GLN A 218 -5.90 1.70 13.57
N GLY A 219 -6.64 1.87 14.65
CA GLY A 219 -7.61 2.97 14.69
C GLY A 219 -6.97 4.36 14.66
N ILE A 220 -5.95 4.58 15.48
CA ILE A 220 -5.26 5.82 15.54
C ILE A 220 -4.57 6.07 14.19
N GLN A 221 -3.92 5.02 13.66
CA GLN A 221 -3.27 5.10 12.36
C GLN A 221 -4.23 5.64 11.27
N GLU A 222 -5.42 5.04 11.20
CA GLU A 222 -6.42 5.42 10.22
C GLU A 222 -6.93 6.88 10.42
N ILE A 223 -7.21 7.26 11.66
CA ILE A 223 -7.80 8.61 11.92
C ILE A 223 -6.90 9.71 11.39
N PHE A 224 -5.59 9.52 11.53
CA PHE A 224 -4.63 10.54 11.17
C PHE A 224 -3.80 10.18 9.98
N TYR A 225 -4.22 9.23 9.16
CA TYR A 225 -3.36 8.74 8.07
C TYR A 225 -2.94 9.82 7.04
N ALA A 226 -3.88 10.72 6.72
CA ALA A 226 -3.65 11.74 5.71
C ALA A 226 -3.27 13.10 6.28
N ARG A 227 -2.77 13.12 7.50
CA ARG A 227 -2.46 14.37 8.23
C ARG A 227 -1.02 14.34 8.78
N ARG A 228 -0.45 15.55 8.86
CA ARG A 228 0.90 15.76 9.41
C ARG A 228 0.92 16.65 10.65
N ASP A 229 -0.23 17.15 11.10
CA ASP A 229 -0.29 17.91 12.33
C ASP A 229 -0.24 16.98 13.54
N VAL A 230 -0.56 15.68 13.33
CA VAL A 230 -0.44 14.62 14.33
C VAL A 230 0.42 13.44 13.83
N LEU A 231 1.60 13.26 14.41
CA LEU A 231 2.45 12.12 14.09
C LEU A 231 1.92 10.90 14.80
N TYR A 232 1.92 9.74 14.13
CA TYR A 232 1.68 8.48 14.85
C TYR A 232 2.84 7.50 14.73
N VAL A 233 3.25 6.95 15.89
CA VAL A 233 4.34 5.97 15.97
C VAL A 233 3.85 4.83 16.87
N SER A 234 3.97 3.60 16.39
CA SER A 234 3.54 2.44 17.11
C SER A 234 4.63 1.34 17.15
N ILE A 235 4.92 0.84 18.34
CA ILE A 235 5.77 -0.37 18.52
C ILE A 235 4.78 -1.50 18.89
N HIS A 236 4.87 -2.59 18.17
CA HIS A 236 3.89 -3.68 18.35
C HIS A 236 4.42 -5.00 17.81
N GLY A 237 3.71 -6.06 18.11
CA GLY A 237 4.10 -7.38 17.58
C GLY A 237 3.75 -7.40 16.09
N ASP A 238 4.61 -8.05 15.32
CA ASP A 238 4.37 -8.43 13.93
C ASP A 238 2.93 -8.82 13.72
N PRO A 239 2.19 -8.11 12.86
CA PRO A 239 0.78 -8.43 12.69
C PRO A 239 0.47 -9.67 11.82
N THR A 240 1.47 -10.38 11.34
CA THR A 240 1.24 -11.64 10.63
C THR A 240 0.56 -12.66 11.58
N ASN A 241 -0.74 -12.86 11.44
CA ASN A 241 -1.52 -13.79 12.24
C ASN A 241 -1.57 -13.38 13.68
N PHE A 242 -1.62 -12.06 13.89
CA PHE A 242 -1.61 -11.47 15.22
C PHE A 242 -2.34 -10.13 15.15
N TYR A 243 -3.35 -9.98 16.01
CA TYR A 243 -4.23 -8.83 15.97
C TYR A 243 -3.40 -7.55 15.90
N PRO A 244 -3.76 -6.61 15.01
CA PRO A 244 -4.98 -6.53 14.19
C PRO A 244 -4.94 -7.22 12.80
N ALA A 245 -3.87 -7.93 12.49
CA ALA A 245 -3.76 -8.85 11.34
C ALA A 245 -3.67 -8.25 9.96
N VAL A 246 -4.33 -7.11 9.73
CA VAL A 246 -4.44 -6.63 8.40
C VAL A 246 -3.69 -5.32 8.19
N ALA A 247 -3.14 -4.77 9.27
CA ALA A 247 -2.42 -3.51 9.25
C ALA A 247 -1.36 -3.58 10.34
N GLY A 248 -0.45 -2.60 10.33
CA GLY A 248 0.66 -2.55 11.27
C GLY A 248 2.02 -2.85 10.67
N PHE A 249 2.07 -3.13 9.38
CA PHE A 249 3.32 -3.43 8.71
C PHE A 249 4.14 -2.17 8.43
N ASP A 250 5.46 -2.33 8.30
CA ASP A 250 6.31 -1.16 8.26
C ASP A 250 6.25 -0.35 6.97
N ASP A 251 5.59 -0.87 5.93
CA ASP A 251 5.44 -0.09 4.68
C ASP A 251 4.20 0.84 4.67
N GLU A 252 3.46 0.91 5.79
CA GLU A 252 2.34 1.83 5.95
C GLU A 252 2.83 3.18 6.52
N ARG A 253 3.14 4.11 5.63
CA ARG A 253 3.83 5.35 5.98
C ARG A 253 2.94 6.61 5.83
N GLY A 254 1.66 6.44 5.55
CA GLY A 254 0.74 7.56 5.44
C GLY A 254 0.34 7.79 4.00
N ALA A 255 -0.47 8.83 3.79
CA ALA A 255 -0.97 9.21 2.46
C ALA A 255 -1.19 10.71 2.36
N GLY A 256 -1.16 11.20 1.13
CA GLY A 256 -1.27 12.65 0.89
C GLY A 256 -0.24 13.42 1.68
N GLU A 257 -0.65 14.49 2.35
CA GLU A 257 0.30 15.21 3.18
C GLU A 257 0.72 14.49 4.45
N GLY A 258 0.04 13.40 4.79
CA GLY A 258 0.48 12.54 5.87
C GLY A 258 1.59 11.57 5.55
N LEU A 259 2.07 11.57 4.31
CA LEU A 259 3.16 10.71 3.90
C LEU A 259 4.48 11.07 4.67
N GLY A 260 5.02 10.10 5.39
CA GLY A 260 6.16 10.32 6.26
C GLY A 260 5.77 10.53 7.73
N TYR A 261 4.47 10.53 8.05
CA TYR A 261 4.00 10.92 9.39
C TYR A 261 3.24 9.81 10.12
N ASN A 262 3.45 8.57 9.65
CA ASN A 262 2.96 7.37 10.30
C ASN A 262 4.13 6.36 10.31
N VAL A 263 4.52 5.91 11.50
CA VAL A 263 5.68 5.00 11.62
C VAL A 263 5.31 3.76 12.39
N ASN A 264 5.26 2.63 11.69
CA ASN A 264 5.04 1.33 12.33
C ASN A 264 6.38 0.66 12.61
N LEU A 265 6.53 0.19 13.83
CA LEU A 265 7.74 -0.43 14.30
C LEU A 265 7.48 -1.85 14.85
N PRO A 266 7.13 -2.79 13.99
CA PRO A 266 6.85 -4.12 14.44
C PRO A 266 8.10 -4.90 14.92
N MET A 267 7.87 -5.92 15.73
CA MET A 267 8.91 -6.78 16.30
C MET A 267 8.53 -8.26 16.02
N PRO A 268 9.52 -9.12 15.69
CA PRO A 268 9.26 -10.53 15.55
C PRO A 268 8.58 -11.12 16.77
N HIS A 269 7.72 -12.09 16.55
CA HIS A 269 7.11 -12.77 17.69
C HIS A 269 8.24 -13.38 18.51
N GLY A 270 8.16 -13.26 19.83
CA GLY A 270 9.17 -13.88 20.68
C GLY A 270 10.40 -13.00 20.80
N SER A 271 10.23 -11.68 20.81
CA SER A 271 11.36 -10.76 20.90
C SER A 271 11.77 -10.54 22.35
N SER A 272 13.02 -10.14 22.50
CA SER A 272 13.62 -9.87 23.77
C SER A 272 13.27 -8.47 24.22
N GLU A 273 13.49 -8.22 25.51
CA GLU A 273 13.40 -6.91 26.07
C GLU A 273 14.29 -5.96 25.30
N ALA A 274 15.53 -6.38 25.00
CA ALA A 274 16.46 -5.52 24.25
C ALA A 274 15.89 -5.02 22.92
N ALA A 275 15.23 -5.90 22.20
CA ALA A 275 14.68 -5.56 20.89
C ALA A 275 13.59 -4.50 21.07
N PHE A 276 12.82 -4.57 22.16
CA PHE A 276 11.79 -3.57 22.43
C PHE A 276 12.42 -2.18 22.62
N PHE A 277 13.49 -2.09 23.42
CA PHE A 277 14.15 -0.79 23.64
C PHE A 277 14.94 -0.28 22.41
N GLU A 278 15.26 -1.18 21.50
CA GLU A 278 15.71 -0.75 20.18
C GLU A 278 14.59 -0.05 19.47
N ARG A 279 13.39 -0.60 19.52
CA ARG A 279 12.29 0.04 18.87
C ARG A 279 11.94 1.37 19.52
N VAL A 280 12.01 1.44 20.86
CA VAL A 280 11.80 2.68 21.59
C VAL A 280 12.86 3.70 21.09
N ASP A 281 14.13 3.29 20.86
CA ASP A 281 15.13 4.23 20.30
C ASP A 281 14.77 4.73 18.89
N ASP A 282 14.14 3.89 18.06
CA ASP A 282 13.64 4.35 16.76
C ASP A 282 12.53 5.41 16.97
N ALA A 283 11.62 5.14 17.90
CA ALA A 283 10.52 6.01 18.17
C ALA A 283 11.06 7.34 18.63
N LEU A 284 12.05 7.35 19.52
CA LEU A 284 12.58 8.64 20.01
C LEU A 284 13.29 9.48 18.90
N ARG A 285 13.94 8.84 17.95
CA ARG A 285 14.45 9.53 16.77
C ARG A 285 13.35 10.18 15.95
N GLU A 286 12.26 9.44 15.74
CA GLU A 286 11.15 10.03 14.95
C GLU A 286 10.55 11.23 15.69
N LEU A 287 10.41 11.11 17.01
CA LEU A 287 9.86 12.24 17.82
C LEU A 287 10.75 13.48 17.79
N ARG A 288 12.07 13.28 17.90
CA ARG A 288 13.03 14.39 17.89
C ARG A 288 12.90 15.15 16.58
N ARG A 289 12.77 14.41 15.50
CA ARG A 289 12.75 15.05 14.20
C ARG A 289 11.47 15.80 13.93
N PHE A 290 10.36 15.22 14.35
CA PHE A 290 9.04 15.87 14.28
C PHE A 290 8.90 17.10 15.21
N ALA A 291 9.63 17.09 16.33
CA ALA A 291 9.59 18.14 17.35
C ALA A 291 8.16 18.50 17.79
N PRO A 292 7.49 17.56 18.46
CA PRO A 292 6.13 17.82 18.92
C PRO A 292 6.01 18.86 20.05
N ASP A 293 4.87 19.58 20.08
CA ASP A 293 4.58 20.52 21.17
C ASP A 293 3.90 19.81 22.34
N ALA A 294 3.24 18.68 22.09
CA ALA A 294 2.62 17.84 23.13
C ALA A 294 2.61 16.36 22.72
N LEU A 295 2.51 15.47 23.72
CA LEU A 295 2.56 14.03 23.53
C LEU A 295 1.37 13.30 24.13
N VAL A 296 0.79 12.37 23.36
CA VAL A 296 -0.17 11.40 23.91
C VAL A 296 0.54 10.06 23.92
N LEU A 297 0.59 9.43 25.07
CA LEU A 297 1.18 8.10 25.18
C LEU A 297 0.07 7.07 25.35
N SER A 298 -0.10 6.20 24.37
CA SER A 298 -1.01 5.06 24.49
C SER A 298 -0.25 3.91 25.13
N LEU A 299 -0.57 3.61 26.39
CA LEU A 299 0.21 2.71 27.20
C LEU A 299 -0.50 1.41 27.43
N GLY A 300 0.22 0.31 27.24
CA GLY A 300 -0.36 -1.01 27.41
C GLY A 300 0.64 -1.82 28.22
N PHE A 301 0.14 -2.57 29.21
CA PHE A 301 0.97 -3.49 29.96
C PHE A 301 1.03 -4.89 29.35
N ASP A 302 0.47 -5.08 28.16
CA ASP A 302 0.47 -6.40 27.50
C ASP A 302 1.75 -6.73 26.74
N VAL A 303 2.77 -5.90 26.89
CA VAL A 303 4.10 -6.29 26.52
C VAL A 303 4.79 -7.08 27.62
N TYR A 304 4.19 -7.11 28.82
CA TYR A 304 4.74 -7.88 29.94
C TYR A 304 4.90 -9.35 29.58
N ARG A 305 6.08 -9.88 29.91
CA ARG A 305 6.46 -11.28 29.70
C ARG A 305 5.37 -12.33 29.98
N ASP A 306 4.59 -12.17 31.06
CA ASP A 306 3.54 -13.13 31.42
C ASP A 306 2.11 -12.77 30.95
N ASP A 307 1.94 -11.68 30.24
CA ASP A 307 0.63 -11.39 29.67
C ASP A 307 0.41 -12.44 28.58
N PRO A 308 -0.79 -13.04 28.54
CA PRO A 308 -1.05 -14.13 27.59
C PRO A 308 -1.13 -13.62 26.17
N GLN A 309 -1.38 -12.33 25.98
CA GLN A 309 -1.29 -11.74 24.64
C GLN A 309 0.15 -11.27 24.28
N SER A 310 1.14 -11.51 25.14
CA SER A 310 2.47 -10.92 24.91
C SER A 310 3.31 -11.66 23.87
N GLN A 311 4.02 -10.89 23.05
CA GLN A 311 4.92 -11.40 22.05
C GLN A 311 6.33 -10.83 22.22
N VAL A 312 6.60 -10.23 23.37
CA VAL A 312 7.91 -9.67 23.67
C VAL A 312 8.14 -9.78 25.18
N ALA A 313 9.39 -9.77 25.61
CA ALA A 313 9.71 -10.22 26.96
C ALA A 313 10.03 -9.06 27.92
N VAL A 314 9.15 -8.06 27.94
CA VAL A 314 9.37 -6.87 28.81
C VAL A 314 9.16 -7.21 30.29
N THR A 315 10.06 -6.75 31.13
CA THR A 315 10.00 -7.05 32.57
C THR A 315 9.43 -5.85 33.33
N THR A 316 9.11 -6.06 34.61
CA THR A 316 8.62 -5.01 35.47
C THR A 316 9.58 -3.84 35.54
N ASP A 317 10.86 -4.13 35.64
CA ASP A 317 11.86 -3.08 35.59
C ASP A 317 11.82 -2.35 34.25
N GLY A 318 11.59 -3.11 33.17
CA GLY A 318 11.48 -2.52 31.83
C GLY A 318 10.47 -1.39 31.74
N PHE A 319 9.33 -1.55 32.41
CA PHE A 319 8.33 -0.50 32.38
C PHE A 319 8.92 0.77 33.04
N GLY A 320 9.77 0.60 34.07
CA GLY A 320 10.40 1.76 34.75
C GLY A 320 11.33 2.49 33.77
N ARG A 321 12.01 1.74 32.96
CA ARG A 321 12.92 2.32 31.99
C ARG A 321 12.19 3.04 30.85
N LEU A 322 11.06 2.47 30.43
CA LEU A 322 10.21 3.12 29.45
C LEU A 322 9.68 4.39 30.07
N GLY A 323 9.16 4.28 31.28
CA GLY A 323 8.62 5.47 31.96
C GLY A 323 9.65 6.61 32.03
N HIS A 324 10.89 6.28 32.39
CA HIS A 324 11.97 7.27 32.42
C HIS A 324 12.32 7.88 31.07
N LEU A 325 12.35 7.07 30.02
CA LEU A 325 12.71 7.54 28.67
C LEU A 325 11.69 8.54 28.17
N ILE A 326 10.40 8.32 28.45
CA ILE A 326 9.35 9.22 28.00
C ILE A 326 9.22 10.48 28.86
N GLY A 327 9.33 10.30 30.17
CA GLY A 327 9.33 11.43 31.09
C GLY A 327 10.49 12.40 30.90
N ALA A 328 11.67 11.90 30.58
CA ALA A 328 12.80 12.75 30.32
C ALA A 328 12.55 13.61 29.09
N LEU A 329 11.59 13.29 28.24
CA LEU A 329 11.32 14.19 27.10
C LEU A 329 10.78 15.55 27.57
N ARG A 330 10.26 15.61 28.79
CA ARG A 330 9.68 16.85 29.34
C ARG A 330 8.77 17.54 28.34
N LEU A 331 7.88 16.78 27.72
CA LEU A 331 6.81 17.30 26.92
C LEU A 331 5.52 17.24 27.76
N PRO A 332 4.59 18.17 27.52
CA PRO A 332 3.25 17.97 28.04
C PRO A 332 2.67 16.65 27.57
N THR A 333 2.35 15.78 28.50
CA THR A 333 2.04 14.42 28.15
C THR A 333 0.72 13.95 28.77
N VAL A 334 -0.20 13.51 27.93
CA VAL A 334 -1.38 12.76 28.35
C VAL A 334 -1.10 11.25 28.20
N ILE A 335 -1.13 10.54 29.30
CA ILE A 335 -0.94 9.08 29.28
C ILE A 335 -2.32 8.45 29.24
N VAL A 336 -2.60 7.66 28.20
CA VAL A 336 -3.91 7.05 27.98
C VAL A 336 -3.78 5.54 28.12
N GLN A 337 -4.54 4.97 29.06
CA GLN A 337 -4.55 3.53 29.27
C GLN A 337 -5.15 2.76 28.10
N GLU A 338 -4.40 1.78 27.59
CA GLU A 338 -4.89 0.86 26.56
C GLU A 338 -4.99 -0.56 27.15
N GLY A 339 -4.34 -1.55 26.56
CA GLY A 339 -4.45 -2.95 27.02
C GLY A 339 -3.53 -3.39 28.15
N GLY A 340 -3.42 -4.72 28.34
CA GLY A 340 -2.78 -5.35 29.52
C GLY A 340 -3.77 -6.14 30.36
N TYR A 341 -3.69 -7.47 30.28
CA TYR A 341 -4.77 -8.35 30.77
C TYR A 341 -4.35 -9.33 31.87
N HIS A 342 -3.08 -9.25 32.31
CA HIS A 342 -2.56 -10.06 33.38
C HIS A 342 -2.82 -9.35 34.72
N ILE A 343 -3.92 -9.72 35.36
CA ILE A 343 -4.48 -9.01 36.51
C ILE A 343 -3.48 -8.87 37.66
N GLU A 344 -2.86 -9.98 38.05
CA GLU A 344 -1.97 -9.93 39.21
C GLU A 344 -0.65 -9.14 39.01
N SER A 345 -0.32 -8.68 37.81
CA SER A 345 0.88 -7.86 37.66
C SER A 345 0.61 -6.38 37.30
N LEU A 346 -0.67 -6.04 37.15
CA LEU A 346 -1.01 -4.70 36.66
C LEU A 346 -0.49 -3.64 37.62
N GLU A 347 -0.72 -3.83 38.92
CA GLU A 347 -0.31 -2.83 39.90
C GLU A 347 1.21 -2.61 39.93
N ALA A 348 1.99 -3.69 39.98
CA ALA A 348 3.44 -3.58 40.00
C ALA A 348 3.99 -2.90 38.74
N ASN A 349 3.47 -3.31 37.58
CA ASN A 349 3.92 -2.75 36.28
C ASN A 349 3.55 -1.27 36.14
N ALA A 350 2.35 -0.90 36.53
CA ALA A 350 1.92 0.50 36.51
C ALA A 350 2.80 1.35 37.44
N ARG A 351 3.06 0.86 38.65
CA ARG A 351 3.93 1.55 39.62
C ARG A 351 5.37 1.71 39.20
N SER A 352 5.94 0.67 38.60
CA SER A 352 7.26 0.79 38.01
C SER A 352 7.26 1.88 36.89
N PHE A 353 6.31 1.78 35.97
CA PHE A 353 6.21 2.77 34.88
C PHE A 353 6.15 4.21 35.43
N PHE A 354 5.21 4.46 36.32
CA PHE A 354 5.02 5.80 36.84
C PHE A 354 6.18 6.26 37.73
N GLY A 355 6.90 5.30 38.30
CA GLY A 355 8.07 5.62 39.11
C GLY A 355 9.22 6.12 38.24
N GLY A 356 9.39 5.52 37.07
CA GLY A 356 10.37 5.96 36.10
C GLY A 356 9.93 7.27 35.46
N PHE A 357 8.65 7.39 35.12
CA PHE A 357 8.16 8.63 34.53
C PHE A 357 8.47 9.85 35.44
N GLY A 358 8.34 9.67 36.75
CA GLY A 358 8.48 10.76 37.72
C GLY A 358 9.90 10.99 38.28
N ALA A 359 10.90 10.22 37.88
CA ALA A 359 12.25 10.26 38.52
C ALA A 359 13.17 11.36 37.99
N SER B 21 -38.75 -36.33 -18.38
CA SER B 21 -37.43 -37.02 -18.23
C SER B 21 -36.30 -36.01 -18.42
N MET B 22 -35.60 -35.71 -17.33
CA MET B 22 -34.62 -34.62 -17.30
C MET B 22 -33.29 -35.05 -16.70
N LEU B 23 -32.23 -34.77 -17.43
CA LEU B 23 -30.89 -35.08 -16.96
C LEU B 23 -30.61 -34.37 -15.61
N THR B 24 -30.10 -35.15 -14.66
CA THR B 24 -29.74 -34.67 -13.36
C THR B 24 -28.30 -35.02 -13.11
N TYR B 25 -27.54 -34.01 -12.70
CA TYR B 25 -26.13 -34.17 -12.42
C TYR B 25 -25.79 -34.01 -10.95
N PHE B 26 -25.07 -34.98 -10.42
CA PHE B 26 -24.60 -35.00 -9.02
C PHE B 26 -23.32 -35.82 -8.89
N HIS B 27 -22.35 -35.29 -8.17
CA HIS B 27 -21.12 -36.02 -7.93
C HIS B 27 -21.03 -36.33 -6.45
N PRO B 28 -20.70 -37.58 -6.08
CA PRO B 28 -20.74 -37.95 -4.65
C PRO B 28 -19.74 -37.27 -3.74
N ASP B 29 -18.66 -36.72 -4.30
CA ASP B 29 -17.72 -35.93 -3.51
C ASP B 29 -18.40 -34.68 -2.92
N GLN B 30 -19.51 -34.26 -3.51
CA GLN B 30 -20.33 -33.19 -2.95
C GLN B 30 -20.80 -33.50 -1.52
N SER B 31 -20.93 -34.78 -1.20
CA SER B 31 -21.45 -35.19 0.11
C SER B 31 -20.38 -35.08 1.21
N LEU B 32 -19.13 -34.84 0.83
CA LEU B 32 -18.02 -34.87 1.80
C LEU B 32 -17.94 -33.65 2.74
N HIS B 33 -18.55 -32.54 2.35
CA HIS B 33 -18.44 -31.27 3.10
C HIS B 33 -19.44 -31.34 4.26
N HIS B 34 -18.96 -31.28 5.51
CA HIS B 34 -19.87 -31.20 6.68
CA HIS B 34 -19.87 -31.18 6.67
C HIS B 34 -19.30 -30.37 7.86
N PRO B 35 -19.12 -29.06 7.67
CA PRO B 35 -18.54 -28.33 8.80
C PRO B 35 -19.43 -28.25 10.02
N ARG B 36 -18.80 -28.08 11.15
CA ARG B 36 -19.47 -28.06 12.43
C ARG B 36 -19.78 -26.66 12.94
N THR B 37 -19.17 -25.62 12.36
CA THR B 37 -19.12 -24.30 13.01
C THR B 37 -19.74 -23.22 12.22
N TYR B 38 -20.79 -22.62 12.76
CA TYR B 38 -21.44 -21.48 12.15
C TYR B 38 -21.75 -20.48 13.23
N PHE B 39 -21.46 -19.21 12.92
CA PHE B 39 -21.70 -18.11 13.83
C PHE B 39 -22.66 -17.12 13.17
N SER B 40 -23.82 -16.89 13.78
CA SER B 40 -24.71 -15.83 13.28
C SER B 40 -25.73 -15.33 14.31
N ARG B 41 -26.08 -14.05 14.21
CA ARG B 41 -26.99 -13.37 15.12
C ARG B 41 -26.67 -13.62 16.59
N GLY B 42 -25.42 -13.36 16.96
CA GLY B 42 -25.00 -13.39 18.33
C GLY B 42 -24.47 -14.70 18.90
N ARG B 43 -24.51 -15.79 18.13
CA ARG B 43 -24.11 -17.09 18.69
C ARG B 43 -23.71 -18.13 17.66
N MET B 44 -22.97 -19.14 18.13
CA MET B 44 -22.71 -20.34 17.35
C MET B 44 -24.03 -21.09 17.16
N ARG B 45 -24.25 -21.61 15.95
CA ARG B 45 -25.50 -22.27 15.63
C ARG B 45 -25.31 -23.62 14.99
N MET B 46 -26.41 -24.36 14.95
CA MET B 46 -26.41 -25.71 14.41
C MET B 46 -26.33 -25.58 12.88
N PRO B 47 -25.44 -26.35 12.28
CA PRO B 47 -25.36 -26.54 10.83
C PRO B 47 -26.69 -26.90 10.20
N GLN B 48 -27.10 -26.18 9.16
CA GLN B 48 -28.30 -26.52 8.43
C GLN B 48 -28.00 -27.08 7.01
N GLU B 49 -26.91 -26.64 6.39
CA GLU B 49 -26.59 -27.07 5.04
C GLU B 49 -25.82 -28.41 5.13
N VAL B 50 -26.57 -29.48 5.33
CA VAL B 50 -25.94 -30.78 5.65
C VAL B 50 -26.01 -31.80 4.49
N PRO B 51 -25.12 -32.81 4.51
CA PRO B 51 -25.13 -33.80 3.40
C PRO B 51 -26.49 -34.48 3.09
N GLU B 52 -27.32 -34.73 4.11
CA GLU B 52 -28.63 -35.38 3.92
C GLU B 52 -29.53 -34.64 2.90
N ARG B 53 -29.36 -33.33 2.77
CA ARG B 53 -30.11 -32.56 1.77
C ARG B 53 -29.93 -33.12 0.34
N ALA B 54 -28.69 -33.48 0.00
CA ALA B 54 -28.40 -34.03 -1.30
C ALA B 54 -29.05 -35.37 -1.40
N ALA B 55 -28.98 -36.15 -0.33
CA ALA B 55 -29.51 -37.52 -0.35
C ALA B 55 -31.01 -37.53 -0.60
N ARG B 56 -31.73 -36.52 -0.09
CA ARG B 56 -33.18 -36.46 -0.28
C ARG B 56 -33.53 -36.01 -1.66
N LEU B 57 -32.74 -35.08 -2.19
CA LEU B 57 -33.01 -34.59 -3.55
C LEU B 57 -32.63 -35.62 -4.63
N VAL B 58 -31.57 -36.40 -4.39
CA VAL B 58 -31.23 -37.48 -5.32
C VAL B 58 -32.33 -38.54 -5.35
N ALA B 59 -32.81 -38.94 -4.17
CA ALA B 59 -33.94 -39.89 -4.09
C ALA B 59 -35.21 -39.30 -4.71
N ALA B 60 -35.40 -37.99 -4.62
CA ALA B 60 -36.53 -37.36 -5.31
C ALA B 60 -36.35 -37.47 -6.84
N ALA B 61 -35.12 -37.24 -7.29
CA ALA B 61 -34.83 -37.27 -8.70
C ALA B 61 -35.19 -38.65 -9.27
N PHE B 62 -34.68 -39.70 -8.62
CA PHE B 62 -34.92 -41.09 -9.03
C PHE B 62 -36.39 -41.42 -9.07
N ALA B 63 -37.12 -40.93 -8.05
CA ALA B 63 -38.50 -41.31 -7.86
C ALA B 63 -39.35 -40.67 -8.94
N MET B 64 -38.78 -39.74 -9.65
CA MET B 64 -39.44 -39.18 -10.81
C MET B 64 -38.88 -39.66 -12.14
N GLY B 65 -38.02 -40.67 -12.10
CA GLY B 65 -37.50 -41.28 -13.32
C GLY B 65 -36.47 -40.45 -14.05
N PHE B 66 -35.86 -39.51 -13.32
CA PHE B 66 -34.81 -38.66 -13.85
C PHE B 66 -33.55 -39.53 -13.89
N PRO B 67 -32.81 -39.50 -15.00
CA PRO B 67 -31.50 -40.17 -14.97
C PRO B 67 -30.51 -39.32 -14.19
N VAL B 68 -29.89 -39.89 -13.17
CA VAL B 68 -28.91 -39.18 -12.37
C VAL B 68 -27.48 -39.56 -12.78
N ARG B 69 -26.68 -38.58 -13.16
CA ARG B 69 -25.32 -38.84 -13.67
C ARG B 69 -24.28 -38.02 -12.94
N GLU B 70 -23.08 -38.58 -12.83
CA GLU B 70 -21.94 -37.81 -12.40
C GLU B 70 -21.49 -36.89 -13.52
N PRO B 71 -21.14 -35.64 -13.18
CA PRO B 71 -20.67 -34.70 -14.19
C PRO B 71 -19.24 -34.99 -14.60
N ASP B 72 -18.89 -34.84 -15.89
CA ASP B 72 -17.47 -34.88 -16.29
C ASP B 72 -16.72 -33.69 -15.67
N ASP B 73 -15.39 -33.77 -15.66
CA ASP B 73 -14.55 -32.76 -15.08
C ASP B 73 -14.27 -31.71 -16.14
N PHE B 74 -14.94 -30.57 -16.02
CA PHE B 74 -14.78 -29.48 -16.97
C PHE B 74 -13.57 -28.59 -16.62
N GLY B 75 -12.86 -28.94 -15.56
CA GLY B 75 -11.64 -28.24 -15.17
C GLY B 75 -11.91 -26.92 -14.46
N ILE B 76 -10.83 -26.22 -14.13
CA ILE B 76 -10.90 -24.99 -13.36
C ILE B 76 -11.23 -23.72 -14.18
N ALA B 77 -10.90 -23.71 -15.47
CA ALA B 77 -11.12 -22.55 -16.34
C ALA B 77 -12.50 -21.87 -16.29
N PRO B 78 -13.60 -22.63 -16.35
CA PRO B 78 -14.95 -22.02 -16.29
C PRO B 78 -15.34 -21.44 -14.94
N ILE B 79 -14.72 -21.97 -13.89
CA ILE B 79 -14.89 -21.45 -12.53
C ILE B 79 -14.10 -20.13 -12.49
N ALA B 80 -12.88 -20.17 -13.03
CA ALA B 80 -12.02 -18.98 -13.02
C ALA B 80 -12.47 -17.96 -14.05
N ALA B 81 -13.43 -18.34 -14.90
CA ALA B 81 -14.14 -17.42 -15.77
C ALA B 81 -15.02 -16.41 -15.03
N VAL B 82 -15.38 -16.73 -13.79
CA VAL B 82 -16.26 -15.94 -12.96
C VAL B 82 -15.51 -15.50 -11.66
N HIS B 83 -14.70 -16.38 -11.10
CA HIS B 83 -14.01 -16.10 -9.83
C HIS B 83 -12.55 -15.71 -9.95
N ASP B 84 -12.12 -14.84 -9.07
CA ASP B 84 -10.76 -14.37 -8.94
C ASP B 84 -9.83 -15.54 -8.57
N THR B 85 -8.65 -15.63 -9.16
CA THR B 85 -7.82 -16.80 -8.87
C THR B 85 -7.10 -16.71 -7.50
N HIS B 86 -6.96 -15.50 -6.93
CA HIS B 86 -6.48 -15.40 -5.54
C HIS B 86 -7.47 -16.12 -4.61
N TYR B 87 -8.75 -15.87 -4.86
CA TYR B 87 -9.80 -16.46 -4.08
C TYR B 87 -9.82 -17.98 -4.31
N LEU B 88 -9.73 -18.43 -5.55
CA LEU B 88 -9.71 -19.89 -5.80
C LEU B 88 -8.52 -20.62 -5.14
N ARG B 89 -7.30 -20.08 -5.23
CA ARG B 89 -6.12 -20.68 -4.58
C ARG B 89 -6.30 -20.70 -3.05
N PHE B 90 -6.78 -19.59 -2.50
CA PHE B 90 -7.14 -19.51 -1.09
C PHE B 90 -8.12 -20.63 -0.67
N LEU B 91 -9.20 -20.81 -1.42
CA LEU B 91 -10.17 -21.86 -1.11
C LEU B 91 -9.50 -23.25 -1.08
N GLU B 92 -8.67 -23.50 -2.08
CA GLU B 92 -7.96 -24.79 -2.18
C GLU B 92 -6.93 -25.03 -1.07
N THR B 93 -6.35 -23.95 -0.52
CA THR B 93 -5.21 -24.11 0.43
C THR B 93 -5.50 -23.73 1.87
N VAL B 94 -6.63 -23.08 2.13
CA VAL B 94 -6.85 -22.45 3.45
C VAL B 94 -6.96 -23.46 4.57
N HIS B 95 -7.66 -24.56 4.36
CA HIS B 95 -7.76 -25.55 5.42
C HIS B 95 -6.41 -26.07 5.88
N ARG B 96 -5.55 -26.39 4.93
CA ARG B 96 -4.17 -26.79 5.25
C ARG B 96 -3.39 -25.66 5.94
N GLU B 97 -3.51 -24.42 5.51
CA GLU B 97 -2.74 -23.36 6.18
C GLU B 97 -3.29 -23.10 7.55
N TRP B 98 -4.57 -23.41 7.77
CA TRP B 98 -5.24 -23.15 9.05
C TRP B 98 -4.86 -24.26 10.04
N LYS B 99 -4.76 -25.48 9.55
CA LYS B 99 -4.28 -26.58 10.38
C LYS B 99 -2.84 -26.36 10.85
N ALA B 100 -2.08 -25.49 10.19
CA ALA B 100 -0.72 -25.10 10.64
C ALA B 100 -0.70 -24.17 11.87
N MET B 101 -1.79 -23.45 12.08
CA MET B 101 -1.93 -22.58 13.23
C MET B 101 -2.27 -23.42 14.50
N PRO B 102 -2.13 -22.84 15.72
CA PRO B 102 -2.34 -23.59 16.99
C PRO B 102 -3.66 -24.34 17.02
N GLU B 103 -3.74 -25.49 17.70
CA GLU B 103 -5.00 -26.31 17.75
C GLU B 103 -6.18 -25.52 18.37
N ASP B 104 -5.85 -24.41 19.02
CA ASP B 104 -6.81 -23.55 19.66
C ASP B 104 -7.68 -22.82 18.63
N TRP B 105 -7.14 -22.69 17.42
CA TRP B 105 -7.83 -22.04 16.28
C TRP B 105 -8.90 -22.96 15.70
N GLY B 106 -8.77 -24.25 15.96
CA GLY B 106 -9.75 -25.21 15.49
C GLY B 106 -9.47 -25.75 14.09
N ASP B 107 -10.36 -26.60 13.61
CA ASP B 107 -10.18 -27.35 12.38
C ASP B 107 -10.80 -26.66 11.17
N GLU B 108 -11.60 -25.61 11.38
CA GLU B 108 -12.26 -24.94 10.26
C GLU B 108 -11.89 -23.45 10.15
N ALA B 109 -11.46 -23.05 8.96
CA ALA B 109 -11.09 -21.68 8.70
C ALA B 109 -12.36 -20.85 8.71
N MET B 110 -12.28 -19.76 9.47
CA MET B 110 -13.34 -18.76 9.60
C MET B 110 -12.69 -17.42 9.93
N SER B 111 -13.34 -16.34 9.52
CA SER B 111 -12.81 -15.00 9.77
C SER B 111 -13.31 -14.45 11.09
N ASN B 112 -12.44 -13.83 11.88
CA ASN B 112 -12.89 -12.96 13.02
C ASN B 112 -12.42 -11.50 12.89
N ILE B 113 -11.93 -11.12 11.71
CA ILE B 113 -11.48 -9.74 11.46
C ILE B 113 -12.16 -9.35 10.19
N PHE B 114 -13.05 -8.39 10.29
CA PHE B 114 -14.05 -8.19 9.26
C PHE B 114 -13.62 -7.10 8.25
N VAL B 115 -12.41 -7.26 7.72
CA VAL B 115 -11.77 -6.21 6.96
C VAL B 115 -11.15 -6.74 5.67
N ARG B 116 -11.74 -6.29 4.56
CA ARG B 116 -11.31 -6.61 3.19
C ARG B 116 -10.28 -5.59 2.72
N GLU B 117 -10.42 -4.34 3.16
CA GLU B 117 -9.58 -3.25 2.69
C GLU B 117 -9.56 -2.12 3.73
N PRO B 118 -8.40 -1.51 3.96
CA PRO B 118 -7.11 -1.97 3.45
C PRO B 118 -6.69 -3.29 4.15
N ASN B 119 -5.94 -4.12 3.43
CA ASN B 119 -5.58 -5.45 3.94
C ASN B 119 -4.31 -5.95 3.25
N ALA B 120 -3.21 -6.04 3.99
CA ALA B 120 -1.93 -6.38 3.39
C ALA B 120 -1.78 -7.88 2.98
N LEU B 121 -2.77 -8.71 3.30
CA LEU B 121 -2.85 -10.13 2.91
C LEU B 121 -1.60 -10.93 3.26
N ARG B 122 -1.01 -10.63 4.39
CA ARG B 122 0.12 -11.37 4.92
C ARG B 122 -0.38 -12.26 6.07
N GLY B 123 -0.35 -13.60 5.86
CA GLY B 123 -0.75 -14.60 6.85
C GLY B 123 -2.19 -15.07 6.62
N VAL B 124 -2.48 -16.30 7.04
CA VAL B 124 -3.80 -16.91 6.78
C VAL B 124 -5.00 -16.15 7.45
N LEU B 125 -4.75 -15.49 8.58
CA LEU B 125 -5.77 -14.69 9.24
C LEU B 125 -6.25 -13.49 8.39
N ALA B 126 -5.31 -12.80 7.78
CA ALA B 126 -5.63 -11.71 6.91
C ALA B 126 -6.24 -12.26 5.60
N GLN B 127 -5.78 -13.41 5.13
CA GLN B 127 -6.41 -13.98 3.92
C GLN B 127 -7.87 -14.31 4.20
N ALA B 128 -8.15 -14.83 5.38
CA ALA B 128 -9.57 -15.09 5.77
C ALA B 128 -10.44 -13.82 5.86
N ALA B 129 -9.84 -12.76 6.39
CA ALA B 129 -10.53 -11.47 6.56
C ALA B 129 -11.03 -10.97 5.18
N ARG B 130 -10.22 -11.22 4.18
CA ARG B 130 -10.51 -10.83 2.82
C ARG B 130 -11.53 -11.74 2.13
N HIS B 131 -11.37 -13.06 2.31
CA HIS B 131 -12.06 -14.02 1.45
C HIS B 131 -13.25 -14.77 2.08
N LEU B 132 -13.52 -14.58 3.37
CA LEU B 132 -14.71 -15.14 4.06
C LEU B 132 -15.58 -14.03 4.57
N ALA B 133 -16.73 -13.84 3.90
CA ALA B 133 -17.52 -12.63 4.01
C ALA B 133 -18.56 -12.64 5.11
N ASP B 134 -18.68 -13.75 5.82
CA ASP B 134 -19.63 -13.82 6.96
C ASP B 134 -19.32 -15.05 7.80
N GLY B 135 -20.05 -15.20 8.90
CA GLY B 135 -19.79 -16.35 9.78
C GLY B 135 -20.43 -17.64 9.32
N SER B 136 -20.96 -17.68 8.12
CA SER B 136 -21.60 -18.86 7.57
C SER B 136 -20.87 -19.57 6.44
N CYS B 137 -19.57 -19.36 6.33
CA CYS B 137 -18.86 -20.01 5.27
C CYS B 137 -17.57 -20.68 5.76
N PRO B 138 -17.66 -21.56 6.75
CA PRO B 138 -16.48 -22.22 7.32
C PRO B 138 -15.83 -23.16 6.32
N VAL B 139 -14.52 -23.22 6.28
CA VAL B 139 -13.81 -24.09 5.35
C VAL B 139 -13.13 -25.27 6.10
N GLY B 140 -13.69 -26.46 5.92
CA GLY B 140 -13.15 -27.67 6.54
C GLY B 140 -12.37 -28.49 5.53
N GLU B 141 -12.08 -29.71 5.90
CA GLU B 141 -11.10 -30.51 5.18
C GLU B 141 -11.52 -30.78 3.74
N HIS B 142 -12.82 -30.99 3.55
CA HIS B 142 -13.31 -31.31 2.21
C HIS B 142 -14.17 -30.23 1.56
N THR B 143 -14.11 -29.01 2.04
CA THR B 143 -14.98 -27.97 1.46
C THR B 143 -14.60 -27.66 -0.01
N TRP B 144 -13.30 -27.53 -0.27
CA TRP B 144 -12.87 -27.18 -1.62
C TRP B 144 -13.34 -28.27 -2.62
N ARG B 145 -13.03 -29.52 -2.30
CA ARG B 145 -13.43 -30.66 -3.15
C ARG B 145 -14.93 -30.67 -3.45
N ALA B 146 -15.74 -30.59 -2.39
CA ALA B 146 -17.20 -30.64 -2.58
C ALA B 146 -17.63 -29.46 -3.42
N ALA B 147 -17.07 -28.27 -3.16
CA ALA B 147 -17.49 -27.09 -3.87
C ALA B 147 -17.06 -27.20 -5.35
N TYR B 148 -15.86 -27.75 -5.58
CA TYR B 148 -15.36 -27.93 -6.94
C TYR B 148 -16.34 -28.74 -7.75
N TRP B 149 -16.71 -29.89 -7.21
CA TRP B 149 -17.54 -30.82 -7.93
C TRP B 149 -18.99 -30.36 -8.00
N SER B 150 -19.43 -29.60 -7.00
CA SER B 150 -20.78 -29.01 -7.08
C SER B 150 -20.85 -28.07 -8.26
N ALA B 151 -19.75 -27.35 -8.48
CA ALA B 151 -19.67 -26.49 -9.68
C ALA B 151 -19.66 -27.31 -10.98
N GLN B 152 -18.91 -28.41 -11.00
CA GLN B 152 -18.90 -29.27 -12.17
C GLN B 152 -20.31 -29.78 -12.51
N SER B 153 -21.16 -30.04 -11.50
CA SER B 153 -22.52 -30.45 -11.79
C SER B 153 -23.29 -29.33 -12.51
N ALA B 154 -23.09 -28.08 -12.07
CA ALA B 154 -23.65 -26.92 -12.77
C ALA B 154 -23.17 -26.81 -14.22
N LEU B 155 -21.88 -27.07 -14.43
CA LEU B 155 -21.30 -27.00 -15.74
C LEU B 155 -21.78 -28.15 -16.66
N ALA B 156 -21.99 -29.34 -16.08
CA ALA B 156 -22.48 -30.47 -16.86
C ALA B 156 -23.91 -30.21 -17.35
N ALA B 157 -24.76 -29.68 -16.47
CA ALA B 157 -26.13 -29.34 -16.83
C ALA B 157 -26.18 -28.23 -17.88
N ALA B 158 -25.29 -27.24 -17.77
CA ALA B 158 -25.22 -26.16 -18.76
C ALA B 158 -24.72 -26.65 -20.13
N ALA B 159 -23.71 -27.51 -20.11
CA ALA B 159 -23.24 -28.20 -21.30
C ALA B 159 -24.36 -28.98 -22.01
N ALA B 160 -25.13 -29.75 -21.25
CA ALA B 160 -26.24 -30.54 -21.82
C ALA B 160 -27.26 -29.62 -22.48
N VAL B 161 -27.61 -28.53 -21.81
CA VAL B 161 -28.53 -27.54 -22.39
C VAL B 161 -27.89 -26.82 -23.60
N ARG B 162 -26.62 -26.43 -23.46
CA ARG B 162 -25.92 -25.73 -24.54
C ARG B 162 -26.01 -26.58 -25.80
N ASP B 163 -25.93 -27.89 -25.63
CA ASP B 163 -25.81 -28.80 -26.77
C ASP B 163 -27.12 -29.28 -27.32
N GLY B 164 -28.23 -28.91 -26.69
CA GLY B 164 -29.55 -29.19 -27.26
C GLY B 164 -30.63 -29.66 -26.30
N ALA B 165 -30.25 -30.09 -25.10
CA ALA B 165 -31.25 -30.54 -24.14
C ALA B 165 -32.14 -29.35 -23.79
N PRO B 166 -33.45 -29.58 -23.61
CA PRO B 166 -34.41 -28.52 -23.27
C PRO B 166 -34.37 -28.12 -21.77
N ALA B 167 -33.91 -29.02 -20.91
CA ALA B 167 -33.73 -28.68 -19.52
C ALA B 167 -32.73 -29.63 -18.92
N ALA B 168 -32.09 -29.22 -17.83
CA ALA B 168 -31.23 -30.12 -17.05
C ALA B 168 -31.16 -29.56 -15.64
N TYR B 169 -30.92 -30.46 -14.69
CA TYR B 169 -30.97 -30.15 -13.26
C TYR B 169 -29.58 -30.38 -12.70
N ALA B 170 -28.94 -29.30 -12.25
CA ALA B 170 -27.66 -29.37 -11.53
C ALA B 170 -27.96 -29.53 -10.04
N LEU B 171 -27.71 -30.70 -9.50
CA LEU B 171 -28.01 -30.95 -8.11
C LEU B 171 -26.81 -30.43 -7.34
N CYS B 172 -26.68 -29.10 -7.28
CA CYS B 172 -25.57 -28.48 -6.57
C CYS B 172 -25.73 -28.57 -5.05
N ARG B 173 -24.59 -28.76 -4.39
CA ARG B 173 -24.48 -28.81 -2.96
C ARG B 173 -22.98 -28.95 -2.74
N PRO B 174 -22.34 -27.96 -2.11
CA PRO B 174 -22.91 -26.78 -1.50
C PRO B 174 -23.53 -25.81 -2.49
N PRO B 175 -24.48 -25.01 -2.04
CA PRO B 175 -25.10 -24.04 -2.92
C PRO B 175 -24.09 -22.93 -3.32
N GLY B 176 -24.53 -22.00 -4.14
CA GLY B 176 -23.60 -21.06 -4.75
C GLY B 176 -23.91 -19.58 -4.75
N HIS B 177 -25.19 -19.18 -4.67
CA HIS B 177 -25.57 -17.82 -5.07
C HIS B 177 -25.10 -16.66 -4.18
N HIS B 178 -24.60 -16.97 -2.99
CA HIS B 178 -24.02 -15.98 -2.11
C HIS B 178 -22.52 -15.78 -2.33
N ALA B 179 -21.89 -16.66 -3.10
CA ALA B 179 -20.47 -16.57 -3.39
C ALA B 179 -20.15 -15.38 -4.33
N ARG B 180 -19.39 -14.41 -3.83
CA ARG B 180 -18.99 -13.24 -4.63
C ARG B 180 -17.75 -13.56 -5.46
N VAL B 181 -17.34 -12.64 -6.31
CA VAL B 181 -16.13 -12.85 -7.14
C VAL B 181 -14.90 -13.30 -6.34
N ASP B 182 -14.73 -12.69 -5.15
CA ASP B 182 -13.51 -12.75 -4.31
C ASP B 182 -13.77 -13.34 -2.89
N ALA B 183 -14.97 -13.86 -2.62
CA ALA B 183 -15.33 -14.27 -1.26
C ALA B 183 -16.44 -15.31 -1.15
N ALA B 184 -16.27 -16.24 -0.22
CA ALA B 184 -17.34 -17.16 0.21
C ALA B 184 -18.32 -16.42 1.10
N GLY B 185 -19.51 -17.00 1.25
CA GLY B 185 -20.51 -16.50 2.17
C GLY B 185 -21.79 -17.31 2.16
N GLY B 186 -22.51 -17.29 3.26
CA GLY B 186 -23.84 -17.89 3.33
C GLY B 186 -23.95 -19.34 2.91
N PHE B 187 -23.08 -20.20 3.42
CA PHE B 187 -23.02 -21.62 3.04
C PHE B 187 -22.57 -21.84 1.62
N CYS B 188 -22.12 -20.79 0.92
CA CYS B 188 -21.71 -20.87 -0.51
C CYS B 188 -20.24 -20.54 -0.71
N TYR B 189 -19.60 -21.30 -1.59
CA TYR B 189 -18.17 -21.14 -1.90
C TYR B 189 -17.85 -20.77 -3.35
N LEU B 190 -18.51 -21.44 -4.30
CA LEU B 190 -18.40 -21.13 -5.75
C LEU B 190 -19.79 -20.84 -6.29
N ASN B 191 -19.91 -19.79 -7.11
CA ASN B 191 -21.21 -19.34 -7.58
C ASN B 191 -21.79 -20.15 -8.74
N ASN B 192 -22.35 -21.31 -8.42
CA ASN B 192 -22.75 -22.28 -9.44
C ASN B 192 -23.63 -21.65 -10.54
N ALA B 193 -24.65 -20.89 -10.16
CA ALA B 193 -25.57 -20.35 -11.17
C ALA B 193 -24.81 -19.46 -12.11
N ALA B 194 -23.97 -18.58 -11.57
CA ALA B 194 -23.21 -17.62 -12.36
C ALA B 194 -22.28 -18.38 -13.28
N ILE B 195 -21.66 -19.41 -12.74
CA ILE B 195 -20.76 -20.23 -13.56
C ILE B 195 -21.50 -20.86 -14.75
N ALA B 196 -22.71 -21.34 -14.51
CA ALA B 196 -23.60 -21.82 -15.60
C ALA B 196 -24.07 -20.71 -16.54
N ALA B 197 -24.50 -19.56 -16.02
CA ALA B 197 -24.88 -18.47 -16.93
C ALA B 197 -23.73 -18.14 -17.90
N GLN B 198 -22.51 -17.92 -17.39
CA GLN B 198 -21.37 -17.62 -18.26
C GLN B 198 -21.06 -18.72 -19.33
N ALA B 199 -21.10 -19.97 -18.93
CA ALA B 199 -20.89 -21.06 -19.89
C ALA B 199 -21.95 -21.01 -20.98
N LEU B 200 -23.20 -20.73 -20.61
CA LEU B 200 -24.28 -20.72 -21.59
C LEU B 200 -24.06 -19.60 -22.61
N ARG B 201 -23.40 -18.52 -22.18
CA ARG B 201 -23.08 -17.45 -23.10
C ARG B 201 -22.25 -17.86 -24.32
N ALA B 202 -21.64 -19.06 -24.30
CA ALA B 202 -20.90 -19.59 -25.45
C ALA B 202 -21.80 -19.72 -26.65
N ARG B 203 -23.02 -20.20 -26.45
CA ARG B 203 -23.97 -20.38 -27.55
C ARG B 203 -25.10 -19.35 -27.57
N HIS B 204 -25.36 -18.70 -26.45
CA HIS B 204 -26.57 -17.89 -26.33
C HIS B 204 -26.22 -16.43 -26.12
N ALA B 205 -26.87 -15.54 -26.88
CA ALA B 205 -26.53 -14.11 -26.88
C ALA B 205 -27.05 -13.40 -25.62
N ARG B 206 -28.18 -13.89 -25.12
CA ARG B 206 -28.78 -13.37 -23.90
C ARG B 206 -29.19 -14.51 -22.97
N VAL B 207 -28.71 -14.44 -21.74
CA VAL B 207 -29.06 -15.42 -20.75
C VAL B 207 -29.71 -14.66 -19.58
N ALA B 208 -30.72 -15.24 -18.97
CA ALA B 208 -31.29 -14.68 -17.76
C ALA B 208 -31.10 -15.64 -16.60
N VAL B 209 -30.84 -15.07 -15.43
CA VAL B 209 -30.78 -15.84 -14.18
C VAL B 209 -31.92 -15.40 -13.29
N LEU B 210 -32.87 -16.33 -13.07
CA LEU B 210 -33.97 -16.11 -12.13
C LEU B 210 -33.68 -16.79 -10.78
N ASP B 211 -33.76 -16.07 -9.68
CA ASP B 211 -33.38 -16.59 -8.36
C ASP B 211 -34.57 -16.54 -7.45
N THR B 212 -35.16 -17.70 -7.15
CA THR B 212 -36.37 -17.77 -6.30
C THR B 212 -36.08 -18.26 -4.87
N ASP B 213 -34.81 -18.49 -4.58
CA ASP B 213 -34.41 -18.86 -3.22
C ASP B 213 -34.87 -17.78 -2.25
N MET B 214 -35.13 -18.12 -1.00
CA MET B 214 -35.64 -17.17 0.00
C MET B 214 -34.74 -15.94 0.18
N HIS B 215 -33.46 -16.13 -0.01
CA HIS B 215 -32.45 -15.10 0.27
C HIS B 215 -31.92 -14.49 -1.03
N HIS B 216 -31.58 -13.19 -0.98
CA HIS B 216 -31.06 -12.49 -2.14
C HIS B 216 -29.72 -13.08 -2.55
N GLY B 217 -29.60 -13.43 -3.84
CA GLY B 217 -28.33 -13.93 -4.39
C GLY B 217 -27.30 -12.84 -4.65
N GLN B 218 -26.80 -12.21 -3.58
CA GLN B 218 -25.91 -11.05 -3.72
C GLN B 218 -24.64 -11.36 -4.53
N GLY B 219 -24.16 -12.60 -4.50
CA GLY B 219 -23.03 -12.96 -5.36
C GLY B 219 -23.35 -12.86 -6.83
N ILE B 220 -24.51 -13.37 -7.23
CA ILE B 220 -24.87 -13.39 -8.65
C ILE B 220 -25.01 -11.94 -9.07
N GLN B 221 -25.70 -11.15 -8.28
CA GLN B 221 -25.84 -9.71 -8.51
C GLN B 221 -24.52 -9.00 -8.79
N GLU B 222 -23.52 -9.21 -7.94
CA GLU B 222 -22.19 -8.59 -8.08
C GLU B 222 -21.49 -9.01 -9.36
N ILE B 223 -21.50 -10.31 -9.63
CA ILE B 223 -20.84 -10.83 -10.82
C ILE B 223 -21.31 -10.12 -12.14
N PHE B 224 -22.61 -9.84 -12.27
CA PHE B 224 -23.18 -9.38 -13.54
C PHE B 224 -23.65 -7.93 -13.48
N TYR B 225 -23.31 -7.22 -12.40
CA TYR B 225 -23.94 -5.94 -12.09
C TYR B 225 -23.80 -4.91 -13.22
N ALA B 226 -22.67 -4.90 -13.93
CA ALA B 226 -22.45 -3.94 -15.05
C ALA B 226 -22.64 -4.60 -16.44
N ARG B 227 -23.38 -5.71 -16.49
CA ARG B 227 -23.60 -6.41 -17.76
C ARG B 227 -25.08 -6.36 -18.19
N ARG B 228 -25.32 -6.22 -19.48
CA ARG B 228 -26.70 -6.35 -20.00
C ARG B 228 -26.92 -7.64 -20.77
N ASP B 229 -25.87 -8.44 -20.98
CA ASP B 229 -25.98 -9.73 -21.62
C ASP B 229 -26.55 -10.83 -20.71
N VAL B 230 -26.41 -10.68 -19.39
CA VAL B 230 -27.02 -11.58 -18.40
C VAL B 230 -27.93 -10.77 -17.48
N LEU B 231 -29.24 -10.99 -17.57
CA LEU B 231 -30.20 -10.36 -16.67
C LEU B 231 -30.18 -11.14 -15.37
N TYR B 232 -30.38 -10.42 -14.25
CA TYR B 232 -30.57 -11.03 -12.95
C TYR B 232 -31.83 -10.49 -12.32
N VAL B 233 -32.69 -11.43 -11.91
CA VAL B 233 -33.93 -11.12 -11.24
C VAL B 233 -33.98 -12.00 -9.99
N SER B 234 -34.19 -11.41 -8.82
CA SER B 234 -34.22 -12.22 -7.59
C SER B 234 -35.47 -11.90 -6.80
N ILE B 235 -36.19 -12.94 -6.38
CA ILE B 235 -37.28 -12.82 -5.42
C ILE B 235 -36.78 -13.32 -4.08
N HIS B 236 -37.05 -12.59 -3.01
CA HIS B 236 -36.46 -12.91 -1.69
C HIS B 236 -37.12 -12.10 -0.56
N GLY B 237 -36.83 -12.49 0.68
CA GLY B 237 -37.25 -11.72 1.83
C GLY B 237 -36.50 -10.38 1.96
N ASP B 238 -37.24 -9.37 2.42
CA ASP B 238 -36.74 -8.05 2.69
C ASP B 238 -35.48 -8.17 3.48
N PRO B 239 -34.37 -7.62 2.97
CA PRO B 239 -33.06 -7.87 3.59
C PRO B 239 -32.76 -7.12 4.92
N THR B 240 -33.69 -6.25 5.31
CA THR B 240 -33.66 -5.53 6.57
C THR B 240 -33.65 -6.55 7.67
N ASN B 241 -32.52 -6.71 8.34
CA ASN B 241 -32.35 -7.71 9.40
C ASN B 241 -32.59 -9.14 8.96
N PHE B 242 -32.14 -9.45 7.74
CA PHE B 242 -32.32 -10.77 7.18
C PHE B 242 -31.27 -10.98 6.10
N TYR B 243 -30.50 -12.06 6.21
CA TYR B 243 -29.37 -12.33 5.31
C TYR B 243 -29.83 -12.12 3.87
N PRO B 244 -29.00 -11.49 3.02
CA PRO B 244 -27.64 -11.05 3.20
C PRO B 244 -27.48 -9.68 3.89
N ALA B 245 -28.59 -9.05 4.26
CA ALA B 245 -28.60 -7.84 5.16
C ALA B 245 -28.18 -6.54 4.50
N VAL B 246 -27.10 -6.59 3.72
CA VAL B 246 -26.50 -5.37 3.17
C VAL B 246 -26.81 -5.12 1.70
N ALA B 247 -27.55 -6.05 1.08
CA ALA B 247 -27.88 -5.99 -0.35
C ALA B 247 -29.20 -6.72 -0.64
N GLY B 248 -29.81 -6.39 -1.78
CA GLY B 248 -31.06 -6.99 -2.18
C GLY B 248 -32.25 -6.04 -2.17
N PHE B 249 -31.99 -4.76 -1.98
CA PHE B 249 -33.02 -3.73 -1.96
C PHE B 249 -33.37 -3.30 -3.42
N ASP B 250 -34.57 -2.81 -3.62
CA ASP B 250 -35.08 -2.63 -5.00
C ASP B 250 -34.45 -1.47 -5.82
N ASP B 251 -33.67 -0.60 -5.16
CA ASP B 251 -32.97 0.49 -5.85
C ASP B 251 -31.62 0.07 -6.40
N GLU B 252 -31.24 -1.18 -6.22
CA GLU B 252 -29.99 -1.69 -6.80
C GLU B 252 -30.28 -2.29 -8.19
N ARG B 253 -30.01 -1.51 -9.24
CA ARG B 253 -30.49 -1.88 -10.60
C ARG B 253 -29.42 -2.06 -11.64
N GLY B 254 -28.19 -2.14 -11.21
CA GLY B 254 -27.06 -2.28 -12.12
C GLY B 254 -26.30 -0.98 -12.30
N ALA B 255 -25.15 -1.09 -12.95
CA ALA B 255 -24.28 0.06 -13.22
C ALA B 255 -23.91 0.02 -14.69
N GLY B 256 -23.49 1.17 -15.21
CA GLY B 256 -23.04 1.29 -16.61
C GLY B 256 -24.07 0.68 -17.57
N GLU B 257 -23.62 -0.15 -18.50
CA GLU B 257 -24.52 -0.72 -19.52
C GLU B 257 -25.59 -1.60 -18.93
N GLY B 258 -25.36 -2.06 -17.69
CA GLY B 258 -26.27 -2.98 -17.00
C GLY B 258 -27.32 -2.33 -16.14
N LEU B 259 -27.40 -1.00 -16.17
CA LEU B 259 -28.46 -0.26 -15.51
C LEU B 259 -29.83 -0.65 -16.11
N GLY B 260 -30.74 -1.08 -15.26
CA GLY B 260 -31.99 -1.70 -15.70
C GLY B 260 -31.96 -3.21 -15.92
N TYR B 261 -30.81 -3.85 -15.73
CA TYR B 261 -30.68 -5.29 -15.98
C TYR B 261 -30.41 -6.10 -14.69
N ASN B 262 -30.61 -5.43 -13.55
CA ASN B 262 -30.61 -6.06 -12.23
C ASN B 262 -31.91 -5.71 -11.53
N VAL B 263 -32.71 -6.74 -11.20
CA VAL B 263 -34.05 -6.52 -10.66
C VAL B 263 -34.25 -7.29 -9.35
N ASN B 264 -34.30 -6.57 -8.23
CA ASN B 264 -34.60 -7.17 -6.95
C ASN B 264 -36.05 -7.02 -6.61
N LEU B 265 -36.67 -8.12 -6.18
CA LEU B 265 -38.11 -8.16 -5.85
C LEU B 265 -38.31 -8.62 -4.40
N PRO B 266 -37.92 -7.78 -3.44
CA PRO B 266 -38.14 -8.14 -2.03
C PRO B 266 -39.60 -8.30 -1.58
N MET B 267 -39.82 -9.11 -0.55
CA MET B 267 -41.15 -9.26 0.07
C MET B 267 -41.07 -8.95 1.57
N PRO B 268 -42.08 -8.28 2.14
CA PRO B 268 -42.12 -8.11 3.60
C PRO B 268 -41.96 -9.44 4.33
N HIS B 269 -41.40 -9.38 5.53
CA HIS B 269 -41.34 -10.53 6.39
C HIS B 269 -42.76 -11.00 6.73
N GLY B 270 -42.95 -12.32 6.77
CA GLY B 270 -44.24 -12.89 7.11
C GLY B 270 -45.26 -12.68 6.00
N SER B 271 -44.82 -12.75 4.74
CA SER B 271 -45.70 -12.52 3.59
C SER B 271 -46.53 -13.75 3.30
N SER B 272 -47.69 -13.55 2.69
CA SER B 272 -48.60 -14.63 2.28
C SER B 272 -48.06 -15.30 1.06
N GLU B 273 -48.54 -16.50 0.77
CA GLU B 273 -48.23 -17.18 -0.48
C GLU B 273 -48.75 -16.32 -1.65
N ALA B 274 -49.91 -15.67 -1.49
CA ALA B 274 -50.38 -14.82 -2.58
C ALA B 274 -49.27 -13.81 -2.95
N ALA B 275 -48.62 -13.21 -1.94
CA ALA B 275 -47.55 -12.21 -2.19
C ALA B 275 -46.37 -12.78 -2.99
N PHE B 276 -45.98 -14.00 -2.67
CA PHE B 276 -44.94 -14.68 -3.43
C PHE B 276 -45.30 -14.77 -4.92
N PHE B 277 -46.52 -15.19 -5.22
CA PHE B 277 -46.91 -15.36 -6.61
C PHE B 277 -47.14 -14.06 -7.33
N GLU B 278 -47.50 -13.01 -6.61
CA GLU B 278 -47.46 -11.65 -7.20
C GLU B 278 -46.05 -11.28 -7.68
N ARG B 279 -45.02 -11.56 -6.85
CA ARG B 279 -43.62 -11.33 -7.22
C ARG B 279 -43.19 -12.24 -8.36
N VAL B 280 -43.65 -13.49 -8.39
CA VAL B 280 -43.31 -14.33 -9.52
C VAL B 280 -43.87 -13.66 -10.79
N ASP B 281 -45.09 -13.15 -10.70
CA ASP B 281 -45.72 -12.47 -11.83
C ASP B 281 -44.89 -11.29 -12.32
N ASP B 282 -44.36 -10.47 -11.41
CA ASP B 282 -43.48 -9.34 -11.79
C ASP B 282 -42.24 -9.80 -12.50
N ALA B 283 -41.70 -10.89 -12.01
CA ALA B 283 -40.48 -11.48 -12.50
C ALA B 283 -40.61 -12.01 -13.93
N LEU B 284 -41.69 -12.75 -14.19
CA LEU B 284 -41.96 -13.23 -15.56
C LEU B 284 -42.15 -12.11 -16.57
N ARG B 285 -42.71 -10.98 -16.14
CA ARG B 285 -42.83 -9.79 -17.00
C ARG B 285 -41.47 -9.24 -17.41
N GLU B 286 -40.50 -9.23 -16.49
CA GLU B 286 -39.12 -8.84 -16.77
C GLU B 286 -38.44 -9.81 -17.70
N LEU B 287 -38.65 -11.10 -17.48
CA LEU B 287 -38.06 -12.10 -18.38
C LEU B 287 -38.57 -11.93 -19.83
N ARG B 288 -39.86 -11.62 -19.97
CA ARG B 288 -40.47 -11.49 -21.30
C ARG B 288 -39.92 -10.26 -22.02
N ARG B 289 -39.84 -9.14 -21.30
CA ARG B 289 -39.30 -7.90 -21.81
C ARG B 289 -37.85 -8.04 -22.23
N PHE B 290 -37.13 -8.96 -21.59
CA PHE B 290 -35.69 -9.15 -21.86
C PHE B 290 -35.49 -10.15 -22.99
N ALA B 291 -36.38 -11.15 -23.05
CA ALA B 291 -36.41 -12.11 -24.14
C ALA B 291 -35.15 -12.97 -24.19
N PRO B 292 -34.90 -13.76 -23.16
CA PRO B 292 -33.65 -14.52 -23.09
C PRO B 292 -33.58 -15.69 -24.07
N ASP B 293 -32.39 -16.03 -24.55
CA ASP B 293 -32.24 -17.26 -25.32
C ASP B 293 -32.17 -18.48 -24.40
N ALA B 294 -31.72 -18.29 -23.16
CA ALA B 294 -31.66 -19.40 -22.21
C ALA B 294 -31.84 -18.90 -20.77
N LEU B 295 -32.31 -19.79 -19.89
CA LEU B 295 -32.65 -19.44 -18.52
C LEU B 295 -31.87 -20.32 -17.54
N VAL B 296 -31.35 -19.67 -16.51
CA VAL B 296 -30.80 -20.36 -15.37
C VAL B 296 -31.74 -20.09 -14.20
N LEU B 297 -32.23 -21.15 -13.58
CA LEU B 297 -33.08 -21.06 -12.40
C LEU B 297 -32.34 -21.45 -11.12
N SER B 298 -32.08 -20.47 -10.27
CA SER B 298 -31.54 -20.74 -8.94
C SER B 298 -32.71 -21.00 -8.00
N LEU B 299 -32.96 -22.27 -7.72
CA LEU B 299 -34.17 -22.73 -7.01
C LEU B 299 -33.81 -23.10 -5.61
N GLY B 300 -34.52 -22.50 -4.66
CA GLY B 300 -34.38 -22.79 -3.25
C GLY B 300 -35.72 -23.23 -2.67
N PHE B 301 -35.69 -24.25 -1.81
CA PHE B 301 -36.88 -24.75 -1.13
C PHE B 301 -37.10 -24.12 0.27
N ASP B 302 -36.29 -23.12 0.60
CA ASP B 302 -36.41 -22.43 1.86
C ASP B 302 -37.43 -21.29 1.86
N VAL B 303 -38.17 -21.10 0.76
CA VAL B 303 -39.44 -20.36 0.86
C VAL B 303 -40.54 -21.23 1.51
N TYR B 304 -40.30 -22.53 1.64
CA TYR B 304 -41.32 -23.40 2.23
C TYR B 304 -41.73 -22.92 3.63
N ARG B 305 -43.04 -22.88 3.93
CA ARG B 305 -43.56 -22.22 5.13
C ARG B 305 -43.07 -22.80 6.47
N ASP B 306 -42.70 -24.07 6.52
CA ASP B 306 -42.10 -24.62 7.75
C ASP B 306 -40.59 -24.80 7.67
N ASP B 307 -39.94 -24.26 6.65
CA ASP B 307 -38.49 -24.12 6.70
C ASP B 307 -38.09 -23.06 7.77
N PRO B 308 -37.05 -23.34 8.59
CA PRO B 308 -36.65 -22.42 9.69
C PRO B 308 -36.26 -21.03 9.21
N GLN B 309 -35.61 -21.00 8.05
CA GLN B 309 -35.14 -19.77 7.41
C GLN B 309 -36.26 -19.00 6.67
N SER B 310 -37.49 -19.50 6.64
CA SER B 310 -38.49 -18.89 5.76
C SER B 310 -39.12 -17.63 6.30
N GLN B 311 -39.41 -16.70 5.38
CA GLN B 311 -40.19 -15.51 5.68
C GLN B 311 -41.40 -15.36 4.76
N VAL B 312 -41.83 -16.46 4.15
CA VAL B 312 -43.02 -16.39 3.28
C VAL B 312 -43.74 -17.73 3.41
N ALA B 313 -45.05 -17.72 3.22
CA ALA B 313 -45.88 -18.91 3.50
C ALA B 313 -46.11 -19.82 2.28
N VAL B 314 -45.05 -20.18 1.58
CA VAL B 314 -45.19 -21.06 0.44
C VAL B 314 -45.49 -22.52 0.83
N THR B 315 -46.57 -23.07 0.26
CA THR B 315 -46.96 -24.45 0.52
C THR B 315 -46.24 -25.39 -0.46
N THR B 316 -46.30 -26.69 -0.16
CA THR B 316 -45.76 -27.73 -1.05
C THR B 316 -46.38 -27.66 -2.43
N ASP B 317 -47.70 -27.49 -2.51
CA ASP B 317 -48.25 -27.45 -3.85
CA ASP B 317 -48.39 -27.37 -3.80
C ASP B 317 -47.90 -26.11 -4.54
N GLY B 318 -47.53 -25.10 -3.75
CA GLY B 318 -46.92 -23.85 -4.28
C GLY B 318 -45.64 -24.05 -5.11
N PHE B 319 -44.82 -25.03 -4.75
CA PHE B 319 -43.68 -25.35 -5.60
C PHE B 319 -44.09 -25.85 -6.97
N GLY B 320 -45.21 -26.58 -7.01
CA GLY B 320 -45.81 -27.02 -8.27
C GLY B 320 -46.30 -25.85 -9.08
N ARG B 321 -46.96 -24.88 -8.44
CA ARG B 321 -47.40 -23.69 -9.10
C ARG B 321 -46.23 -22.88 -9.70
N LEU B 322 -45.14 -22.77 -8.91
CA LEU B 322 -43.89 -22.13 -9.35
C LEU B 322 -43.29 -22.83 -10.58
N GLY B 323 -43.12 -24.14 -10.49
CA GLY B 323 -42.55 -24.91 -11.62
C GLY B 323 -43.37 -24.77 -12.91
N HIS B 324 -44.69 -24.76 -12.75
CA HIS B 324 -45.63 -24.67 -13.86
C HIS B 324 -45.41 -23.32 -14.55
N LEU B 325 -45.38 -22.25 -13.78
CA LEU B 325 -45.29 -20.90 -14.37
C LEU B 325 -43.95 -20.72 -15.09
N ILE B 326 -42.90 -21.30 -14.52
CA ILE B 326 -41.56 -21.19 -15.10
C ILE B 326 -41.39 -22.12 -16.31
N GLY B 327 -41.91 -23.34 -16.20
CA GLY B 327 -41.89 -24.29 -17.33
C GLY B 327 -42.65 -23.78 -18.56
N ALA B 328 -43.69 -22.95 -18.33
CA ALA B 328 -44.54 -22.45 -19.44
C ALA B 328 -43.84 -21.41 -20.33
N LEU B 329 -42.69 -20.90 -19.87
CA LEU B 329 -41.79 -20.10 -20.71
C LEU B 329 -41.21 -20.91 -21.88
N ARG B 330 -41.07 -22.21 -21.70
CA ARG B 330 -40.61 -23.12 -22.78
C ARG B 330 -39.28 -22.68 -23.32
N LEU B 331 -38.36 -22.39 -22.38
CA LEU B 331 -37.03 -21.90 -22.69
C LEU B 331 -36.07 -23.03 -22.36
N PRO B 332 -34.97 -23.13 -23.09
CA PRO B 332 -33.88 -24.00 -22.59
C PRO B 332 -33.45 -23.53 -21.19
N THR B 333 -33.55 -24.42 -20.20
CA THR B 333 -33.45 -24.04 -18.79
C THR B 333 -32.49 -24.94 -18.01
N VAL B 334 -31.50 -24.35 -17.35
CA VAL B 334 -30.63 -25.07 -16.41
C VAL B 334 -31.17 -24.79 -14.99
N ILE B 335 -31.71 -25.81 -14.34
CA ILE B 335 -32.18 -25.64 -12.95
C ILE B 335 -31.01 -25.87 -12.00
N VAL B 336 -30.71 -24.88 -11.15
CA VAL B 336 -29.58 -24.96 -10.23
C VAL B 336 -30.03 -24.90 -8.78
N GLN B 337 -29.70 -25.95 -8.03
CA GLN B 337 -30.08 -26.07 -6.62
C GLN B 337 -29.27 -25.10 -5.74
N GLU B 338 -29.99 -24.26 -5.02
CA GLU B 338 -29.45 -23.40 -3.97
C GLU B 338 -29.87 -24.01 -2.62
N GLY B 339 -30.55 -23.23 -1.77
CA GLY B 339 -30.96 -23.66 -0.42
C GLY B 339 -32.25 -24.47 -0.26
N GLY B 340 -32.72 -24.58 0.98
CA GLY B 340 -33.80 -25.50 1.40
C GLY B 340 -33.33 -26.47 2.47
N TYR B 341 -33.72 -26.24 3.72
CA TYR B 341 -33.14 -26.92 4.88
C TYR B 341 -34.10 -27.76 5.70
N HIS B 342 -35.37 -27.77 5.34
CA HIS B 342 -36.31 -28.67 6.01
C HIS B 342 -36.26 -30.05 5.35
N ILE B 343 -35.53 -30.98 5.98
CA ILE B 343 -35.17 -32.25 5.36
C ILE B 343 -36.40 -33.11 5.01
N GLU B 344 -37.38 -33.15 5.92
CA GLU B 344 -38.52 -34.08 5.81
C GLU B 344 -39.55 -33.73 4.75
N SER B 345 -39.47 -32.51 4.21
CA SER B 345 -40.39 -32.09 3.16
C SER B 345 -39.67 -31.88 1.84
N LEU B 346 -38.35 -32.15 1.80
CA LEU B 346 -37.53 -31.80 0.61
C LEU B 346 -37.99 -32.62 -0.61
N GLU B 347 -38.22 -33.89 -0.37
CA GLU B 347 -38.60 -34.83 -1.43
C GLU B 347 -39.95 -34.46 -2.00
N ALA B 348 -40.92 -34.20 -1.14
CA ALA B 348 -42.27 -33.79 -1.58
C ALA B 348 -42.32 -32.41 -2.28
N ASN B 349 -41.56 -31.44 -1.76
CA ASN B 349 -41.49 -30.13 -2.40
C ASN B 349 -40.84 -30.19 -3.79
N ALA B 350 -39.77 -30.98 -3.93
CA ALA B 350 -39.06 -31.08 -5.24
C ALA B 350 -39.91 -31.83 -6.26
N ARG B 351 -40.57 -32.87 -5.81
CA ARG B 351 -41.42 -33.64 -6.70
C ARG B 351 -42.57 -32.77 -7.22
N SER B 352 -43.15 -31.97 -6.35
CA SER B 352 -44.21 -31.06 -6.78
C SER B 352 -43.65 -30.00 -7.76
N PHE B 353 -42.49 -29.40 -7.45
CA PHE B 353 -41.86 -28.46 -8.38
C PHE B 353 -41.70 -29.04 -9.80
N PHE B 354 -41.01 -30.18 -9.87
CA PHE B 354 -40.71 -30.80 -11.14
C PHE B 354 -41.97 -31.27 -11.86
N GLY B 355 -42.95 -31.75 -11.09
CA GLY B 355 -44.21 -32.19 -11.67
C GLY B 355 -44.97 -31.02 -12.31
N GLY B 356 -44.95 -29.86 -11.67
CA GLY B 356 -45.52 -28.64 -12.28
C GLY B 356 -44.71 -28.18 -13.48
N PHE B 357 -43.39 -28.26 -13.37
CA PHE B 357 -42.49 -27.72 -14.40
C PHE B 357 -42.70 -28.39 -15.77
N GLY B 358 -42.83 -29.72 -15.80
CA GLY B 358 -42.96 -30.45 -17.07
C GLY B 358 -44.33 -30.31 -17.72
N ALA B 359 -45.31 -29.78 -16.97
CA ALA B 359 -46.73 -29.80 -17.39
C ALA B 359 -46.94 -29.19 -18.77
N LEU B 360 -46.47 -27.97 -18.97
CA LEU B 360 -46.71 -27.27 -20.21
C LEU B 360 -45.54 -27.34 -21.21
N ARG B 361 -44.63 -28.30 -21.01
CA ARG B 361 -43.44 -28.48 -21.87
C ARG B 361 -43.59 -29.65 -22.87
N GLY B 362 -42.70 -29.70 -23.88
CA GLY B 362 -42.60 -30.82 -24.83
C GLY B 362 -43.60 -30.83 -25.98
N SER C 21 -8.44 -5.78 -42.33
CA SER C 21 -7.23 -5.00 -42.72
C SER C 21 -7.23 -3.57 -42.13
N MET C 22 -6.63 -3.41 -40.96
CA MET C 22 -6.82 -2.18 -40.21
C MET C 22 -5.81 -1.08 -40.52
N LEU C 23 -6.31 0.14 -40.39
CA LEU C 23 -5.51 1.36 -40.40
C LEU C 23 -4.31 1.25 -39.45
N THR C 24 -3.11 1.48 -39.98
CA THR C 24 -1.91 1.58 -39.19
C THR C 24 -1.40 3.01 -39.31
N TYR C 25 -1.07 3.64 -38.19
CA TYR C 25 -0.63 5.02 -38.18
C TYR C 25 0.83 5.14 -37.70
N PHE C 26 1.63 5.91 -38.45
CA PHE C 26 3.03 6.06 -38.12
C PHE C 26 3.54 7.31 -38.78
N HIS C 27 4.22 8.14 -38.01
CA HIS C 27 4.77 9.40 -38.51
C HIS C 27 6.28 9.30 -38.66
N PRO C 28 6.82 9.73 -39.81
CA PRO C 28 8.25 9.51 -40.04
C PRO C 28 9.18 10.17 -39.02
N ASP C 29 8.77 11.31 -38.47
CA ASP C 29 9.50 11.95 -37.37
C ASP C 29 9.81 11.02 -36.17
N GLN C 30 9.06 9.93 -36.06
CA GLN C 30 9.23 9.04 -34.93
C GLN C 30 10.58 8.34 -34.95
N SER C 31 11.20 8.20 -36.12
CA SER C 31 12.56 7.59 -36.22
C SER C 31 13.67 8.54 -35.83
N LEU C 32 13.36 9.83 -35.72
CA LEU C 32 14.38 10.83 -35.40
C LEU C 32 14.97 10.67 -34.00
N HIS C 33 14.22 10.14 -33.05
CA HIS C 33 14.75 9.93 -31.70
C HIS C 33 15.73 8.74 -31.70
N HIS C 34 16.94 8.95 -31.18
CA HIS C 34 17.89 7.84 -30.97
C HIS C 34 19.05 8.24 -30.08
N PRO C 35 18.80 8.37 -28.77
CA PRO C 35 19.88 8.75 -27.90
C PRO C 35 20.80 7.57 -27.68
N ARG C 36 22.07 7.88 -27.40
CA ARG C 36 23.12 6.87 -27.19
C ARG C 36 23.27 6.54 -25.70
N THR C 37 22.82 7.42 -24.82
CA THR C 37 23.17 7.34 -23.38
C THR C 37 22.10 6.64 -22.55
N TYR C 38 22.44 5.50 -21.93
CA TYR C 38 21.50 4.80 -21.03
C TYR C 38 22.25 4.18 -19.86
N PHE C 39 21.68 4.34 -18.66
CA PHE C 39 22.32 3.90 -17.43
C PHE C 39 21.39 2.97 -16.67
N SER C 40 21.83 1.74 -16.47
CA SER C 40 20.97 0.74 -15.83
C SER C 40 21.77 -0.27 -15.06
N ARG C 41 21.16 -0.83 -14.02
CA ARG C 41 21.83 -1.82 -13.14
C ARG C 41 23.35 -1.67 -13.21
N GLY C 42 23.89 -0.64 -12.57
CA GLY C 42 25.34 -0.50 -12.42
C GLY C 42 26.18 0.05 -13.56
N ARG C 43 25.72 -0.01 -14.80
CA ARG C 43 26.57 0.43 -15.94
C ARG C 43 25.84 1.26 -17.02
N MET C 44 26.63 2.00 -17.79
CA MET C 44 26.14 2.54 -19.06
C MET C 44 25.94 1.34 -19.99
N ARG C 45 24.91 1.42 -20.83
CA ARG C 45 24.59 0.33 -21.72
C ARG C 45 24.23 0.82 -23.11
N MET C 46 24.29 -0.13 -24.06
CA MET C 46 23.97 0.10 -25.46
C MET C 46 22.46 0.22 -25.56
N PRO C 47 21.96 1.26 -26.26
CA PRO C 47 20.51 1.38 -26.49
C PRO C 47 19.87 0.11 -27.04
N GLN C 48 18.62 -0.11 -26.67
CA GLN C 48 17.86 -1.25 -27.16
C GLN C 48 16.59 -0.75 -27.89
N GLU C 49 16.11 0.41 -27.49
CA GLU C 49 14.93 0.98 -28.09
C GLU C 49 15.33 1.83 -29.29
N VAL C 50 15.73 1.15 -30.36
CA VAL C 50 16.34 1.77 -31.53
C VAL C 50 15.34 1.93 -32.65
N PRO C 51 15.53 2.93 -33.54
CA PRO C 51 14.56 3.20 -34.60
C PRO C 51 14.30 2.03 -35.57
N GLU C 52 15.23 1.08 -35.70
CA GLU C 52 15.00 -0.07 -36.58
C GLU C 52 13.82 -0.94 -36.11
N ARG C 53 13.48 -0.86 -34.81
CA ARG C 53 12.28 -1.53 -34.28
C ARG C 53 11.04 -1.15 -35.07
N ALA C 54 10.83 0.15 -35.28
CA ALA C 54 9.66 0.62 -36.03
C ALA C 54 9.77 0.30 -37.50
N ALA C 55 10.99 0.25 -38.03
CA ALA C 55 11.16 -0.03 -39.45
C ALA C 55 10.68 -1.45 -39.71
N ARG C 56 11.10 -2.38 -38.86
CA ARG C 56 10.74 -3.81 -38.98
C ARG C 56 9.24 -4.01 -38.89
N LEU C 57 8.59 -3.19 -38.06
CA LEU C 57 7.13 -3.28 -37.84
C LEU C 57 6.33 -2.64 -38.98
N VAL C 58 6.81 -1.49 -39.47
CA VAL C 58 6.23 -0.85 -40.68
C VAL C 58 6.26 -1.80 -41.87
N ALA C 59 7.37 -2.51 -42.00
CA ALA C 59 7.51 -3.55 -43.03
C ALA C 59 6.61 -4.75 -42.74
N ALA C 60 6.36 -5.06 -41.48
CA ALA C 60 5.40 -6.12 -41.15
C ALA C 60 4.00 -5.75 -41.64
N ALA C 61 3.58 -4.51 -41.34
CA ALA C 61 2.28 -4.01 -41.80
C ALA C 61 2.13 -4.10 -43.30
N PHE C 62 3.07 -3.53 -44.06
CA PHE C 62 3.00 -3.50 -45.52
C PHE C 62 2.88 -4.91 -46.09
N ALA C 63 3.63 -5.86 -45.50
CA ALA C 63 3.63 -7.26 -45.94
C ALA C 63 2.34 -7.99 -45.59
N MET C 64 1.51 -7.38 -44.75
CA MET C 64 0.17 -7.90 -44.44
C MET C 64 -0.92 -7.13 -45.19
N GLY C 65 -0.50 -6.13 -45.98
CA GLY C 65 -1.43 -5.31 -46.75
C GLY C 65 -2.22 -4.35 -45.91
N PHE C 66 -1.71 -4.02 -44.71
CA PHE C 66 -2.31 -3.02 -43.85
C PHE C 66 -1.94 -1.64 -44.42
N PRO C 67 -2.93 -0.71 -44.47
CA PRO C 67 -2.70 0.66 -44.96
C PRO C 67 -2.04 1.55 -43.91
N VAL C 68 -0.78 1.93 -44.14
CA VAL C 68 -0.02 2.79 -43.21
C VAL C 68 -0.30 4.27 -43.51
N ARG C 69 -0.80 5.04 -42.54
CA ARG C 69 -1.08 6.47 -42.77
C ARG C 69 -0.50 7.40 -41.69
N GLU C 70 0.19 8.44 -42.14
CA GLU C 70 0.60 9.56 -41.32
C GLU C 70 -0.55 10.18 -40.56
N PRO C 71 -0.40 10.32 -39.23
CA PRO C 71 -1.43 10.94 -38.39
C PRO C 71 -1.61 12.44 -38.59
N ASP C 72 -2.85 12.92 -38.47
CA ASP C 72 -3.15 14.36 -38.40
C ASP C 72 -2.56 14.94 -37.11
N ASP C 73 -2.49 16.27 -37.02
CA ASP C 73 -2.10 16.93 -35.78
C ASP C 73 -3.31 17.29 -34.89
N PHE C 74 -3.43 16.59 -33.77
CA PHE C 74 -4.49 16.83 -32.77
C PHE C 74 -4.11 17.83 -31.69
N GLY C 75 -2.87 18.31 -31.76
CA GLY C 75 -2.42 19.35 -30.88
C GLY C 75 -1.98 18.73 -29.58
N ILE C 76 -1.79 19.62 -28.60
CA ILE C 76 -1.19 19.31 -27.34
C ILE C 76 -2.23 19.00 -26.28
N ALA C 77 -3.44 19.51 -26.47
CA ALA C 77 -4.54 19.39 -25.50
C ALA C 77 -4.94 17.95 -25.05
N PRO C 78 -5.00 16.97 -25.99
CA PRO C 78 -5.28 15.58 -25.56
C PRO C 78 -4.07 14.88 -24.91
N ILE C 79 -2.88 15.45 -25.12
CA ILE C 79 -1.72 15.03 -24.35
C ILE C 79 -1.80 15.65 -22.95
N ALA C 80 -2.16 16.92 -22.87
CA ALA C 80 -2.27 17.61 -21.58
C ALA C 80 -3.50 17.16 -20.79
N ALA C 81 -4.43 16.47 -21.43
CA ALA C 81 -5.54 15.87 -20.69
C ALA C 81 -5.06 14.72 -19.80
N VAL C 82 -3.88 14.17 -20.10
CA VAL C 82 -3.33 13.06 -19.31
C VAL C 82 -2.18 13.55 -18.43
N HIS C 83 -1.27 14.32 -19.03
CA HIS C 83 -0.01 14.73 -18.42
C HIS C 83 -0.02 16.17 -17.89
N ASP C 84 0.79 16.37 -16.88
CA ASP C 84 0.94 17.64 -16.21
C ASP C 84 1.64 18.63 -17.11
N THR C 85 1.05 19.81 -17.30
CA THR C 85 1.62 20.81 -18.19
C THR C 85 3.06 21.22 -17.87
N HIS C 86 3.47 21.21 -16.60
CA HIS C 86 4.84 21.61 -16.26
C HIS C 86 5.80 20.55 -16.80
N TYR C 87 5.37 19.30 -16.81
CA TYR C 87 6.13 18.21 -17.40
C TYR C 87 6.25 18.33 -18.93
N LEU C 88 5.16 18.74 -19.58
CA LEU C 88 5.16 18.87 -21.03
C LEU C 88 6.13 19.98 -21.48
N ARG C 89 6.10 21.13 -20.82
CA ARG C 89 7.08 22.21 -21.09
C ARG C 89 8.52 21.76 -20.83
N PHE C 90 8.73 21.03 -19.75
CA PHE C 90 10.06 20.55 -19.45
C PHE C 90 10.53 19.75 -20.66
N LEU C 91 9.68 18.85 -21.14
CA LEU C 91 10.07 17.90 -22.19
C LEU C 91 10.51 18.61 -23.46
N GLU C 92 9.75 19.65 -23.81
CA GLU C 92 9.97 20.44 -25.02
C GLU C 92 11.22 21.32 -24.95
N THR C 93 11.60 21.80 -23.77
CA THR C 93 12.70 22.74 -23.63
C THR C 93 13.97 22.09 -23.07
N VAL C 94 13.86 20.92 -22.48
CA VAL C 94 15.01 20.43 -21.73
C VAL C 94 16.25 20.30 -22.62
N HIS C 95 16.11 19.86 -23.87
CA HIS C 95 17.33 19.70 -24.67
C HIS C 95 18.09 21.00 -24.88
N ARG C 96 17.32 22.04 -25.23
CA ARG C 96 17.81 23.40 -25.36
C ARG C 96 18.56 23.83 -24.11
N GLU C 97 17.90 23.71 -22.97
CA GLU C 97 18.47 24.11 -21.68
C GLU C 97 19.73 23.30 -21.33
N TRP C 98 19.78 22.03 -21.73
CA TRP C 98 20.95 21.21 -21.47
C TRP C 98 22.09 21.59 -22.41
N LYS C 99 21.76 22.08 -23.60
CA LYS C 99 22.76 22.48 -24.59
C LYS C 99 23.44 23.77 -24.15
N ALA C 100 22.71 24.61 -23.40
CA ALA C 100 23.25 25.87 -22.82
C ALA C 100 24.23 25.68 -21.64
N MET C 101 24.39 24.43 -21.19
CA MET C 101 25.23 24.07 -20.06
C MET C 101 26.57 23.55 -20.60
N PRO C 102 27.59 23.42 -19.74
CA PRO C 102 28.93 23.07 -20.24
C PRO C 102 28.97 21.87 -21.21
N GLU C 103 29.90 21.91 -22.16
CA GLU C 103 30.05 20.87 -23.19
C GLU C 103 30.16 19.51 -22.55
N ASP C 104 30.95 19.52 -21.50
CA ASP C 104 31.26 18.37 -20.66
C ASP C 104 30.04 17.60 -20.06
N TRP C 105 28.87 18.24 -19.99
CA TRP C 105 27.61 17.58 -19.59
C TRP C 105 27.08 16.67 -20.72
N GLY C 106 27.58 16.85 -21.94
CA GLY C 106 27.10 16.08 -23.08
C GLY C 106 25.84 16.68 -23.70
N ASP C 107 25.28 15.97 -24.68
CA ASP C 107 24.15 16.48 -25.46
C ASP C 107 22.81 15.85 -25.11
N GLU C 108 22.79 14.92 -24.17
CA GLU C 108 21.55 14.28 -23.76
C GLU C 108 21.22 14.58 -22.28
N ALA C 109 20.02 15.11 -22.06
CA ALA C 109 19.56 15.41 -20.71
C ALA C 109 19.22 14.10 -19.99
N MET C 110 19.75 13.93 -18.78
CA MET C 110 19.48 12.79 -17.92
C MET C 110 19.62 13.32 -16.49
N SER C 111 19.03 12.61 -15.55
CA SER C 111 19.08 13.00 -14.14
C SER C 111 20.22 12.26 -13.44
N ASN C 112 20.94 12.96 -12.58
CA ASN C 112 21.85 12.28 -11.67
C ASN C 112 21.52 12.58 -10.23
N ILE C 113 20.39 13.27 -10.03
CA ILE C 113 19.83 13.60 -8.71
C ILE C 113 18.39 13.09 -8.57
N PHE C 114 18.22 12.16 -7.64
CA PHE C 114 17.04 11.32 -7.61
C PHE C 114 16.00 11.81 -6.59
N VAL C 115 15.59 13.07 -6.71
CA VAL C 115 14.78 13.74 -5.70
C VAL C 115 13.64 14.51 -6.32
N ARG C 116 12.45 13.94 -6.20
CA ARG C 116 11.18 14.58 -6.49
C ARG C 116 10.90 15.74 -5.54
N GLU C 117 10.83 15.44 -4.23
CA GLU C 117 10.50 16.41 -3.17
C GLU C 117 11.39 16.17 -1.95
N PRO C 118 11.81 17.24 -1.23
CA PRO C 118 11.71 18.67 -1.60
C PRO C 118 12.62 19.03 -2.79
N ASN C 119 12.20 20.00 -3.58
CA ASN C 119 12.88 20.32 -4.86
C ASN C 119 12.37 21.68 -5.33
N ALA C 120 13.25 22.68 -5.31
CA ALA C 120 12.95 24.07 -5.66
C ALA C 120 12.70 24.32 -7.16
N LEU C 121 13.13 23.38 -7.99
CA LEU C 121 12.91 23.45 -9.45
C LEU C 121 13.47 24.76 -10.01
N ARG C 122 14.64 25.17 -9.54
CA ARG C 122 15.40 26.23 -10.16
C ARG C 122 16.57 25.57 -10.89
N GLY C 123 16.66 25.79 -12.20
CA GLY C 123 17.71 25.19 -13.03
C GLY C 123 17.31 23.87 -13.67
N VAL C 124 17.86 23.60 -14.84
CA VAL C 124 17.53 22.38 -15.58
C VAL C 124 17.98 21.11 -14.83
N LEU C 125 19.02 21.21 -14.00
CA LEU C 125 19.42 20.01 -13.24
C LEU C 125 18.32 19.61 -12.21
N ALA C 126 17.64 20.61 -11.67
CA ALA C 126 16.57 20.37 -10.71
C ALA C 126 15.29 19.88 -11.42
N GLN C 127 15.03 20.41 -12.62
CA GLN C 127 13.89 19.94 -13.41
C GLN C 127 14.06 18.47 -13.81
N ALA C 128 15.26 18.12 -14.23
CA ALA C 128 15.59 16.75 -14.62
C ALA C 128 15.40 15.80 -13.44
N ALA C 129 15.83 16.24 -12.26
CA ALA C 129 15.63 15.49 -11.04
C ALA C 129 14.15 15.15 -10.75
N ARG C 130 13.24 16.03 -11.12
CA ARG C 130 11.86 15.79 -10.85
C ARG C 130 11.23 14.99 -11.98
N HIS C 131 11.57 15.33 -13.22
CA HIS C 131 10.84 14.82 -14.39
C HIS C 131 11.43 13.61 -15.17
N LEU C 132 12.57 13.08 -14.74
CA LEU C 132 13.15 11.91 -15.34
C LEU C 132 13.36 10.89 -14.23
N ALA C 133 12.57 9.82 -14.27
CA ALA C 133 12.38 8.91 -13.13
C ALA C 133 13.30 7.68 -13.11
N ASP C 134 14.11 7.49 -14.16
CA ASP C 134 15.16 6.46 -14.10
C ASP C 134 16.26 6.80 -15.10
N GLY C 135 17.22 5.93 -15.27
CA GLY C 135 18.32 6.21 -16.19
C GLY C 135 18.05 5.78 -17.63
N SER C 136 16.82 5.42 -17.94
CA SER C 136 16.47 4.89 -19.24
C SER C 136 15.57 5.85 -20.00
N CYS C 137 15.60 7.14 -19.66
CA CYS C 137 14.82 8.16 -20.35
C CYS C 137 15.62 9.40 -20.82
N PRO C 138 16.81 9.19 -21.41
CA PRO C 138 17.60 10.36 -21.82
C PRO C 138 16.80 11.21 -22.78
N VAL C 139 16.98 12.52 -22.74
CA VAL C 139 16.33 13.40 -23.70
C VAL C 139 17.31 14.05 -24.69
N GLY C 140 17.37 13.53 -25.91
CA GLY C 140 18.20 14.06 -27.02
C GLY C 140 17.55 15.14 -27.89
N GLU C 141 18.23 15.52 -28.97
CA GLU C 141 17.78 16.66 -29.81
C GLU C 141 16.35 16.48 -30.34
N HIS C 142 16.02 15.27 -30.79
CA HIS C 142 14.70 15.03 -31.40
C HIS C 142 13.76 14.24 -30.51
N THR C 143 14.15 14.00 -29.27
CA THR C 143 13.29 13.21 -28.38
C THR C 143 11.88 13.75 -28.26
N TRP C 144 11.73 15.03 -28.00
CA TRP C 144 10.40 15.65 -27.86
C TRP C 144 9.57 15.46 -29.10
N ARG C 145 10.20 15.78 -30.24
CA ARG C 145 9.58 15.71 -31.54
C ARG C 145 9.07 14.30 -31.81
N ALA C 146 9.92 13.29 -31.59
CA ALA C 146 9.53 11.91 -31.89
C ALA C 146 8.41 11.45 -30.94
N ALA C 147 8.54 11.76 -29.66
CA ALA C 147 7.47 11.42 -28.71
C ALA C 147 6.17 12.18 -28.98
N TYR C 148 6.22 13.45 -29.38
CA TYR C 148 4.96 14.18 -29.73
C TYR C 148 4.22 13.44 -30.83
N TRP C 149 4.90 13.15 -31.95
CA TRP C 149 4.21 12.50 -33.07
C TRP C 149 3.85 11.03 -32.81
N SER C 150 4.54 10.37 -31.89
CA SER C 150 4.19 9.01 -31.43
C SER C 150 2.85 9.06 -30.74
N ALA C 151 2.69 10.08 -29.90
CA ALA C 151 1.40 10.35 -29.24
C ALA C 151 0.30 10.54 -30.27
N GLN C 152 0.63 11.29 -31.32
CA GLN C 152 -0.35 11.63 -32.36
C GLN C 152 -0.80 10.40 -33.18
N SER C 153 0.11 9.45 -33.41
CA SER C 153 -0.24 8.15 -33.96
C SER C 153 -1.32 7.46 -33.10
N ALA C 154 -1.07 7.39 -31.79
CA ALA C 154 -2.10 7.00 -30.85
C ALA C 154 -3.38 7.80 -30.99
N LEU C 155 -3.31 9.11 -31.03
CA LEU C 155 -4.55 9.90 -31.10
C LEU C 155 -5.27 9.72 -32.42
N ALA C 156 -4.50 9.41 -33.47
CA ALA C 156 -5.08 9.09 -34.77
C ALA C 156 -5.80 7.77 -34.69
N ALA C 157 -5.13 6.76 -34.11
CA ALA C 157 -5.74 5.42 -34.09
C ALA C 157 -7.04 5.42 -33.29
N ALA C 158 -7.11 6.32 -32.30
CA ALA C 158 -8.30 6.46 -31.44
C ALA C 158 -9.44 7.27 -32.05
N ALA C 159 -9.09 8.27 -32.85
CA ALA C 159 -10.02 9.10 -33.59
C ALA C 159 -10.81 8.26 -34.61
N ALA C 160 -10.07 7.45 -35.36
CA ALA C 160 -10.66 6.51 -36.28
C ALA C 160 -11.63 5.59 -35.52
N VAL C 161 -11.12 4.80 -34.58
CA VAL C 161 -11.97 3.84 -33.86
C VAL C 161 -13.23 4.52 -33.30
N ARG C 162 -13.03 5.69 -32.67
CA ARG C 162 -14.13 6.48 -32.10
C ARG C 162 -15.19 6.69 -33.17
N ASP C 163 -14.70 7.02 -34.38
CA ASP C 163 -15.53 7.22 -35.56
C ASP C 163 -16.07 5.94 -36.21
N GLY C 164 -15.50 4.77 -35.91
CA GLY C 164 -16.10 3.50 -36.37
C GLY C 164 -15.22 2.41 -36.99
N ALA C 165 -13.91 2.55 -36.94
CA ALA C 165 -13.06 1.44 -37.34
C ALA C 165 -13.19 0.38 -36.26
N PRO C 166 -13.43 -0.88 -36.66
CA PRO C 166 -13.51 -1.87 -35.59
C PRO C 166 -12.22 -1.84 -34.78
N ALA C 167 -11.12 -1.56 -35.44
CA ALA C 167 -9.84 -1.46 -34.79
C ALA C 167 -8.96 -0.42 -35.51
N ALA C 168 -7.73 -0.26 -35.04
CA ALA C 168 -6.75 0.69 -35.58
C ALA C 168 -5.46 0.44 -34.81
N TYR C 169 -4.34 0.43 -35.53
CA TYR C 169 -3.05 0.07 -34.96
C TYR C 169 -2.11 1.27 -34.88
N ALA C 170 -1.83 1.73 -33.67
CA ALA C 170 -0.94 2.90 -33.44
C ALA C 170 0.49 2.41 -33.38
N LEU C 171 1.28 2.67 -34.42
CA LEU C 171 2.63 2.14 -34.47
C LEU C 171 3.53 3.10 -33.67
N CYS C 172 3.31 3.09 -32.35
CA CYS C 172 3.98 4.03 -31.46
C CYS C 172 5.43 3.66 -31.25
N ARG C 173 6.26 4.68 -31.25
CA ARG C 173 7.68 4.58 -31.00
C ARG C 173 8.17 6.03 -30.97
N PRO C 174 8.78 6.45 -29.87
CA PRO C 174 9.01 5.61 -28.68
C PRO C 174 7.71 5.23 -27.96
N PRO C 175 7.78 4.15 -27.18
CA PRO C 175 6.68 3.62 -26.40
C PRO C 175 6.28 4.52 -25.26
N GLY C 176 5.24 4.14 -24.51
CA GLY C 176 4.55 5.07 -23.61
C GLY C 176 4.24 4.57 -22.21
N HIS C 177 4.10 3.28 -22.02
CA HIS C 177 3.48 2.83 -20.77
C HIS C 177 4.24 3.11 -19.44
N HIS C 178 5.51 3.53 -19.52
CA HIS C 178 6.24 3.81 -18.29
C HIS C 178 6.19 5.30 -17.93
N ALA C 179 5.60 6.11 -18.82
CA ALA C 179 5.52 7.55 -18.60
C ALA C 179 4.43 7.87 -17.59
N ARG C 180 4.85 8.45 -16.48
CA ARG C 180 3.95 8.91 -15.43
C ARG C 180 3.36 10.27 -15.78
N VAL C 181 2.41 10.71 -14.95
CA VAL C 181 1.69 11.96 -15.18
C VAL C 181 2.70 13.06 -15.42
N ASP C 182 3.77 13.01 -14.63
CA ASP C 182 4.69 14.10 -14.44
C ASP C 182 6.16 13.69 -14.68
N ALA C 183 6.38 12.54 -15.32
CA ALA C 183 7.76 12.05 -15.49
C ALA C 183 7.92 10.99 -16.57
N ALA C 184 9.07 11.07 -17.25
CA ALA C 184 9.49 10.08 -18.23
C ALA C 184 10.09 8.87 -17.51
N GLY C 185 10.21 7.75 -18.22
CA GLY C 185 10.93 6.60 -17.69
C GLY C 185 10.94 5.41 -18.62
N GLY C 186 11.91 4.49 -18.45
CA GLY C 186 11.93 3.22 -19.21
C GLY C 186 11.71 3.32 -20.72
N PHE C 187 12.39 4.27 -21.37
CA PHE C 187 12.30 4.54 -22.81
C PHE C 187 11.02 5.24 -23.24
N CYS C 188 10.14 5.55 -22.28
CA CYS C 188 8.87 6.22 -22.59
C CYS C 188 8.89 7.67 -22.12
N TYR C 189 8.20 8.55 -22.85
CA TYR C 189 8.17 9.97 -22.55
C TYR C 189 6.76 10.55 -22.53
N LEU C 190 5.89 10.09 -23.42
CA LEU C 190 4.49 10.40 -23.32
C LEU C 190 3.74 9.07 -23.38
N ASN C 191 2.70 8.98 -22.56
CA ASN C 191 1.99 7.73 -22.33
C ASN C 191 0.89 7.59 -23.37
N ASN C 192 1.30 7.06 -24.53
CA ASN C 192 0.44 6.89 -25.71
C ASN C 192 -0.90 6.17 -25.43
N ALA C 193 -0.84 5.07 -24.67
CA ALA C 193 -2.01 4.28 -24.41
C ALA C 193 -3.02 5.02 -23.54
N ALA C 194 -2.52 5.80 -22.58
CA ALA C 194 -3.37 6.59 -21.70
C ALA C 194 -3.98 7.79 -22.42
N ILE C 195 -3.24 8.36 -23.36
CA ILE C 195 -3.77 9.46 -24.16
C ILE C 195 -4.91 8.94 -25.02
N ALA C 196 -4.71 7.77 -25.60
CA ALA C 196 -5.76 7.11 -26.39
C ALA C 196 -6.98 6.86 -25.53
N ALA C 197 -6.76 6.30 -24.34
CA ALA C 197 -7.90 5.91 -23.48
C ALA C 197 -8.75 7.13 -23.19
N GLN C 198 -8.11 8.20 -22.76
CA GLN C 198 -8.77 9.47 -22.47
C GLN C 198 -9.51 10.09 -23.67
N ALA C 199 -8.94 10.02 -24.87
CA ALA C 199 -9.68 10.44 -26.09
C ALA C 199 -10.90 9.55 -26.43
N LEU C 200 -10.85 8.26 -26.12
CA LEU C 200 -11.99 7.37 -26.35
C LEU C 200 -13.14 7.71 -25.40
N ARG C 201 -12.81 8.20 -24.19
CA ARG C 201 -13.82 8.53 -23.18
C ARG C 201 -14.75 9.68 -23.57
N ALA C 202 -14.46 10.31 -24.70
CA ALA C 202 -15.26 11.41 -25.21
C ALA C 202 -16.59 10.88 -25.78
N ARG C 203 -16.54 9.67 -26.36
CA ARG C 203 -17.74 8.97 -26.80
C ARG C 203 -18.16 7.92 -25.75
N HIS C 204 -17.27 6.98 -25.45
CA HIS C 204 -17.59 5.81 -24.61
C HIS C 204 -17.41 6.02 -23.09
N ALA C 205 -18.47 5.73 -22.31
CA ALA C 205 -18.47 5.93 -20.84
C ALA C 205 -17.44 5.08 -20.05
N ARG C 206 -17.15 3.87 -20.52
CA ARG C 206 -16.18 2.96 -19.87
C ARG C 206 -15.15 2.47 -20.87
N VAL C 207 -13.85 2.64 -20.56
CA VAL C 207 -12.75 2.14 -21.41
C VAL C 207 -11.80 1.25 -20.63
N ALA C 208 -11.41 0.11 -21.19
CA ALA C 208 -10.44 -0.73 -20.51
C ALA C 208 -9.12 -0.57 -21.25
N VAL C 209 -8.01 -0.70 -20.52
CA VAL C 209 -6.68 -0.81 -21.07
C VAL C 209 -6.07 -2.13 -20.60
N LEU C 210 -5.68 -3.01 -21.52
CA LEU C 210 -4.96 -4.24 -21.16
C LEU C 210 -3.55 -4.14 -21.69
N ASP C 211 -2.58 -4.46 -20.85
CA ASP C 211 -1.17 -4.23 -21.17
C ASP C 211 -0.42 -5.56 -21.06
N THR C 212 -0.04 -6.15 -22.19
CA THR C 212 0.56 -7.48 -22.21
C THR C 212 2.09 -7.50 -22.42
N ASP C 213 2.67 -6.32 -22.45
CA ASP C 213 4.11 -6.15 -22.63
C ASP C 213 4.82 -6.83 -21.43
N MET C 214 6.08 -7.23 -21.60
CA MET C 214 6.81 -7.92 -20.53
C MET C 214 6.91 -7.13 -19.20
N HIS C 215 6.83 -5.81 -19.26
CA HIS C 215 7.03 -4.97 -18.10
C HIS C 215 5.72 -4.30 -17.70
N HIS C 216 5.56 -4.11 -16.38
CA HIS C 216 4.41 -3.40 -15.83
C HIS C 216 4.34 -1.93 -16.28
N GLY C 217 3.17 -1.52 -16.76
CA GLY C 217 2.99 -0.13 -17.15
C GLY C 217 2.70 0.82 -16.03
N GLN C 218 3.69 1.10 -15.20
CA GLN C 218 3.42 1.87 -13.98
C GLN C 218 2.92 3.27 -14.30
N GLY C 219 3.30 3.79 -15.46
CA GLY C 219 2.74 5.03 -15.91
C GLY C 219 1.23 4.97 -16.04
N ILE C 220 0.70 3.88 -16.59
CA ILE C 220 -0.75 3.84 -16.87
C ILE C 220 -1.47 3.68 -15.57
N GLN C 221 -0.95 2.78 -14.73
CA GLN C 221 -1.48 2.57 -13.37
C GLN C 221 -1.65 3.89 -12.61
N GLU C 222 -0.57 4.66 -12.50
CA GLU C 222 -0.64 5.93 -11.82
C GLU C 222 -1.73 6.85 -12.39
N ILE C 223 -1.81 6.95 -13.71
CA ILE C 223 -2.64 7.98 -14.35
C ILE C 223 -4.11 7.81 -13.97
N PHE C 224 -4.55 6.55 -13.94
CA PHE C 224 -5.93 6.20 -13.65
C PHE C 224 -6.15 5.60 -12.24
N TYR C 225 -5.20 5.75 -11.32
CA TYR C 225 -5.23 4.96 -10.09
C TYR C 225 -6.50 5.18 -9.25
N ALA C 226 -6.93 6.44 -9.22
CA ALA C 226 -8.03 6.93 -8.43
C ALA C 226 -9.34 6.98 -9.24
N ARG C 227 -9.34 6.38 -10.43
CA ARG C 227 -10.51 6.47 -11.34
C ARG C 227 -11.13 5.10 -11.58
N ARG C 228 -12.46 5.07 -11.77
CA ARG C 228 -13.21 3.83 -12.14
C ARG C 228 -13.74 3.81 -13.57
N ASP C 229 -13.61 4.92 -14.27
CA ASP C 229 -14.10 5.01 -15.63
C ASP C 229 -13.13 4.36 -16.61
N VAL C 230 -11.86 4.28 -16.24
CA VAL C 230 -10.87 3.56 -17.03
C VAL C 230 -10.27 2.49 -16.15
N LEU C 231 -10.34 1.25 -16.61
CA LEU C 231 -9.81 0.09 -15.94
C LEU C 231 -8.42 -0.12 -16.45
N TYR C 232 -7.50 -0.54 -15.58
CA TYR C 232 -6.17 -0.96 -16.00
C TYR C 232 -5.88 -2.38 -15.56
N VAL C 233 -5.48 -3.22 -16.54
CA VAL C 233 -5.11 -4.60 -16.31
C VAL C 233 -3.75 -4.85 -16.98
N SER C 234 -2.76 -5.26 -16.19
CA SER C 234 -1.42 -5.55 -16.69
C SER C 234 -0.87 -6.96 -16.36
N ILE C 235 -0.34 -7.64 -17.40
CA ILE C 235 0.34 -8.94 -17.30
C ILE C 235 1.84 -8.73 -17.50
N HIS C 236 2.68 -9.21 -16.60
CA HIS C 236 4.13 -8.89 -16.69
C HIS C 236 5.03 -9.74 -15.81
N GLY C 237 6.33 -9.60 -16.00
CA GLY C 237 7.30 -10.24 -15.15
C GLY C 237 7.23 -9.69 -13.75
N ASP C 238 7.44 -10.54 -12.76
CA ASP C 238 7.54 -10.14 -11.34
C ASP C 238 8.56 -8.97 -11.20
N PRO C 239 8.11 -7.79 -10.74
CA PRO C 239 9.00 -6.64 -10.66
C PRO C 239 10.14 -6.73 -9.64
N THR C 240 10.10 -7.70 -8.74
CA THR C 240 11.22 -7.97 -7.86
C THR C 240 12.45 -7.99 -8.73
N ASN C 241 13.40 -7.06 -8.47
CA ASN C 241 14.61 -6.87 -9.26
C ASN C 241 14.44 -6.89 -10.79
N PHE C 242 13.32 -6.35 -11.26
CA PHE C 242 13.01 -6.35 -12.66
C PHE C 242 12.22 -5.10 -13.00
N TYR C 243 12.65 -4.36 -14.03
CA TYR C 243 11.98 -3.08 -14.34
C TYR C 243 10.46 -3.27 -14.39
N PRO C 244 9.70 -2.33 -13.80
CA PRO C 244 9.96 -1.04 -13.16
C PRO C 244 10.46 -1.12 -11.70
N ALA C 245 10.49 -2.33 -11.12
CA ALA C 245 11.18 -2.59 -9.86
C ALA C 245 10.45 -2.11 -8.63
N VAL C 246 9.80 -0.95 -8.67
CA VAL C 246 9.22 -0.37 -7.47
C VAL C 246 7.69 -0.49 -7.47
N ALA C 247 7.11 -0.96 -8.58
CA ALA C 247 5.66 -1.10 -8.68
C ALA C 247 5.34 -2.28 -9.56
N GLY C 248 4.07 -2.69 -9.55
CA GLY C 248 3.57 -3.80 -10.36
C GLY C 248 3.11 -5.00 -9.57
N PHE C 249 3.13 -4.88 -8.25
CA PHE C 249 2.76 -5.98 -7.39
C PHE C 249 1.25 -6.15 -7.33
N ASP C 250 0.78 -7.37 -7.14
CA ASP C 250 -0.67 -7.64 -7.14
C ASP C 250 -1.49 -6.98 -6.03
N ASP C 251 -0.83 -6.38 -5.02
CA ASP C 251 -1.58 -5.75 -3.92
C ASP C 251 -1.95 -4.29 -4.24
N GLU C 252 -1.55 -3.80 -5.42
CA GLU C 252 -1.90 -2.45 -5.86
C GLU C 252 -3.21 -2.54 -6.63
N ARG C 253 -4.31 -2.12 -6.02
CA ARG C 253 -5.65 -2.32 -6.57
C ARG C 253 -6.43 -1.01 -6.71
N GLY C 254 -5.73 0.11 -6.60
CA GLY C 254 -6.33 1.41 -6.83
C GLY C 254 -6.62 2.13 -5.54
N ALA C 255 -7.23 3.29 -5.66
CA ALA C 255 -7.39 4.22 -4.55
C ALA C 255 -8.73 4.93 -4.74
N GLY C 256 -9.44 5.20 -3.64
CA GLY C 256 -10.70 5.96 -3.70
C GLY C 256 -11.77 5.32 -4.58
N GLU C 257 -12.43 6.13 -5.41
CA GLU C 257 -13.34 5.63 -6.47
C GLU C 257 -12.74 4.46 -7.27
N GLY C 258 -11.41 4.47 -7.43
CA GLY C 258 -10.73 3.49 -8.27
C GLY C 258 -10.27 2.24 -7.56
N LEU C 259 -10.69 2.07 -6.31
CA LEU C 259 -10.36 0.84 -5.58
C LEU C 259 -11.09 -0.34 -6.24
N GLY C 260 -10.37 -1.43 -6.49
CA GLY C 260 -10.84 -2.52 -7.36
C GLY C 260 -10.83 -2.33 -8.89
N TYR C 261 -10.22 -1.25 -9.41
CA TYR C 261 -10.17 -1.01 -10.89
C TYR C 261 -8.73 -0.94 -11.42
N ASN C 262 -7.82 -1.52 -10.67
CA ASN C 262 -6.43 -1.69 -11.12
C ASN C 262 -6.07 -3.13 -10.80
N VAL C 263 -5.63 -3.89 -11.79
CA VAL C 263 -5.34 -5.29 -11.61
C VAL C 263 -4.00 -5.62 -12.23
N ASN C 264 -3.07 -6.01 -11.39
CA ASN C 264 -1.75 -6.43 -11.79
C ASN C 264 -1.64 -7.97 -11.71
N LEU C 265 -1.18 -8.57 -12.80
CA LEU C 265 -1.05 -10.02 -12.94
C LEU C 265 0.41 -10.40 -13.21
N PRO C 266 1.27 -10.28 -12.18
CA PRO C 266 2.68 -10.58 -12.35
C PRO C 266 2.94 -12.08 -12.57
N MET C 267 4.08 -12.44 -13.13
CA MET C 267 4.42 -13.88 -13.32
C MET C 267 5.84 -14.15 -12.86
N PRO C 268 6.08 -15.28 -12.18
CA PRO C 268 7.46 -15.58 -11.77
C PRO C 268 8.42 -15.46 -12.95
N HIS C 269 9.67 -15.07 -12.69
CA HIS C 269 10.72 -15.11 -13.73
C HIS C 269 10.94 -16.56 -14.14
N GLY C 270 11.28 -16.77 -15.41
CA GLY C 270 11.53 -18.12 -15.95
C GLY C 270 10.27 -18.94 -16.32
N SER C 271 9.15 -18.24 -16.52
CA SER C 271 7.83 -18.87 -16.67
C SER C 271 7.53 -19.27 -18.10
N SER C 272 6.55 -20.16 -18.22
CA SER C 272 6.23 -20.89 -19.44
C SER C 272 5.18 -20.16 -20.23
N GLU C 273 5.03 -20.54 -21.50
CA GLU C 273 3.93 -20.04 -22.31
C GLU C 273 2.58 -20.38 -21.67
N ALA C 274 2.51 -21.53 -20.99
CA ALA C 274 1.31 -21.90 -20.23
C ALA C 274 0.98 -20.81 -19.20
N ALA C 275 1.94 -20.49 -18.34
CA ALA C 275 1.71 -19.47 -17.31
C ALA C 275 1.08 -18.22 -17.93
N PHE C 276 1.63 -17.76 -19.06
CA PHE C 276 1.18 -16.50 -19.68
C PHE C 276 -0.31 -16.52 -19.98
N PHE C 277 -0.78 -17.65 -20.49
CA PHE C 277 -2.18 -17.73 -20.92
C PHE C 277 -3.13 -17.99 -19.78
N GLU C 278 -2.66 -18.61 -18.69
CA GLU C 278 -3.37 -18.52 -17.42
C GLU C 278 -3.70 -17.02 -17.10
N ARG C 279 -2.69 -16.15 -17.19
CA ARG C 279 -2.88 -14.74 -16.88
C ARG C 279 -3.83 -14.02 -17.83
N VAL C 280 -3.83 -14.39 -19.10
CA VAL C 280 -4.77 -13.78 -20.06
C VAL C 280 -6.17 -14.15 -19.63
N ASP C 281 -6.36 -15.43 -19.34
CA ASP C 281 -7.63 -15.91 -18.77
C ASP C 281 -8.13 -15.02 -17.62
N ASP C 282 -7.25 -14.68 -16.68
CA ASP C 282 -7.64 -13.74 -15.62
C ASP C 282 -8.05 -12.37 -16.15
N ALA C 283 -7.30 -11.84 -17.12
CA ALA C 283 -7.60 -10.50 -17.66
C ALA C 283 -8.98 -10.46 -18.28
N LEU C 284 -9.29 -11.50 -19.05
CA LEU C 284 -10.58 -11.62 -19.74
C LEU C 284 -11.77 -11.69 -18.73
N ARG C 285 -11.56 -12.35 -17.59
CA ARG C 285 -12.53 -12.33 -16.48
C ARG C 285 -12.77 -10.88 -16.05
N GLU C 286 -11.68 -10.13 -15.85
CA GLU C 286 -11.77 -8.73 -15.38
C GLU C 286 -12.45 -7.83 -16.39
N LEU C 287 -12.15 -8.05 -17.66
CA LEU C 287 -12.77 -7.26 -18.74
C LEU C 287 -14.26 -7.58 -18.86
N ARG C 288 -14.61 -8.85 -18.81
CA ARG C 288 -16.02 -9.21 -18.81
C ARG C 288 -16.80 -8.51 -17.67
N ARG C 289 -16.26 -8.54 -16.44
CA ARG C 289 -16.97 -7.92 -15.29
C ARG C 289 -17.12 -6.40 -15.41
N PHE C 290 -16.04 -5.76 -15.82
CA PHE C 290 -16.05 -4.34 -16.16
C PHE C 290 -16.97 -3.96 -17.34
N ALA C 291 -17.09 -4.82 -18.33
CA ALA C 291 -17.91 -4.54 -19.54
C ALA C 291 -17.63 -3.17 -20.16
N PRO C 292 -16.39 -2.98 -20.67
CA PRO C 292 -15.93 -1.77 -21.29
C PRO C 292 -16.61 -1.62 -22.61
N ASP C 293 -16.81 -0.38 -23.02
CA ASP C 293 -17.34 -0.05 -24.34
C ASP C 293 -16.23 0.04 -25.38
N ALA C 294 -14.99 0.28 -24.95
CA ALA C 294 -13.85 0.20 -25.86
C ALA C 294 -12.62 -0.31 -25.13
N LEU C 295 -11.67 -0.83 -25.90
CA LEU C 295 -10.47 -1.47 -25.37
C LEU C 295 -9.26 -0.80 -26.02
N VAL C 296 -8.26 -0.45 -25.19
CA VAL C 296 -6.93 -0.09 -25.66
C VAL C 296 -6.01 -1.22 -25.25
N LEU C 297 -5.32 -1.82 -26.20
CA LEU C 297 -4.35 -2.90 -25.93
C LEU C 297 -2.92 -2.44 -26.09
N SER C 298 -2.15 -2.38 -24.99
CA SER C 298 -0.73 -2.07 -25.01
C SER C 298 0.05 -3.35 -25.27
N LEU C 299 0.59 -3.45 -26.48
CA LEU C 299 1.12 -4.69 -26.98
C LEU C 299 2.63 -4.62 -27.01
N GLY C 300 3.28 -5.63 -26.45
CA GLY C 300 4.71 -5.69 -26.45
C GLY C 300 5.12 -7.05 -26.99
N PHE C 301 6.22 -7.07 -27.77
CA PHE C 301 6.76 -8.35 -28.24
C PHE C 301 7.93 -8.83 -27.40
N ASP C 302 8.17 -8.17 -26.26
CA ASP C 302 9.26 -8.58 -25.37
C ASP C 302 8.87 -9.67 -24.40
N VAL C 303 7.73 -10.33 -24.66
CA VAL C 303 7.41 -11.58 -24.00
C VAL C 303 8.01 -12.78 -24.78
N TYR C 304 8.36 -12.58 -26.05
CA TYR C 304 9.04 -13.61 -26.87
C TYR C 304 10.23 -14.24 -26.17
N ARG C 305 10.26 -15.57 -26.17
CA ARG C 305 11.36 -16.40 -25.63
C ARG C 305 12.74 -15.78 -25.76
N ASP C 306 13.12 -15.41 -26.99
CA ASP C 306 14.48 -14.96 -27.28
C ASP C 306 14.76 -13.45 -27.04
N ASP C 307 13.73 -12.66 -26.73
CA ASP C 307 13.98 -11.24 -26.43
C ASP C 307 14.91 -11.17 -25.21
N PRO C 308 15.94 -10.29 -25.26
CA PRO C 308 16.92 -10.26 -24.16
C PRO C 308 16.33 -9.78 -22.84
N GLN C 309 15.25 -9.01 -22.92
CA GLN C 309 14.55 -8.54 -21.75
C GLN C 309 13.40 -9.50 -21.36
N SER C 310 13.37 -10.72 -21.91
CA SER C 310 12.23 -11.62 -21.66
C SER C 310 12.35 -12.42 -20.38
N GLN C 311 11.23 -12.58 -19.67
CA GLN C 311 11.16 -13.48 -18.51
C GLN C 311 10.02 -14.49 -18.60
N VAL C 312 9.47 -14.63 -19.81
CA VAL C 312 8.45 -15.63 -20.10
C VAL C 312 8.68 -16.21 -21.53
N ALA C 313 8.30 -17.47 -21.71
CA ALA C 313 8.69 -18.25 -22.89
C ALA C 313 7.57 -18.29 -23.92
N VAL C 314 7.17 -17.12 -24.40
CA VAL C 314 6.09 -17.04 -25.38
C VAL C 314 6.61 -17.17 -26.82
N THR C 315 5.82 -17.85 -27.64
CA THR C 315 6.18 -18.24 -29.01
C THR C 315 5.40 -17.45 -30.04
N THR C 316 5.87 -17.54 -31.28
CA THR C 316 5.29 -16.84 -32.43
C THR C 316 3.82 -17.24 -32.66
N ASP C 317 3.51 -18.52 -32.52
CA ASP C 317 2.10 -18.99 -32.52
C ASP C 317 1.34 -18.39 -31.33
N GLY C 318 2.04 -18.24 -30.20
CA GLY C 318 1.47 -17.60 -29.01
C GLY C 318 0.83 -16.26 -29.33
N PHE C 319 1.52 -15.43 -30.12
CA PHE C 319 0.99 -14.11 -30.42
C PHE C 319 -0.30 -14.25 -31.21
N GLY C 320 -0.33 -15.25 -32.09
CA GLY C 320 -1.54 -15.61 -32.82
C GLY C 320 -2.63 -16.00 -31.86
N ARG C 321 -2.28 -16.85 -30.90
CA ARG C 321 -3.22 -17.28 -29.85
C ARG C 321 -3.73 -16.08 -29.04
N LEU C 322 -2.83 -15.15 -28.71
CA LEU C 322 -3.21 -13.94 -27.97
C LEU C 322 -4.11 -13.07 -28.81
N GLY C 323 -3.70 -12.85 -30.05
CA GLY C 323 -4.49 -12.07 -31.02
C GLY C 323 -5.90 -12.60 -31.23
N HIS C 324 -6.01 -13.90 -31.46
CA HIS C 324 -7.35 -14.53 -31.59
C HIS C 324 -8.22 -14.21 -30.39
N LEU C 325 -7.65 -14.40 -29.22
CA LEU C 325 -8.36 -14.19 -27.96
C LEU C 325 -8.90 -12.77 -27.80
N ILE C 326 -8.06 -11.78 -28.10
CA ILE C 326 -8.47 -10.38 -27.93
C ILE C 326 -9.38 -9.95 -29.08
N GLY C 327 -9.06 -10.47 -30.27
CA GLY C 327 -9.90 -10.25 -31.43
C GLY C 327 -11.29 -10.82 -31.18
N ALA C 328 -11.37 -11.97 -30.53
CA ALA C 328 -12.66 -12.64 -30.30
C ALA C 328 -13.61 -11.80 -29.45
N LEU C 329 -13.08 -10.92 -28.61
CA LEU C 329 -13.91 -10.04 -27.78
C LEU C 329 -14.81 -9.13 -28.59
N ARG C 330 -14.39 -8.84 -29.82
CA ARG C 330 -15.22 -8.07 -30.74
C ARG C 330 -15.55 -6.67 -30.21
N LEU C 331 -14.55 -5.99 -29.65
CA LEU C 331 -14.71 -4.63 -29.13
C LEU C 331 -14.01 -3.61 -30.02
N PRO C 332 -14.54 -2.37 -30.06
CA PRO C 332 -13.78 -1.25 -30.61
C PRO C 332 -12.42 -1.18 -29.93
N THR C 333 -11.36 -1.36 -30.71
CA THR C 333 -10.05 -1.70 -30.17
C THR C 333 -8.93 -0.89 -30.80
N VAL C 334 -8.13 -0.23 -29.96
CA VAL C 334 -6.93 0.46 -30.40
C VAL C 334 -5.72 -0.33 -29.92
N ILE C 335 -4.87 -0.77 -30.85
CA ILE C 335 -3.68 -1.49 -30.47
C ILE C 335 -2.54 -0.48 -30.41
N VAL C 336 -1.94 -0.33 -29.23
CA VAL C 336 -0.82 0.57 -29.02
C VAL C 336 0.47 -0.20 -28.87
N GLN C 337 1.46 0.13 -29.70
CA GLN C 337 2.71 -0.59 -29.67
C GLN C 337 3.51 -0.12 -28.48
N GLU C 338 4.09 -1.06 -27.74
CA GLU C 338 5.00 -0.78 -26.63
C GLU C 338 6.38 -1.40 -26.93
N GLY C 339 6.85 -2.32 -26.09
CA GLY C 339 8.17 -2.92 -26.23
C GLY C 339 8.25 -4.02 -27.26
N GLY C 340 9.41 -4.67 -27.33
CA GLY C 340 9.78 -5.54 -28.46
C GLY C 340 11.12 -5.14 -29.06
N TYR C 341 12.18 -5.83 -28.66
CA TYR C 341 13.54 -5.38 -28.92
C TYR C 341 14.44 -6.39 -29.69
N HIS C 342 13.98 -7.64 -29.87
CA HIS C 342 14.68 -8.64 -30.71
C HIS C 342 14.36 -8.35 -32.17
N ILE C 343 15.24 -7.59 -32.83
CA ILE C 343 14.94 -7.00 -34.15
C ILE C 343 14.60 -8.08 -35.20
N GLU C 344 15.31 -9.20 -35.15
CA GLU C 344 15.20 -10.27 -36.17
C GLU C 344 13.87 -11.04 -36.23
N SER C 345 13.04 -10.94 -35.19
CA SER C 345 11.75 -11.65 -35.10
C SER C 345 10.53 -10.74 -35.07
N LEU C 346 10.74 -9.42 -35.08
CA LEU C 346 9.60 -8.52 -34.93
C LEU C 346 8.59 -8.80 -36.02
N GLU C 347 9.05 -8.86 -37.27
CA GLU C 347 8.16 -9.13 -38.42
C GLU C 347 7.30 -10.34 -38.18
N ALA C 348 7.97 -11.47 -37.94
CA ALA C 348 7.33 -12.78 -37.77
C ALA C 348 6.41 -12.84 -36.56
N ASN C 349 6.88 -12.34 -35.41
CA ASN C 349 6.02 -12.28 -34.22
C ASN C 349 4.86 -11.32 -34.51
N ALA C 350 5.11 -10.24 -35.24
CA ALA C 350 4.05 -9.26 -35.52
C ALA C 350 2.99 -9.83 -36.50
N ARG C 351 3.41 -10.65 -37.46
CA ARG C 351 2.47 -11.16 -38.46
C ARG C 351 1.53 -12.14 -37.79
N SER C 352 2.11 -13.01 -36.95
CA SER C 352 1.33 -14.00 -36.26
C SER C 352 0.31 -13.36 -35.37
N PHE C 353 0.65 -12.23 -34.75
CA PHE C 353 -0.29 -11.63 -33.82
C PHE C 353 -1.53 -11.16 -34.56
N PHE C 354 -1.31 -10.32 -35.56
CA PHE C 354 -2.39 -9.73 -36.34
C PHE C 354 -3.22 -10.73 -37.17
N GLY C 355 -2.62 -11.85 -37.55
CA GLY C 355 -3.36 -12.92 -38.19
C GLY C 355 -4.40 -13.42 -37.20
N GLY C 356 -3.93 -13.86 -36.05
CA GLY C 356 -4.83 -14.31 -34.99
C GLY C 356 -5.96 -13.32 -34.78
N PHE C 357 -5.62 -12.03 -34.75
CA PHE C 357 -6.56 -10.96 -34.41
C PHE C 357 -7.72 -10.87 -35.41
N SER D 21 48.07 21.48 21.82
CA SER D 21 47.78 21.23 20.39
C SER D 21 46.31 20.75 20.26
N MET D 22 46.00 19.85 19.35
CA MET D 22 44.61 19.41 19.18
C MET D 22 44.47 17.94 18.93
N LEU D 23 43.65 17.29 19.72
CA LEU D 23 43.29 15.89 19.50
C LEU D 23 42.72 15.69 18.10
N THR D 24 43.27 14.73 17.36
CA THR D 24 42.78 14.36 16.03
C THR D 24 42.43 12.88 16.01
N TYR D 25 41.24 12.56 15.49
CA TYR D 25 40.72 11.20 15.49
C TYR D 25 40.57 10.67 14.08
N PHE D 26 41.07 9.45 13.88
CA PHE D 26 41.05 8.77 12.58
C PHE D 26 41.24 7.25 12.79
N HIS D 27 40.45 6.43 12.09
CA HIS D 27 40.48 4.97 12.16
C HIS D 27 40.88 4.45 10.80
N PRO D 28 41.87 3.53 10.74
CA PRO D 28 42.44 3.08 9.47
C PRO D 28 41.42 2.41 8.55
N ASP D 29 40.40 1.80 9.13
CA ASP D 29 39.34 1.26 8.32
C ASP D 29 38.70 2.33 7.39
N GLN D 30 38.85 3.61 7.72
CA GLN D 30 38.32 4.71 6.88
C GLN D 30 39.00 4.77 5.51
N SER D 31 40.24 4.26 5.48
CA SER D 31 41.01 4.21 4.24
C SER D 31 40.49 3.17 3.26
N LEU D 32 39.71 2.19 3.72
CA LEU D 32 39.32 1.04 2.86
C LEU D 32 38.24 1.29 1.79
N HIS D 33 37.39 2.31 1.97
CA HIS D 33 36.42 2.68 0.93
C HIS D 33 37.19 3.33 -0.25
N HIS D 34 36.99 2.80 -1.46
CA HIS D 34 37.54 3.39 -2.66
CA HIS D 34 37.53 3.41 -2.69
C HIS D 34 36.74 2.96 -3.90
N PRO D 35 35.55 3.53 -4.09
CA PRO D 35 34.78 3.12 -5.25
C PRO D 35 35.21 3.81 -6.55
N ARG D 36 34.83 3.18 -7.66
CA ARG D 36 35.25 3.57 -8.99
C ARG D 36 34.12 4.16 -9.84
N THR D 37 32.87 3.89 -9.47
CA THR D 37 31.75 4.19 -10.35
C THR D 37 30.98 5.37 -9.84
N TYR D 38 31.08 6.51 -10.54
CA TYR D 38 30.31 7.73 -10.23
C TYR D 38 29.64 8.25 -11.49
N PHE D 39 28.33 8.53 -11.40
CA PHE D 39 27.58 9.10 -12.52
C PHE D 39 27.07 10.48 -12.12
N SER D 40 27.40 11.46 -12.95
CA SER D 40 27.00 12.83 -12.72
C SER D 40 26.99 13.63 -14.04
N ARG D 41 25.97 14.48 -14.19
CA ARG D 41 25.84 15.41 -15.32
C ARG D 41 26.18 14.76 -16.65
N GLY D 42 25.40 13.74 -17.01
CA GLY D 42 25.47 13.16 -18.33
C GLY D 42 26.47 12.04 -18.54
N ARG D 43 27.42 11.87 -17.62
CA ARG D 43 28.51 10.92 -17.84
C ARG D 43 28.98 10.23 -16.56
N MET D 44 29.61 9.06 -16.73
CA MET D 44 30.45 8.46 -15.70
C MET D 44 31.69 9.32 -15.51
N ARG D 45 32.04 9.61 -14.27
CA ARG D 45 33.18 10.44 -14.00
C ARG D 45 34.21 9.74 -13.13
N MET D 46 35.39 10.32 -13.10
CA MET D 46 36.49 9.86 -12.26
C MET D 46 36.20 10.17 -10.79
N PRO D 47 36.42 9.18 -9.92
CA PRO D 47 36.31 9.36 -8.47
C PRO D 47 37.19 10.47 -7.94
N GLN D 48 36.64 11.26 -7.04
CA GLN D 48 37.39 12.33 -6.38
C GLN D 48 37.61 12.04 -4.89
N GLU D 49 36.61 11.44 -4.25
CA GLU D 49 36.67 11.14 -2.83
C GLU D 49 37.52 9.89 -2.57
N VAL D 50 38.83 10.07 -2.60
CA VAL D 50 39.76 8.94 -2.62
C VAL D 50 40.53 8.79 -1.31
N PRO D 51 41.00 7.54 -1.01
CA PRO D 51 41.76 7.28 0.24
C PRO D 51 42.95 8.24 0.50
N GLU D 52 43.54 8.72 -0.59
CA GLU D 52 44.66 9.66 -0.54
C GLU D 52 44.33 10.95 0.21
N ARG D 53 43.06 11.36 0.20
CA ARG D 53 42.66 12.60 0.83
C ARG D 53 42.98 12.52 2.31
N ALA D 54 42.67 11.36 2.90
CA ALA D 54 42.99 11.08 4.30
C ALA D 54 44.50 11.13 4.61
N ALA D 55 45.31 10.56 3.72
CA ALA D 55 46.79 10.54 3.90
C ALA D 55 47.33 11.95 3.93
N ARG D 56 46.93 12.78 2.97
CA ARG D 56 47.36 14.17 2.97
C ARG D 56 46.96 14.89 4.25
N LEU D 57 45.76 14.61 4.76
CA LEU D 57 45.27 15.32 5.93
C LEU D 57 45.94 14.80 7.22
N VAL D 58 46.19 13.49 7.31
CA VAL D 58 46.86 12.93 8.48
C VAL D 58 48.29 13.45 8.54
N ALA D 59 48.96 13.51 7.38
CA ALA D 59 50.28 14.13 7.27
C ALA D 59 50.24 15.55 7.84
N ALA D 60 49.20 16.32 7.50
CA ALA D 60 49.02 17.67 8.05
C ALA D 60 48.93 17.68 9.58
N ALA D 61 48.22 16.70 10.14
CA ALA D 61 48.08 16.60 11.59
C ALA D 61 49.44 16.38 12.22
N PHE D 62 50.11 15.30 11.83
CA PHE D 62 51.47 15.03 12.33
C PHE D 62 52.42 16.21 12.11
N ALA D 63 52.32 16.87 10.95
CA ALA D 63 53.20 17.97 10.63
C ALA D 63 52.90 19.21 11.46
N MET D 64 51.94 19.10 12.36
CA MET D 64 51.63 20.18 13.30
C MET D 64 51.69 19.74 14.76
N GLY D 65 52.21 18.54 15.00
CA GLY D 65 52.30 18.01 16.34
C GLY D 65 50.96 17.64 16.95
N PHE D 66 49.99 17.30 16.12
CA PHE D 66 48.67 16.84 16.59
C PHE D 66 48.72 15.31 16.89
N PRO D 67 48.37 14.91 18.13
CA PRO D 67 48.19 13.49 18.41
C PRO D 67 47.02 12.92 17.60
N VAL D 68 47.35 11.95 16.74
CA VAL D 68 46.38 11.29 15.92
C VAL D 68 46.03 9.99 16.60
N ARG D 69 44.77 9.84 16.95
CA ARG D 69 44.33 8.72 17.76
C ARG D 69 43.17 7.99 17.08
N GLU D 70 43.12 6.67 17.27
CA GLU D 70 41.98 5.88 16.84
C GLU D 70 40.85 6.10 17.81
N PRO D 71 39.63 6.22 17.28
CA PRO D 71 38.45 6.43 18.11
C PRO D 71 37.96 5.15 18.79
N ASP D 72 37.45 5.28 20.00
CA ASP D 72 36.65 4.22 20.64
C ASP D 72 35.41 3.91 19.81
N ASP D 73 34.89 2.71 20.00
CA ASP D 73 33.67 2.29 19.37
C ASP D 73 32.51 2.73 20.27
N PHE D 74 31.75 3.72 19.80
CA PHE D 74 30.60 4.25 20.54
C PHE D 74 29.33 3.50 20.19
N GLY D 75 29.44 2.46 19.37
CA GLY D 75 28.31 1.69 18.88
C GLY D 75 27.41 2.38 17.86
N ILE D 76 26.29 1.72 17.58
CA ILE D 76 25.36 2.10 16.53
C ILE D 76 24.25 3.06 17.01
N ALA D 77 23.90 3.01 18.31
CA ALA D 77 22.82 3.88 18.86
C ALA D 77 22.95 5.37 18.51
N PRO D 78 24.16 5.94 18.65
CA PRO D 78 24.33 7.37 18.33
C PRO D 78 24.16 7.65 16.84
N ILE D 79 24.48 6.67 16.00
CA ILE D 79 24.27 6.79 14.56
C ILE D 79 22.77 6.63 14.28
N ALA D 80 22.11 5.74 15.02
CA ALA D 80 20.65 5.51 14.88
C ALA D 80 19.83 6.64 15.57
N ALA D 81 20.51 7.50 16.31
CA ALA D 81 19.93 8.66 16.93
C ALA D 81 19.50 9.67 15.88
N VAL D 82 20.06 9.55 14.69
CA VAL D 82 19.88 10.49 13.59
C VAL D 82 19.38 9.76 12.30
N HIS D 83 19.88 8.56 12.02
CA HIS D 83 19.51 7.83 10.80
C HIS D 83 18.46 6.75 11.05
N ASP D 84 17.59 6.56 10.05
CA ASP D 84 16.60 5.51 9.99
C ASP D 84 17.28 4.13 10.03
N THR D 85 16.80 3.23 10.88
CA THR D 85 17.39 1.91 10.98
C THR D 85 17.12 1.10 9.71
N HIS D 86 16.02 1.33 8.96
CA HIS D 86 15.89 0.69 7.63
C HIS D 86 17.11 1.04 6.77
N TYR D 87 17.47 2.33 6.78
CA TYR D 87 18.60 2.81 5.99
C TYR D 87 19.93 2.17 6.43
N LEU D 88 20.15 2.08 7.73
CA LEU D 88 21.38 1.55 8.24
C LEU D 88 21.50 0.06 7.94
N ARG D 89 20.42 -0.72 8.09
CA ARG D 89 20.49 -2.13 7.72
C ARG D 89 20.82 -2.23 6.22
N PHE D 90 20.13 -1.45 5.39
CA PHE D 90 20.43 -1.43 3.94
C PHE D 90 21.90 -1.19 3.69
N LEU D 91 22.42 -0.16 4.32
CA LEU D 91 23.81 0.22 4.09
C LEU D 91 24.75 -0.94 4.46
N GLU D 92 24.45 -1.66 5.54
CA GLU D 92 25.29 -2.76 6.02
C GLU D 92 25.24 -4.01 5.11
N THR D 93 24.14 -4.20 4.41
CA THR D 93 23.88 -5.44 3.69
C THR D 93 23.80 -5.31 2.16
N VAL D 94 23.78 -4.08 1.62
CA VAL D 94 23.51 -3.92 0.20
C VAL D 94 24.67 -4.44 -0.65
N HIS D 95 25.91 -4.27 -0.21
CA HIS D 95 26.99 -4.78 -1.02
C HIS D 95 26.84 -6.29 -1.22
N ARG D 96 26.53 -7.05 -0.17
CA ARG D 96 26.43 -8.50 -0.36
C ARG D 96 25.14 -8.90 -1.12
N GLU D 97 24.03 -8.17 -0.93
CA GLU D 97 22.84 -8.43 -1.72
C GLU D 97 23.08 -8.13 -3.22
N TRP D 98 23.94 -7.16 -3.51
CA TRP D 98 24.29 -6.81 -4.89
C TRP D 98 25.27 -7.81 -5.55
N LYS D 99 26.11 -8.50 -4.77
CA LYS D 99 27.00 -9.54 -5.32
C LYS D 99 26.22 -10.79 -5.77
N ALA D 100 25.08 -11.02 -5.14
CA ALA D 100 24.14 -12.11 -5.48
C ALA D 100 23.42 -11.95 -6.84
N MET D 101 23.27 -10.70 -7.29
CA MET D 101 22.72 -10.41 -8.64
C MET D 101 23.82 -10.70 -9.66
N PRO D 102 23.49 -10.67 -10.97
CA PRO D 102 24.48 -11.07 -11.98
C PRO D 102 25.78 -10.26 -11.92
N GLU D 103 26.89 -10.83 -12.39
CA GLU D 103 28.14 -10.07 -12.52
C GLU D 103 27.88 -8.87 -13.44
N ASP D 104 26.75 -8.91 -14.15
CA ASP D 104 26.35 -7.88 -15.09
C ASP D 104 25.92 -6.58 -14.41
N TRP D 105 25.52 -6.64 -13.15
CA TRP D 105 25.17 -5.43 -12.38
C TRP D 105 26.38 -4.70 -11.80
N GLY D 106 27.57 -5.27 -11.94
CA GLY D 106 28.76 -4.63 -11.42
C GLY D 106 28.97 -4.92 -9.94
N ASP D 107 30.01 -4.30 -9.39
CA ASP D 107 30.48 -4.60 -8.04
C ASP D 107 29.99 -3.59 -6.97
N GLU D 108 29.44 -2.46 -7.42
CA GLU D 108 29.04 -1.36 -6.55
C GLU D 108 27.54 -1.13 -6.65
N ALA D 109 26.80 -1.24 -5.56
CA ALA D 109 25.40 -0.87 -5.62
C ALA D 109 25.29 0.61 -6.01
N MET D 110 24.47 0.85 -7.02
CA MET D 110 24.06 2.19 -7.39
C MET D 110 22.60 2.10 -7.77
N SER D 111 21.88 3.21 -7.69
CA SER D 111 20.49 3.24 -8.12
C SER D 111 20.37 3.64 -9.60
N ASN D 112 19.41 3.05 -10.31
CA ASN D 112 18.99 3.58 -11.62
C ASN D 112 17.48 3.79 -11.75
N ILE D 113 16.74 3.65 -10.64
CA ILE D 113 15.30 3.99 -10.55
C ILE D 113 15.18 5.01 -9.46
N PHE D 114 14.73 6.19 -9.82
CA PHE D 114 14.83 7.34 -8.92
C PHE D 114 13.48 7.62 -8.25
N VAL D 115 12.98 6.60 -7.56
CA VAL D 115 11.67 6.63 -6.90
C VAL D 115 11.83 6.14 -5.48
N ARG D 116 11.61 7.03 -4.52
CA ARG D 116 11.56 6.67 -3.10
C ARG D 116 10.12 6.26 -2.74
N GLU D 117 9.15 6.88 -3.42
CA GLU D 117 7.71 6.69 -3.11
C GLU D 117 6.88 6.92 -4.37
N PRO D 118 5.87 6.08 -4.60
CA PRO D 118 5.62 4.82 -3.87
C PRO D 118 6.62 3.76 -4.30
N ASN D 119 6.94 2.84 -3.40
CA ASN D 119 8.01 1.88 -3.62
C ASN D 119 7.75 0.72 -2.68
N ALA D 120 7.47 -0.45 -3.24
CA ALA D 120 7.07 -1.62 -2.46
C ALA D 120 8.23 -2.22 -1.64
N LEU D 121 9.43 -1.68 -1.83
CA LEU D 121 10.69 -2.17 -1.24
C LEU D 121 10.94 -3.67 -1.30
N ARG D 122 10.52 -4.32 -2.39
CA ARG D 122 10.82 -5.75 -2.59
C ARG D 122 11.97 -5.93 -3.59
N GLY D 123 13.11 -6.37 -3.09
CA GLY D 123 14.29 -6.59 -3.93
C GLY D 123 15.30 -5.48 -3.76
N VAL D 124 16.55 -5.80 -4.00
CA VAL D 124 17.64 -4.90 -3.71
C VAL D 124 17.63 -3.67 -4.64
N LEU D 125 17.04 -3.82 -5.82
CA LEU D 125 17.01 -2.73 -6.79
C LEU D 125 16.08 -1.64 -6.28
N ALA D 126 14.91 -2.04 -5.72
CA ALA D 126 13.98 -1.08 -5.10
C ALA D 126 14.53 -0.46 -3.81
N GLN D 127 15.33 -1.22 -3.06
CA GLN D 127 15.98 -0.72 -1.82
C GLN D 127 16.99 0.36 -2.22
N ALA D 128 17.81 0.06 -3.23
CA ALA D 128 18.69 1.09 -3.81
C ALA D 128 17.90 2.33 -4.28
N ALA D 129 16.80 2.12 -4.98
CA ALA D 129 15.96 3.25 -5.43
C ALA D 129 15.59 4.18 -4.27
N ARG D 130 15.36 3.58 -3.12
CA ARG D 130 14.89 4.33 -1.95
C ARG D 130 16.05 4.99 -1.20
N HIS D 131 17.16 4.27 -1.04
CA HIS D 131 18.22 4.68 -0.13
C HIS D 131 19.48 5.32 -0.76
N LEU D 132 19.56 5.38 -2.08
CA LEU D 132 20.68 6.05 -2.73
C LEU D 132 20.13 7.25 -3.52
N ALA D 133 20.36 8.47 -3.03
CA ALA D 133 19.62 9.66 -3.51
C ALA D 133 20.21 10.29 -4.77
N ASP D 134 21.35 9.84 -5.23
CA ASP D 134 21.97 10.37 -6.44
C ASP D 134 23.07 9.39 -6.96
N GLY D 135 23.77 9.81 -8.01
CA GLY D 135 24.73 8.97 -8.67
C GLY D 135 26.14 9.07 -8.11
N SER D 136 26.28 9.77 -6.98
CA SER D 136 27.56 10.00 -6.32
C SER D 136 27.75 9.19 -5.01
N CYS D 137 26.94 8.15 -4.80
CA CYS D 137 27.05 7.36 -3.56
C CYS D 137 27.16 5.84 -3.77
N PRO D 138 28.07 5.41 -4.65
CA PRO D 138 28.28 3.98 -4.88
C PRO D 138 28.61 3.26 -3.57
N VAL D 139 27.97 2.10 -3.34
CA VAL D 139 28.27 1.25 -2.18
C VAL D 139 29.10 0.01 -2.54
N GLY D 140 30.39 0.09 -2.22
CA GLY D 140 31.32 -1.01 -2.42
C GLY D 140 31.57 -1.90 -1.21
N GLU D 141 32.53 -2.80 -1.36
CA GLU D 141 32.84 -3.80 -0.36
C GLU D 141 33.15 -3.23 1.05
N HIS D 142 34.00 -2.21 1.14
CA HIS D 142 34.41 -1.72 2.45
C HIS D 142 33.70 -0.41 2.80
N THR D 143 32.58 -0.10 2.14
CA THR D 143 31.91 1.22 2.34
C THR D 143 31.25 1.34 3.71
N TRP D 144 30.49 0.32 4.08
CA TRP D 144 29.79 0.33 5.36
C TRP D 144 30.81 0.55 6.46
N ARG D 145 31.83 -0.27 6.42
CA ARG D 145 32.82 -0.36 7.45
C ARG D 145 33.59 0.93 7.60
N ALA D 146 33.98 1.51 6.46
CA ALA D 146 34.65 2.80 6.45
C ALA D 146 33.73 3.89 7.00
N ALA D 147 32.47 3.91 6.54
CA ALA D 147 31.51 4.96 6.95
C ALA D 147 31.22 4.92 8.44
N TYR D 148 30.96 3.71 8.93
CA TYR D 148 30.79 3.42 10.34
C TYR D 148 31.91 4.03 11.14
N TRP D 149 33.17 3.72 10.77
CA TRP D 149 34.31 4.21 11.56
C TRP D 149 34.56 5.70 11.38
N SER D 150 34.22 6.23 10.22
CA SER D 150 34.21 7.69 10.02
C SER D 150 33.26 8.37 11.03
N ALA D 151 32.03 7.86 11.14
CA ALA D 151 31.12 8.33 12.20
C ALA D 151 31.74 8.21 13.63
N GLN D 152 32.50 7.16 13.91
CA GLN D 152 33.06 7.03 15.26
C GLN D 152 34.10 8.13 15.55
N SER D 153 34.88 8.46 14.52
CA SER D 153 35.81 9.55 14.66
C SER D 153 35.12 10.88 15.04
N ALA D 154 33.99 11.20 14.42
CA ALA D 154 33.22 12.40 14.82
C ALA D 154 32.74 12.29 16.29
N LEU D 155 32.27 11.11 16.67
CA LEU D 155 31.79 10.87 18.05
C LEU D 155 32.94 11.02 19.09
N ALA D 156 34.09 10.53 18.74
CA ALA D 156 35.29 10.61 19.60
C ALA D 156 35.64 12.08 19.82
N ALA D 157 35.64 12.88 18.75
CA ALA D 157 35.93 14.32 18.85
C ALA D 157 34.88 15.01 19.68
N ALA D 158 33.63 14.64 19.45
CA ALA D 158 32.54 15.08 20.31
C ALA D 158 32.80 14.74 21.80
N ALA D 159 33.22 13.51 22.09
CA ALA D 159 33.38 13.05 23.48
C ALA D 159 34.48 13.84 24.16
N ALA D 160 35.57 14.06 23.42
CA ALA D 160 36.71 14.79 23.93
C ALA D 160 36.38 16.24 24.31
N VAL D 161 35.63 16.93 23.45
CA VAL D 161 35.12 18.30 23.73
C VAL D 161 34.13 18.27 24.89
N ARG D 162 33.20 17.30 24.90
CA ARG D 162 32.38 17.10 26.11
C ARG D 162 33.22 17.09 27.41
N ASP D 163 34.34 16.38 27.39
CA ASP D 163 35.11 16.13 28.63
C ASP D 163 36.21 17.19 28.93
N GLY D 164 36.19 18.33 28.24
CA GLY D 164 37.07 19.47 28.57
C GLY D 164 37.99 20.00 27.47
N ALA D 165 38.19 19.25 26.39
CA ALA D 165 39.05 19.70 25.30
C ALA D 165 38.38 20.93 24.66
N PRO D 166 39.14 22.02 24.44
CA PRO D 166 38.52 23.21 23.88
C PRO D 166 38.16 23.00 22.40
N ALA D 167 38.85 22.08 21.76
CA ALA D 167 38.60 21.68 20.38
C ALA D 167 39.16 20.29 20.08
N ALA D 168 38.57 19.61 19.10
CA ALA D 168 39.04 18.34 18.62
C ALA D 168 38.66 18.25 17.15
N TYR D 169 39.45 17.51 16.39
CA TYR D 169 39.30 17.40 14.93
C TYR D 169 38.97 15.97 14.58
N ALA D 170 37.79 15.80 13.97
CA ALA D 170 37.32 14.52 13.49
C ALA D 170 37.72 14.46 12.04
N LEU D 171 38.80 13.73 11.75
CA LEU D 171 39.27 13.60 10.39
C LEU D 171 38.32 12.55 9.73
N CYS D 172 37.10 12.96 9.43
CA CYS D 172 36.12 12.08 8.81
C CYS D 172 36.43 11.88 7.34
N ARG D 173 36.17 10.66 6.89
CA ARG D 173 36.37 10.26 5.54
C ARG D 173 35.84 8.83 5.48
N PRO D 174 34.81 8.62 4.67
CA PRO D 174 34.11 9.52 3.76
C PRO D 174 33.35 10.65 4.45
N PRO D 175 33.05 11.73 3.73
CA PRO D 175 32.34 12.86 4.32
C PRO D 175 30.92 12.53 4.67
N GLY D 176 30.23 13.51 5.25
CA GLY D 176 28.93 13.24 5.85
C GLY D 176 27.75 14.10 5.50
N HIS D 177 27.97 15.34 5.12
CA HIS D 177 26.88 16.32 5.17
C HIS D 177 25.70 16.19 4.18
N HIS D 178 25.87 15.40 3.13
CA HIS D 178 24.77 15.14 2.19
C HIS D 178 23.99 13.88 2.55
N ALA D 179 24.42 13.16 3.60
CA ALA D 179 23.68 11.96 4.00
C ALA D 179 22.39 12.40 4.66
N ARG D 180 21.26 11.98 4.09
CA ARG D 180 19.94 12.28 4.65
C ARG D 180 19.54 11.27 5.75
N VAL D 181 18.42 11.53 6.43
CA VAL D 181 17.91 10.59 7.44
C VAL D 181 17.92 9.15 6.92
N ASP D 182 17.52 8.99 5.65
CA ASP D 182 17.16 7.71 5.07
C ASP D 182 17.86 7.42 3.73
N ALA D 183 18.92 8.16 3.41
CA ALA D 183 19.52 8.02 2.09
C ALA D 183 20.93 8.60 2.03
N ALA D 184 21.80 7.86 1.33
CA ALA D 184 23.13 8.32 1.01
C ALA D 184 23.09 9.38 -0.11
N GLY D 185 24.15 10.15 -0.27
CA GLY D 185 24.31 11.01 -1.45
C GLY D 185 25.59 11.80 -1.47
N GLY D 186 26.01 12.20 -2.65
CA GLY D 186 27.18 13.09 -2.77
C GLY D 186 28.42 12.68 -1.98
N PHE D 187 28.89 11.45 -2.21
CA PHE D 187 30.03 10.87 -1.52
C PHE D 187 29.82 10.58 -0.02
N CYS D 188 28.62 10.81 0.51
CA CYS D 188 28.38 10.72 1.97
C CYS D 188 27.43 9.57 2.28
N TYR D 189 27.66 8.88 3.38
CA TYR D 189 26.84 7.71 3.73
C TYR D 189 26.19 7.87 5.09
N LEU D 190 26.94 8.42 6.04
CA LEU D 190 26.44 8.68 7.42
C LEU D 190 26.74 10.11 7.77
N ASN D 191 25.76 10.83 8.37
CA ASN D 191 25.93 12.27 8.56
C ASN D 191 26.79 12.56 9.80
N ASN D 192 28.10 12.43 9.64
CA ASN D 192 29.08 12.65 10.73
C ASN D 192 28.78 13.89 11.57
N ALA D 193 28.65 15.03 10.91
CA ALA D 193 28.39 16.28 11.61
C ALA D 193 27.07 16.28 12.44
N ALA D 194 26.00 15.81 11.80
CA ALA D 194 24.74 15.67 12.53
C ALA D 194 24.82 14.71 13.74
N ILE D 195 25.55 13.61 13.58
CA ILE D 195 25.66 12.61 14.63
C ILE D 195 26.39 13.27 15.83
N ALA D 196 27.49 13.99 15.56
CA ALA D 196 28.19 14.79 16.58
C ALA D 196 27.30 15.85 17.25
N ALA D 197 26.57 16.62 16.46
CA ALA D 197 25.67 17.63 17.02
C ALA D 197 24.71 16.99 18.00
N GLN D 198 24.07 15.90 17.56
CA GLN D 198 23.12 15.22 18.40
C GLN D 198 23.79 14.62 19.64
N ALA D 199 25.01 14.08 19.55
CA ALA D 199 25.69 13.57 20.78
C ALA D 199 26.01 14.69 21.75
N LEU D 200 26.39 15.87 21.23
CA LEU D 200 26.70 17.03 22.10
C LEU D 200 25.52 17.56 22.90
N ARG D 201 24.30 17.40 22.37
CA ARG D 201 23.11 17.87 23.04
C ARG D 201 22.84 17.18 24.37
N ALA D 202 23.50 16.04 24.63
CA ALA D 202 23.35 15.41 25.94
C ALA D 202 23.79 16.38 27.03
N ARG D 203 24.85 17.14 26.82
CA ARG D 203 25.27 18.09 27.87
C ARG D 203 25.26 19.60 27.51
N HIS D 204 24.81 19.98 26.31
CA HIS D 204 24.75 21.38 25.86
C HIS D 204 23.35 21.78 25.38
N ALA D 205 22.76 22.77 26.03
CA ALA D 205 21.40 23.22 25.73
C ALA D 205 21.23 23.53 24.24
N ARG D 206 22.26 24.12 23.64
CA ARG D 206 22.19 24.67 22.30
C ARG D 206 23.47 24.42 21.55
N VAL D 207 23.35 23.78 20.39
CA VAL D 207 24.48 23.44 19.54
C VAL D 207 24.26 24.08 18.17
N ALA D 208 25.30 24.67 17.61
CA ALA D 208 25.22 25.25 16.28
C ALA D 208 26.10 24.41 15.35
N VAL D 209 25.62 24.19 14.12
CA VAL D 209 26.43 23.59 13.09
C VAL D 209 26.66 24.63 12.01
N LEU D 210 27.94 24.93 11.74
CA LEU D 210 28.30 25.84 10.66
C LEU D 210 29.05 25.05 9.60
N ASP D 211 28.54 25.09 8.37
CA ASP D 211 29.08 24.29 7.29
C ASP D 211 29.61 25.23 6.20
N THR D 212 30.94 25.28 6.06
CA THR D 212 31.65 26.16 5.12
C THR D 212 32.17 25.39 3.89
N ASP D 213 31.82 24.11 3.81
CA ASP D 213 32.07 23.32 2.58
C ASP D 213 31.45 24.02 1.38
N MET D 214 32.02 23.84 0.19
CA MET D 214 31.52 24.48 -1.02
C MET D 214 30.04 24.19 -1.34
N HIS D 215 29.58 22.99 -0.95
CA HIS D 215 28.18 22.57 -1.26
C HIS D 215 27.28 22.63 -0.05
N HIS D 216 26.00 22.89 -0.29
CA HIS D 216 24.99 22.94 0.77
C HIS D 216 24.83 21.55 1.42
N GLY D 217 24.89 21.49 2.75
CA GLY D 217 24.75 20.25 3.50
C GLY D 217 23.31 19.82 3.70
N GLN D 218 22.68 19.39 2.61
CA GLN D 218 21.26 19.14 2.67
C GLN D 218 20.84 18.10 3.68
N GLY D 219 21.71 17.16 4.01
CA GLY D 219 21.38 16.17 5.02
C GLY D 219 21.24 16.76 6.39
N ILE D 220 22.18 17.67 6.75
CA ILE D 220 22.12 18.34 8.03
C ILE D 220 20.88 19.21 8.11
N GLN D 221 20.57 19.97 7.07
CA GLN D 221 19.33 20.78 7.03
C GLN D 221 18.10 19.91 7.35
N GLU D 222 17.93 18.83 6.59
CA GLU D 222 16.83 17.90 6.79
C GLU D 222 16.66 17.42 8.23
N ILE D 223 17.74 16.85 8.74
CA ILE D 223 17.71 16.21 10.04
C ILE D 223 17.13 17.20 11.10
N PHE D 224 17.59 18.45 11.08
CA PHE D 224 17.27 19.44 12.15
C PHE D 224 16.20 20.48 11.75
N TYR D 225 15.49 20.26 10.66
CA TYR D 225 14.73 21.33 9.99
C TYR D 225 13.66 21.92 10.88
N ALA D 226 13.03 21.06 11.68
CA ALA D 226 11.90 21.46 12.54
C ALA D 226 12.33 21.81 13.97
N ARG D 227 13.64 21.83 14.22
CA ARG D 227 14.18 22.02 15.56
C ARG D 227 14.90 23.36 15.74
N ARG D 228 14.85 23.87 16.97
CA ARG D 228 15.58 25.09 17.32
C ARG D 228 16.65 24.87 18.36
N ASP D 229 16.83 23.65 18.85
CA ASP D 229 17.95 23.37 19.74
C ASP D 229 19.22 23.18 18.98
N VAL D 230 19.11 22.92 17.68
CA VAL D 230 20.29 22.82 16.84
C VAL D 230 20.19 23.79 15.66
N LEU D 231 21.00 24.84 15.73
CA LEU D 231 21.12 25.82 14.63
C LEU D 231 21.91 25.21 13.48
N TYR D 232 21.38 25.35 12.26
CA TYR D 232 22.13 25.05 11.00
C TYR D 232 22.37 26.32 10.15
N VAL D 233 23.64 26.65 9.93
CA VAL D 233 24.04 27.72 9.05
C VAL D 233 24.98 27.19 7.96
N SER D 234 24.61 27.43 6.70
CA SER D 234 25.43 26.97 5.58
C SER D 234 25.83 28.04 4.57
N ILE D 235 27.12 28.07 4.26
CA ILE D 235 27.67 28.93 3.21
C ILE D 235 28.07 28.04 2.05
N HIS D 236 27.61 28.38 0.86
CA HIS D 236 27.81 27.52 -0.30
C HIS D 236 27.52 28.19 -1.61
N GLY D 237 27.90 27.52 -2.70
CA GLY D 237 27.62 28.02 -4.06
C GLY D 237 26.14 27.86 -4.37
N ASP D 238 25.58 28.84 -5.06
CA ASP D 238 24.19 28.84 -5.48
C ASP D 238 23.82 27.48 -6.06
N PRO D 239 22.79 26.78 -5.49
CA PRO D 239 22.51 25.42 -5.96
C PRO D 239 21.84 25.30 -7.34
N THR D 240 21.40 26.42 -7.93
CA THR D 240 21.00 26.45 -9.33
C THR D 240 22.04 25.73 -10.20
N ASN D 241 21.69 24.56 -10.70
CA ASN D 241 22.60 23.72 -11.50
C ASN D 241 23.91 23.38 -10.84
N PHE D 242 23.89 23.29 -9.53
CA PHE D 242 25.10 23.03 -8.79
C PHE D 242 24.71 22.21 -7.60
N TYR D 243 25.44 21.11 -7.38
CA TYR D 243 25.10 20.13 -6.35
C TYR D 243 25.00 20.81 -4.99
N PRO D 244 23.93 20.52 -4.24
CA PRO D 244 22.92 19.49 -4.41
C PRO D 244 21.71 19.77 -5.28
N ALA D 245 21.69 20.91 -5.97
CA ALA D 245 20.70 21.21 -7.03
C ALA D 245 19.27 21.56 -6.61
N VAL D 246 18.71 20.77 -5.67
CA VAL D 246 17.30 20.85 -5.34
C VAL D 246 17.00 21.52 -4.00
N ALA D 247 18.03 21.91 -3.26
CA ALA D 247 17.94 22.45 -1.90
C ALA D 247 19.13 23.39 -1.72
N GLY D 248 19.08 24.20 -0.66
CA GLY D 248 20.12 25.19 -0.37
C GLY D 248 19.81 26.65 -0.70
N PHE D 249 18.57 26.95 -1.06
CA PHE D 249 18.17 28.33 -1.38
C PHE D 249 17.78 29.12 -0.09
N ASP D 250 17.98 30.45 -0.11
CA ASP D 250 17.74 31.26 1.11
C ASP D 250 16.31 31.32 1.65
N ASP D 251 15.31 30.90 0.88
CA ASP D 251 13.94 30.81 1.39
C ASP D 251 13.65 29.58 2.30
N GLU D 252 14.64 28.69 2.43
CA GLU D 252 14.51 27.49 3.24
C GLU D 252 14.97 27.84 4.65
N ARG D 253 14.04 28.21 5.52
CA ARG D 253 14.41 28.81 6.78
C ARG D 253 13.97 27.98 7.97
N GLY D 254 13.46 26.77 7.70
CA GLY D 254 13.00 25.85 8.75
C GLY D 254 11.50 25.69 8.82
N ALA D 255 11.06 24.75 9.67
CA ALA D 255 9.63 24.45 9.90
C ALA D 255 9.26 24.45 11.39
N GLY D 256 8.00 24.75 11.69
CA GLY D 256 7.48 24.72 13.06
C GLY D 256 8.30 25.58 13.98
N GLU D 257 8.53 25.14 15.20
CA GLU D 257 9.45 25.87 16.11
C GLU D 257 10.89 26.12 15.55
N GLY D 258 11.32 25.33 14.57
CA GLY D 258 12.61 25.51 13.94
C GLY D 258 12.66 26.62 12.89
N LEU D 259 11.54 27.29 12.68
CA LEU D 259 11.46 28.43 11.75
C LEU D 259 12.41 29.58 12.24
N GLY D 260 13.40 29.94 11.41
CA GLY D 260 14.44 30.90 11.82
C GLY D 260 15.76 30.25 12.22
N TYR D 261 15.76 28.92 12.38
CA TYR D 261 16.98 28.18 12.82
C TYR D 261 17.72 27.42 11.74
N ASN D 262 17.35 27.73 10.51
CA ASN D 262 18.04 27.20 9.35
C ASN D 262 18.37 28.38 8.44
N VAL D 263 19.67 28.60 8.22
CA VAL D 263 20.14 29.79 7.50
C VAL D 263 21.06 29.36 6.33
N ASN D 264 20.52 29.40 5.11
CA ASN D 264 21.33 29.21 3.92
C ASN D 264 21.88 30.55 3.37
N LEU D 265 23.16 30.53 3.01
CA LEU D 265 23.93 31.68 2.56
C LEU D 265 24.63 31.34 1.26
N PRO D 266 23.85 31.19 0.17
CA PRO D 266 24.45 30.88 -1.13
C PRO D 266 25.24 32.05 -1.72
N MET D 267 26.22 31.75 -2.59
CA MET D 267 27.06 32.75 -3.28
C MET D 267 26.97 32.50 -4.79
N PRO D 268 26.99 33.57 -5.61
CA PRO D 268 26.93 33.33 -7.05
C PRO D 268 28.07 32.46 -7.52
N HIS D 269 27.87 31.69 -8.58
CA HIS D 269 29.00 30.95 -9.17
C HIS D 269 30.08 31.94 -9.61
N GLY D 270 31.34 31.60 -9.30
CA GLY D 270 32.48 32.47 -9.62
C GLY D 270 32.62 33.74 -8.76
N SER D 271 32.27 33.60 -7.48
CA SER D 271 32.39 34.67 -6.49
C SER D 271 33.83 34.85 -6.06
N SER D 272 34.15 36.07 -5.62
CA SER D 272 35.49 36.39 -5.07
C SER D 272 35.70 35.85 -3.65
N GLU D 273 36.95 35.83 -3.19
CA GLU D 273 37.29 35.59 -1.80
C GLU D 273 36.63 36.61 -0.86
N ALA D 274 36.53 37.87 -1.29
CA ALA D 274 35.79 38.87 -0.52
C ALA D 274 34.31 38.53 -0.38
N ALA D 275 33.65 38.05 -1.43
CA ALA D 275 32.24 37.64 -1.33
C ALA D 275 32.06 36.58 -0.23
N PHE D 276 33.01 35.66 -0.16
CA PHE D 276 33.01 34.58 0.83
C PHE D 276 33.08 35.12 2.26
N PHE D 277 34.11 35.90 2.55
CA PHE D 277 34.22 36.50 3.87
C PHE D 277 33.07 37.47 4.20
N GLU D 278 32.37 38.03 3.19
CA GLU D 278 31.10 38.73 3.51
C GLU D 278 30.05 37.76 4.05
N ARG D 279 30.03 36.55 3.49
CA ARG D 279 29.11 35.50 3.94
C ARG D 279 29.51 34.96 5.28
N VAL D 280 30.80 34.81 5.52
CA VAL D 280 31.24 34.42 6.87
C VAL D 280 30.74 35.42 7.94
N ASP D 281 30.90 36.73 7.64
CA ASP D 281 30.44 37.78 8.53
C ASP D 281 28.94 37.57 8.84
N ASP D 282 28.15 37.25 7.80
CA ASP D 282 26.74 36.93 8.01
C ASP D 282 26.64 35.70 8.93
N ALA D 283 27.39 34.65 8.62
CA ALA D 283 27.34 33.43 9.43
C ALA D 283 27.60 33.76 10.89
N LEU D 284 28.63 34.58 11.12
CA LEU D 284 29.05 34.92 12.48
C LEU D 284 28.03 35.76 13.25
N ARG D 285 27.32 36.67 12.56
CA ARG D 285 26.23 37.38 13.21
C ARG D 285 25.12 36.41 13.64
N GLU D 286 24.83 35.40 12.81
CA GLU D 286 23.78 34.42 13.16
C GLU D 286 24.19 33.61 14.35
N LEU D 287 25.46 33.18 14.41
CA LEU D 287 25.97 32.36 15.52
C LEU D 287 25.94 33.10 16.84
N ARG D 288 26.27 34.40 16.83
CA ARG D 288 26.34 35.21 18.05
C ARG D 288 24.93 35.50 18.56
N ARG D 289 24.00 35.73 17.66
CA ARG D 289 22.60 35.86 18.07
C ARG D 289 22.06 34.60 18.76
N PHE D 290 22.47 33.41 18.27
CA PHE D 290 21.98 32.15 18.78
C PHE D 290 22.58 31.79 20.13
N ALA D 291 23.85 32.14 20.29
CA ALA D 291 24.60 31.90 21.53
C ALA D 291 24.79 30.43 21.87
N PRO D 292 25.40 29.65 20.96
CA PRO D 292 25.61 28.22 21.13
C PRO D 292 26.49 27.86 22.31
N ASP D 293 26.20 26.73 22.95
CA ASP D 293 27.03 26.22 24.02
C ASP D 293 28.16 25.39 23.45
N ALA D 294 27.98 24.91 22.22
CA ALA D 294 29.03 24.19 21.50
C ALA D 294 28.84 24.34 19.99
N LEU D 295 29.93 24.19 19.25
CA LEU D 295 29.95 24.44 17.82
C LEU D 295 30.50 23.23 17.11
N VAL D 296 29.79 22.78 16.08
CA VAL D 296 30.30 21.79 15.15
C VAL D 296 30.60 22.53 13.85
N LEU D 297 31.85 22.45 13.41
CA LEU D 297 32.32 23.04 12.17
C LEU D 297 32.47 21.98 11.09
N SER D 298 31.59 22.06 10.10
CA SER D 298 31.68 21.19 8.95
C SER D 298 32.57 21.86 7.94
N LEU D 299 33.82 21.38 7.86
CA LEU D 299 34.92 22.07 7.17
C LEU D 299 35.30 21.39 5.85
N GLY D 300 35.08 22.08 4.74
CA GLY D 300 35.48 21.58 3.43
C GLY D 300 36.55 22.48 2.83
N PHE D 301 37.53 21.87 2.15
CA PHE D 301 38.61 22.65 1.51
C PHE D 301 38.28 22.92 0.04
N ASP D 302 37.20 22.34 -0.43
CA ASP D 302 36.79 22.53 -1.80
C ASP D 302 36.20 23.91 -2.12
N VAL D 303 36.29 24.88 -1.20
CA VAL D 303 36.17 26.31 -1.59
C VAL D 303 37.48 26.85 -2.19
N TYR D 304 38.55 26.08 -2.13
CA TYR D 304 39.85 26.50 -2.68
C TYR D 304 39.78 26.77 -4.21
N ARG D 305 40.36 27.93 -4.61
CA ARG D 305 40.39 28.43 -6.00
CA ARG D 305 40.34 28.42 -6.01
C ARG D 305 40.58 27.33 -7.05
N ASP D 306 41.51 26.41 -6.78
CA ASP D 306 41.90 25.40 -7.73
C ASP D 306 41.30 24.01 -7.46
N ASP D 307 40.35 23.91 -6.55
CA ASP D 307 39.61 22.68 -6.41
C ASP D 307 38.66 22.58 -7.61
N PRO D 308 38.62 21.41 -8.26
CA PRO D 308 37.76 21.30 -9.46
C PRO D 308 36.26 21.52 -9.15
N GLN D 309 35.86 21.26 -7.90
CA GLN D 309 34.50 21.52 -7.48
C GLN D 309 34.20 22.98 -7.11
N SER D 310 35.22 23.84 -7.05
CA SER D 310 35.07 25.21 -6.54
C SER D 310 34.30 26.19 -7.43
N GLN D 311 33.50 27.02 -6.77
CA GLN D 311 32.80 28.11 -7.39
C GLN D 311 33.10 29.43 -6.69
N VAL D 312 34.21 29.46 -5.97
CA VAL D 312 34.64 30.66 -5.23
C VAL D 312 36.18 30.69 -5.07
N ALA D 313 36.76 31.90 -5.11
CA ALA D 313 38.22 32.02 -5.22
C ALA D 313 38.92 32.15 -3.89
N VAL D 314 38.75 31.16 -3.01
CA VAL D 314 39.38 31.20 -1.68
C VAL D 314 40.84 30.73 -1.78
N THR D 315 41.72 31.46 -1.11
CA THR D 315 43.14 31.23 -1.20
C THR D 315 43.64 30.58 0.07
N THR D 316 44.86 30.08 0.01
CA THR D 316 45.48 29.41 1.16
C THR D 316 45.59 30.31 2.40
N ASP D 317 45.81 31.59 2.15
CA ASP D 317 45.76 32.58 3.21
C ASP D 317 44.34 32.74 3.73
N GLY D 318 43.37 32.72 2.82
CA GLY D 318 41.95 32.74 3.19
C GLY D 318 41.63 31.70 4.29
N PHE D 319 42.18 30.50 4.14
CA PHE D 319 41.93 29.45 5.12
C PHE D 319 42.41 29.86 6.51
N GLY D 320 43.62 30.41 6.59
CA GLY D 320 44.14 30.89 7.86
C GLY D 320 43.19 31.91 8.44
N ARG D 321 42.73 32.82 7.60
CA ARG D 321 41.77 33.82 8.00
C ARG D 321 40.45 33.19 8.48
N LEU D 322 39.91 32.22 7.75
CA LEU D 322 38.68 31.56 8.18
C LEU D 322 38.89 30.98 9.58
N GLY D 323 40.02 30.30 9.77
CA GLY D 323 40.37 29.73 11.08
C GLY D 323 40.36 30.78 12.18
N HIS D 324 41.04 31.87 11.94
CA HIS D 324 41.20 32.89 12.96
C HIS D 324 39.82 33.39 13.35
N LEU D 325 38.92 33.60 12.39
CA LEU D 325 37.60 34.12 12.73
C LEU D 325 36.82 33.11 13.60
N ILE D 326 36.97 31.82 13.34
CA ILE D 326 36.18 30.84 14.07
C ILE D 326 36.74 30.52 15.43
N GLY D 327 38.04 30.26 15.47
CA GLY D 327 38.75 30.11 16.75
C GLY D 327 38.52 31.29 17.69
N ALA D 328 38.40 32.51 17.15
CA ALA D 328 38.17 33.70 18.00
C ALA D 328 36.82 33.71 18.72
N LEU D 329 35.88 32.84 18.31
CA LEU D 329 34.60 32.71 19.01
C LEU D 329 34.79 32.15 20.41
N ARG D 330 35.85 31.37 20.58
CA ARG D 330 36.23 30.79 21.85
C ARG D 330 35.18 29.84 22.37
N LEU D 331 34.67 28.98 21.49
CA LEU D 331 33.62 28.02 21.83
C LEU D 331 34.22 26.64 21.90
N PRO D 332 33.61 25.72 22.68
CA PRO D 332 33.91 24.29 22.49
C PRO D 332 33.52 23.87 21.06
N THR D 333 34.49 23.37 20.31
CA THR D 333 34.39 23.26 18.86
C THR D 333 34.81 21.87 18.38
N VAL D 334 33.86 21.14 17.78
CA VAL D 334 34.19 19.93 17.07
C VAL D 334 34.31 20.25 15.57
N ILE D 335 35.50 20.03 15.01
CA ILE D 335 35.80 20.31 13.60
C ILE D 335 35.69 19.01 12.86
N VAL D 336 34.73 18.95 11.94
CA VAL D 336 34.42 17.73 11.23
C VAL D 336 34.78 17.90 9.76
N GLN D 337 35.66 17.03 9.26
CA GLN D 337 36.11 17.09 7.89
C GLN D 337 35.02 16.66 6.91
N GLU D 338 34.76 17.50 5.92
CA GLU D 338 33.84 17.21 4.84
C GLU D 338 34.64 17.17 3.54
N GLY D 339 34.32 18.01 2.55
CA GLY D 339 35.01 17.98 1.23
C GLY D 339 36.40 18.60 1.06
N GLY D 340 36.85 18.72 -0.20
CA GLY D 340 38.24 19.14 -0.56
C GLY D 340 39.03 18.03 -1.26
N TYR D 341 39.26 18.21 -2.56
CA TYR D 341 39.61 17.12 -3.49
C TYR D 341 40.88 17.37 -4.30
N HIS D 342 41.45 18.55 -4.12
CA HIS D 342 42.74 18.91 -4.71
C HIS D 342 43.83 18.29 -3.85
N ILE D 343 44.29 17.11 -4.26
CA ILE D 343 45.23 16.33 -3.45
C ILE D 343 46.47 17.13 -3.08
N GLU D 344 46.95 17.94 -4.02
CA GLU D 344 48.25 18.60 -3.84
C GLU D 344 48.21 19.84 -2.92
N SER D 345 47.01 20.34 -2.60
CA SER D 345 46.90 21.53 -1.75
C SER D 345 46.32 21.23 -0.36
N LEU D 346 45.70 20.08 -0.20
CA LEU D 346 45.12 19.67 1.07
C LEU D 346 46.03 19.96 2.26
N GLU D 347 47.31 19.58 2.17
CA GLU D 347 48.19 19.70 3.32
C GLU D 347 48.40 21.16 3.71
N ALA D 348 48.76 22.00 2.75
CA ALA D 348 49.03 23.42 3.05
C ALA D 348 47.76 24.13 3.48
N ASN D 349 46.64 23.70 2.93
CA ASN D 349 45.41 24.40 3.25
C ASN D 349 44.96 24.13 4.69
N ALA D 350 45.08 22.88 5.14
CA ALA D 350 44.75 22.49 6.51
C ALA D 350 45.69 23.15 7.53
N ARG D 351 47.00 23.02 7.28
CA ARG D 351 48.02 23.71 8.07
C ARG D 351 47.71 25.22 8.17
N SER D 352 47.23 25.82 7.07
CA SER D 352 46.88 27.25 7.14
C SER D 352 45.66 27.45 8.02
N PHE D 353 44.64 26.63 7.83
CA PHE D 353 43.44 26.70 8.65
C PHE D 353 43.75 26.56 10.14
N PHE D 354 44.45 25.50 10.51
CA PHE D 354 44.71 25.26 11.93
C PHE D 354 45.67 26.26 12.55
N GLY D 355 46.68 26.68 11.78
CA GLY D 355 47.54 27.79 12.19
C GLY D 355 46.72 29.02 12.56
N GLY D 356 45.73 29.34 11.74
CA GLY D 356 44.81 30.45 12.06
C GLY D 356 43.86 30.17 13.22
N PHE D 357 43.37 28.94 13.33
CA PHE D 357 42.48 28.53 14.44
C PHE D 357 43.13 28.69 15.84
N GLY D 358 44.43 28.38 15.96
CA GLY D 358 45.17 28.48 17.22
C GLY D 358 45.78 29.85 17.56
N ALA D 359 45.20 30.92 17.02
CA ALA D 359 45.79 32.27 17.12
C ALA D 359 45.07 33.16 18.15
ZN ZN E . -2.91 -4.62 23.21
S SO4 F . -5.72 -4.29 22.77
O1 SO4 F . -6.19 -5.37 21.95
O2 SO4 F . -4.93 -3.44 21.90
O3 SO4 F . -6.83 -3.54 23.37
O4 SO4 F . -4.96 -4.82 23.86
K K G . 1.25 -0.24 19.67
I IOD H . 8.77 -7.98 12.15
I IOD I . -22.55 -4.88 29.28
I IOD J . 11.16 15.35 21.45
I IOD K . -7.21 -12.19 16.69
I IOD L . -27.78 -13.83 9.32
I IOD M . -11.25 -12.15 21.74
I IOD N . -28.77 0.80 15.03
I IOD O . -5.12 2.87 7.29
I IOD P . -6.88 26.41 24.10
ZN ZN Q . -31.85 -19.34 0.95
S SO4 R . -28.90 -19.78 1.46
O1 SO4 R . -28.47 -19.25 2.75
O2 SO4 R . -29.21 -18.69 0.56
O3 SO4 R . -27.84 -20.62 0.93
O4 SO4 R . -30.04 -20.63 1.65
K K S . -33.61 -15.11 -4.30
S SO4 T . -29.72 -23.29 16.57
O1 SO4 T . -28.63 -23.87 15.78
O2 SO4 T . -30.05 -21.98 16.02
O3 SO4 T . -30.91 -24.14 16.50
O4 SO4 T . -29.19 -23.27 17.94
I IOD U . -39.96 -26.87 -23.97
I IOD V . -40.10 -5.24 1.05
I IOD W . -15.56 -30.61 6.17
I IOD X . -4.29 -19.14 2.49
I IOD Y . -39.52 -15.29 -22.01
I IOD Z . -25.78 -19.73 10.31
I IOD AA . -23.36 -5.33 -6.02
I IOD BA . -50.49 -17.70 -9.94
I IOD CA . -39.61 -31.92 -18.13
ZN ZN DA . 8.52 -4.15 -22.08
S SO4 EA . 9.53 -1.33 -21.96
O1 SO4 EA . 10.58 -1.50 -20.97
O2 SO4 EA . 8.21 -1.52 -21.38
O3 SO4 EA . 9.54 -0.03 -22.64
O4 SO4 EA . 9.75 -2.33 -22.97
K K FA . 2.46 -5.16 -19.10
I IOD GA . 4.94 -13.47 -9.19
I IOD HA . 17.93 12.33 -30.38
I IOD IA . 13.92 22.89 -18.41
I IOD JA . 16.39 -1.94 -14.68
I IOD KA . -15.66 -7.94 -22.71
I IOD LA . -15.49 -6.83 -34.64
I IOD MA . 18.76 0.71 -19.96
I IOD NA . 0.66 4.27 -8.42
ZN ZN OA . 31.72 20.07 -0.99
S SO4 PA . 30.79 17.23 -1.11
O1 SO4 PA . 30.38 16.74 -2.43
O2 SO4 PA . 29.74 18.07 -0.58
O3 SO4 PA . 31.15 16.11 -0.24
O4 SO4 PA . 32.05 17.98 -1.20
K K QA . 28.09 24.42 3.23
S SO4 RA . 36.04 13.33 -15.57
O1 SO4 RA . 37.37 13.43 -16.17
O2 SO4 RA . 35.07 13.10 -16.66
O3 SO4 RA . 36.08 12.19 -14.67
O4 SO4 RA . 35.67 14.54 -14.80
I IOD SA . 23.10 33.44 -5.00
I IOD TA . 26.03 17.20 -9.76
I IOD UA . 19.41 -4.65 0.75
I IOD VA . 29.15 33.02 19.38
I IOD WA . 35.07 -0.10 -1.77
I IOD XA . 14.53 19.90 4.18
I IOD YA . 39.35 28.74 23.72
I IOD ZA . 30.24 12.60 -9.30
I IOD AB . 28.02 16.46 25.47
#